data_2J5P
#
_entry.id   2J5P
#
_cell.length_a   1.000
_cell.length_b   1.000
_cell.length_c   1.000
_cell.angle_alpha   90.00
_cell.angle_beta   90.00
_cell.angle_gamma   90.00
#
_symmetry.space_group_name_H-M   'P 1'
#
_entity_poly.entity_id   1
_entity_poly.type   'polypeptide(L)'
_entity_poly.pdbx_seq_one_letter_code
;MHHHHHHGAEELDPLFDQAVQFVTEKRKASISGVQRQFRIGYNRAARIIEQMEAQGIVSEQGHNGNREVLAPPPFD
;
_entity_poly.pdbx_strand_id   A
#
# COMPACT_ATOMS: atom_id res chain seq x y z
N HIS A 7 -13.67 0.21 -12.46
CA HIS A 7 -12.68 -0.90 -12.59
C HIS A 7 -12.09 -1.28 -11.25
N GLY A 8 -11.11 -2.17 -11.26
CA GLY A 8 -10.47 -2.61 -10.04
C GLY A 8 -9.19 -3.37 -10.29
N ALA A 9 -9.26 -4.70 -10.24
CA ALA A 9 -8.10 -5.54 -10.45
C ALA A 9 -7.47 -5.28 -11.82
N GLU A 10 -8.26 -4.73 -12.74
CA GLU A 10 -7.78 -4.44 -14.09
C GLU A 10 -6.54 -3.56 -14.05
N GLU A 11 -6.50 -2.64 -13.10
CA GLU A 11 -5.35 -1.74 -12.95
C GLU A 11 -4.68 -1.94 -11.60
N LEU A 12 -5.48 -2.17 -10.57
CA LEU A 12 -4.95 -2.38 -9.23
C LEU A 12 -4.34 -3.76 -9.09
N ASP A 13 -3.49 -3.92 -8.08
CA ASP A 13 -2.83 -5.17 -7.81
C ASP A 13 -3.76 -6.14 -7.08
N PRO A 14 -3.69 -7.44 -7.37
CA PRO A 14 -4.54 -8.45 -6.74
C PRO A 14 -4.53 -8.36 -5.21
N LEU A 15 -3.44 -7.83 -4.66
CA LEU A 15 -3.30 -7.69 -3.22
C LEU A 15 -3.56 -6.26 -2.75
N PHE A 16 -3.81 -5.35 -3.70
CA PHE A 16 -4.04 -3.95 -3.37
C PHE A 16 -5.02 -3.78 -2.22
N ASP A 17 -6.20 -4.35 -2.37
CA ASP A 17 -7.23 -4.24 -1.34
C ASP A 17 -6.68 -4.65 0.02
N GLN A 18 -5.97 -5.76 0.05
CA GLN A 18 -5.38 -6.25 1.29
C GLN A 18 -4.28 -5.30 1.77
N ALA A 19 -3.53 -4.77 0.82
CA ALA A 19 -2.44 -3.84 1.11
C ALA A 19 -3.00 -2.55 1.71
N VAL A 20 -4.12 -2.08 1.16
CA VAL A 20 -4.75 -0.87 1.67
C VAL A 20 -5.18 -1.09 3.11
N GLN A 21 -5.84 -2.23 3.35
CA GLN A 21 -6.29 -2.57 4.69
C GLN A 21 -5.08 -2.75 5.61
N PHE A 22 -4.00 -3.27 5.04
CA PHE A 22 -2.76 -3.48 5.78
C PHE A 22 -2.16 -2.16 6.22
N VAL A 23 -2.02 -1.23 5.28
CA VAL A 23 -1.44 0.08 5.56
C VAL A 23 -2.39 0.92 6.42
N THR A 24 -3.68 0.81 6.14
CA THR A 24 -4.69 1.55 6.88
C THR A 24 -4.79 1.02 8.31
N GLU A 25 -4.91 -0.29 8.44
CA GLU A 25 -5.00 -0.92 9.75
C GLU A 25 -3.75 -0.63 10.57
N LYS A 26 -2.61 -0.58 9.88
CA LYS A 26 -1.34 -0.30 10.53
C LYS A 26 -1.04 1.19 10.52
N ARG A 27 -1.87 1.96 9.80
CA ARG A 27 -1.68 3.40 9.69
C ARG A 27 -0.29 3.72 9.12
N LYS A 28 0.33 2.73 8.49
CA LYS A 28 1.65 2.90 7.90
C LYS A 28 1.78 2.08 6.62
N ALA A 29 2.30 2.69 5.57
CA ALA A 29 2.48 1.99 4.30
C ALA A 29 3.96 1.87 3.97
N SER A 30 4.46 0.63 3.90
CA SER A 30 5.86 0.39 3.59
C SER A 30 6.01 -0.69 2.53
N ILE A 31 6.93 -0.47 1.60
CA ILE A 31 7.18 -1.43 0.53
C ILE A 31 7.78 -2.70 1.11
N SER A 32 8.68 -2.54 2.08
CA SER A 32 9.32 -3.67 2.74
C SER A 32 8.31 -4.42 3.58
N GLY A 33 7.45 -3.66 4.28
CA GLY A 33 6.43 -4.26 5.11
C GLY A 33 5.49 -5.11 4.29
N VAL A 34 4.98 -4.55 3.21
CA VAL A 34 4.06 -5.28 2.33
C VAL A 34 4.77 -6.44 1.66
N GLN A 35 6.06 -6.29 1.43
CA GLN A 35 6.84 -7.34 0.80
C GLN A 35 6.80 -8.60 1.66
N ARG A 36 7.11 -8.42 2.94
CA ARG A 36 7.13 -9.53 3.89
C ARG A 36 5.71 -9.94 4.31
N GLN A 37 4.82 -8.97 4.46
CA GLN A 37 3.46 -9.26 4.89
C GLN A 37 2.63 -9.89 3.76
N PHE A 38 2.91 -9.48 2.53
CA PHE A 38 2.20 -9.98 1.37
C PHE A 38 3.05 -11.00 0.60
N ARG A 39 4.30 -11.17 1.00
CA ARG A 39 5.20 -12.11 0.34
C ARG A 39 5.25 -11.83 -1.16
N ILE A 40 5.54 -10.59 -1.50
CA ILE A 40 5.61 -10.18 -2.89
C ILE A 40 6.90 -9.43 -3.19
N GLY A 41 7.38 -9.57 -4.43
CA GLY A 41 8.60 -8.89 -4.83
C GLY A 41 8.54 -7.40 -4.59
N TYR A 42 9.68 -6.80 -4.28
CA TYR A 42 9.74 -5.35 -4.01
C TYR A 42 8.96 -4.56 -5.05
N ASN A 43 9.22 -4.84 -6.33
CA ASN A 43 8.55 -4.14 -7.41
C ASN A 43 7.03 -4.16 -7.20
N ARG A 44 6.51 -5.31 -6.78
CA ARG A 44 5.08 -5.45 -6.54
C ARG A 44 4.65 -4.54 -5.39
N ALA A 45 5.38 -4.62 -4.28
CA ALA A 45 5.07 -3.80 -3.10
C ALA A 45 5.01 -2.33 -3.48
N ALA A 46 6.04 -1.87 -4.17
CA ALA A 46 6.10 -0.48 -4.61
C ALA A 46 4.96 -0.19 -5.57
N ARG A 47 4.54 -1.21 -6.32
CA ARG A 47 3.45 -1.08 -7.27
C ARG A 47 2.13 -0.86 -6.54
N ILE A 48 1.86 -1.72 -5.57
CA ILE A 48 0.65 -1.62 -4.77
C ILE A 48 0.61 -0.29 -4.04
N ILE A 49 1.75 0.08 -3.47
CA ILE A 49 1.89 1.34 -2.76
C ILE A 49 1.80 2.51 -3.74
N GLU A 50 2.31 2.29 -4.95
CA GLU A 50 2.27 3.30 -5.99
C GLU A 50 0.82 3.62 -6.33
N GLN A 51 0.05 2.57 -6.61
CA GLN A 51 -1.36 2.72 -6.92
C GLN A 51 -2.06 3.39 -5.74
N MET A 52 -1.61 3.04 -4.52
CA MET A 52 -2.16 3.62 -3.31
C MET A 52 -1.98 5.13 -3.35
N GLU A 53 -0.86 5.56 -3.90
CA GLU A 53 -0.58 6.98 -4.04
C GLU A 53 -1.52 7.57 -5.10
N ALA A 54 -1.85 6.74 -6.09
CA ALA A 54 -2.75 7.15 -7.16
C ALA A 54 -4.21 7.22 -6.68
N GLN A 55 -4.53 6.40 -5.69
CA GLN A 55 -5.89 6.35 -5.14
C GLN A 55 -6.08 7.34 -3.99
N GLY A 56 -4.97 7.77 -3.39
CA GLY A 56 -5.04 8.71 -2.28
C GLY A 56 -4.85 8.02 -0.95
N ILE A 57 -4.39 6.77 -1.00
CA ILE A 57 -4.16 5.97 0.18
C ILE A 57 -2.80 6.27 0.80
N VAL A 58 -1.82 6.56 -0.05
CA VAL A 58 -0.48 6.88 0.44
C VAL A 58 -0.01 8.25 -0.04
N SER A 59 0.89 8.86 0.72
CA SER A 59 1.42 10.18 0.39
C SER A 59 2.80 10.10 -0.22
N GLU A 60 3.37 11.28 -0.51
CA GLU A 60 4.70 11.34 -1.10
C GLU A 60 5.75 10.83 -0.12
N GLN A 61 6.66 10.02 -0.63
CA GLN A 61 7.71 9.43 0.20
C GLN A 61 8.69 10.50 0.67
N GLY A 62 9.01 10.47 1.96
CA GLY A 62 9.93 11.42 2.54
C GLY A 62 11.15 10.75 3.12
N HIS A 63 10.94 9.61 3.76
CA HIS A 63 12.03 8.85 4.36
C HIS A 63 12.58 7.84 3.36
N ASN A 64 13.23 6.79 3.87
CA ASN A 64 13.80 5.77 3.00
C ASN A 64 12.83 4.61 2.79
N GLY A 65 12.02 4.71 1.74
CA GLY A 65 11.06 3.67 1.44
C GLY A 65 9.82 3.72 2.32
N ASN A 66 9.67 4.81 3.07
CA ASN A 66 8.51 4.95 3.95
C ASN A 66 7.43 5.81 3.31
N ARG A 67 6.24 5.24 3.18
CA ARG A 67 5.10 5.94 2.59
C ARG A 67 4.08 6.29 3.67
N GLU A 68 3.50 7.49 3.58
CA GLU A 68 2.53 7.92 4.56
C GLU A 68 1.13 7.44 4.20
N VAL A 69 0.43 6.87 5.17
CA VAL A 69 -0.92 6.38 4.93
C VAL A 69 -1.94 7.48 5.24
N LEU A 70 -2.70 7.87 4.22
CA LEU A 70 -3.70 8.92 4.37
C LEU A 70 -5.11 8.34 4.36
N ALA A 71 -5.23 7.06 4.00
CA ALA A 71 -6.52 6.40 3.98
C ALA A 71 -6.72 5.56 5.24
N PRO A 72 -7.88 5.71 5.91
CA PRO A 72 -8.18 4.96 7.14
C PRO A 72 -8.64 3.53 6.87
N PRO A 73 -8.53 2.66 7.89
CA PRO A 73 -8.94 1.26 7.78
C PRO A 73 -10.36 1.10 7.25
N PRO A 74 -10.73 -0.12 6.80
CA PRO A 74 -12.05 -0.40 6.28
C PRO A 74 -13.13 -0.38 7.35
N PHE A 75 -12.76 -0.85 8.54
CA PHE A 75 -13.69 -0.89 9.67
C PHE A 75 -13.45 0.28 10.61
N ASP A 76 -12.20 0.45 11.02
CA ASP A 76 -11.83 1.54 11.92
C ASP A 76 -10.32 1.52 12.20
N HIS A 7 -14.35 0.02 -12.84
CA HIS A 7 -13.43 -1.10 -12.48
C HIS A 7 -12.40 -0.65 -11.45
N GLY A 8 -11.67 -1.61 -10.90
CA GLY A 8 -10.66 -1.31 -9.91
C GLY A 8 -9.57 -2.36 -9.85
N ALA A 9 -9.95 -3.57 -9.47
CA ALA A 9 -9.00 -4.67 -9.36
C ALA A 9 -8.36 -4.99 -10.71
N GLU A 10 -9.11 -4.71 -11.78
CA GLU A 10 -8.63 -4.97 -13.14
C GLU A 10 -7.32 -4.23 -13.40
N GLU A 11 -7.13 -3.10 -12.72
CA GLU A 11 -5.93 -2.30 -12.89
C GLU A 11 -5.04 -2.41 -11.65
N LEU A 12 -5.67 -2.48 -10.49
CA LEU A 12 -4.95 -2.59 -9.22
C LEU A 12 -4.34 -3.98 -9.06
N ASP A 13 -3.35 -4.08 -8.18
CA ASP A 13 -2.70 -5.35 -7.91
C ASP A 13 -3.66 -6.27 -7.17
N PRO A 14 -3.61 -7.59 -7.44
CA PRO A 14 -4.48 -8.56 -6.78
C PRO A 14 -4.47 -8.42 -5.26
N LEU A 15 -3.36 -7.88 -4.73
CA LEU A 15 -3.22 -7.69 -3.30
C LEU A 15 -3.46 -6.25 -2.87
N PHE A 16 -3.66 -5.35 -3.82
CA PHE A 16 -3.87 -3.94 -3.49
C PHE A 16 -4.88 -3.75 -2.37
N ASP A 17 -6.07 -4.33 -2.54
CA ASP A 17 -7.12 -4.20 -1.55
C ASP A 17 -6.61 -4.61 -0.17
N GLN A 18 -5.90 -5.72 -0.12
CA GLN A 18 -5.34 -6.21 1.14
C GLN A 18 -4.24 -5.27 1.63
N ALA A 19 -3.46 -4.74 0.70
CA ALA A 19 -2.38 -3.82 1.02
C ALA A 19 -2.95 -2.54 1.61
N VAL A 20 -4.07 -2.08 1.06
CA VAL A 20 -4.72 -0.89 1.56
C VAL A 20 -5.16 -1.12 3.00
N GLN A 21 -5.84 -2.25 3.22
CA GLN A 21 -6.30 -2.61 4.55
C GLN A 21 -5.11 -2.80 5.47
N PHE A 22 -4.00 -3.27 4.90
CA PHE A 22 -2.79 -3.51 5.67
C PHE A 22 -2.18 -2.17 6.13
N VAL A 23 -2.03 -1.25 5.19
CA VAL A 23 -1.46 0.06 5.49
C VAL A 23 -2.41 0.89 6.34
N THR A 24 -3.70 0.78 6.06
CA THR A 24 -4.71 1.52 6.79
C THR A 24 -4.83 0.97 8.21
N GLU A 25 -4.97 -0.35 8.31
CA GLU A 25 -5.07 -0.99 9.61
C GLU A 25 -3.83 -0.70 10.46
N LYS A 26 -2.68 -0.65 9.79
CA LYS A 26 -1.42 -0.36 10.47
C LYS A 26 -1.15 1.13 10.49
N ARG A 27 -1.95 1.90 9.75
CA ARG A 27 -1.76 3.34 9.69
C ARG A 27 -0.38 3.69 9.12
N LYS A 28 0.26 2.70 8.50
CA LYS A 28 1.59 2.88 7.92
C LYS A 28 1.73 2.06 6.65
N ALA A 29 2.29 2.68 5.61
CA ALA A 29 2.48 1.98 4.35
C ALA A 29 3.97 1.85 4.02
N SER A 30 4.45 0.62 3.95
CA SER A 30 5.86 0.37 3.66
C SER A 30 6.01 -0.71 2.60
N ILE A 31 6.96 -0.49 1.68
CA ILE A 31 7.22 -1.45 0.62
C ILE A 31 7.82 -2.73 1.19
N SER A 32 8.70 -2.57 2.17
CA SER A 32 9.34 -3.69 2.83
C SER A 32 8.31 -4.46 3.67
N GLY A 33 7.47 -3.71 4.37
CA GLY A 33 6.44 -4.32 5.18
C GLY A 33 5.49 -5.15 4.34
N VAL A 34 4.99 -4.56 3.26
CA VAL A 34 4.08 -5.27 2.37
C VAL A 34 4.79 -6.43 1.69
N GLN A 35 6.09 -6.27 1.47
CA GLN A 35 6.87 -7.32 0.82
C GLN A 35 6.81 -8.60 1.66
N ARG A 36 7.12 -8.45 2.94
CA ARG A 36 7.12 -9.58 3.86
C ARG A 36 5.71 -9.98 4.28
N GLN A 37 4.81 -9.01 4.43
CA GLN A 37 3.44 -9.31 4.85
C GLN A 37 2.63 -9.91 3.71
N PHE A 38 2.93 -9.49 2.48
CA PHE A 38 2.21 -9.97 1.30
C PHE A 38 3.05 -11.00 0.53
N ARG A 39 4.30 -11.18 0.93
CA ARG A 39 5.19 -12.12 0.26
C ARG A 39 5.27 -11.81 -1.23
N ILE A 40 5.57 -10.56 -1.55
CA ILE A 40 5.67 -10.12 -2.93
C ILE A 40 6.98 -9.39 -3.19
N GLY A 41 7.50 -9.52 -4.41
CA GLY A 41 8.74 -8.86 -4.77
C GLY A 41 8.68 -7.38 -4.51
N TYR A 42 9.84 -6.78 -4.20
CA TYR A 42 9.90 -5.34 -3.93
C TYR A 42 9.14 -4.54 -4.97
N ASN A 43 9.43 -4.80 -6.24
CA ASN A 43 8.76 -4.10 -7.34
C ASN A 43 7.25 -4.14 -7.16
N ARG A 44 6.74 -5.28 -6.73
CA ARG A 44 5.31 -5.44 -6.50
C ARG A 44 4.84 -4.52 -5.37
N ALA A 45 5.55 -4.59 -4.25
CA ALA A 45 5.21 -3.75 -3.09
C ALA A 45 5.14 -2.29 -3.48
N ALA A 46 6.18 -1.82 -4.17
CA ALA A 46 6.24 -0.44 -4.62
C ALA A 46 5.12 -0.17 -5.61
N ARG A 47 4.73 -1.21 -6.35
CA ARG A 47 3.65 -1.09 -7.32
C ARG A 47 2.32 -0.87 -6.61
N ILE A 48 2.04 -1.73 -5.63
CA ILE A 48 0.82 -1.62 -4.85
C ILE A 48 0.78 -0.28 -4.13
N ILE A 49 1.90 0.07 -3.51
CA ILE A 49 2.02 1.33 -2.80
C ILE A 49 1.94 2.49 -3.79
N GLU A 50 2.43 2.25 -5.00
CA GLU A 50 2.40 3.28 -6.04
C GLU A 50 0.95 3.60 -6.37
N GLN A 51 0.18 2.55 -6.65
CA GLN A 51 -1.23 2.71 -6.95
C GLN A 51 -1.93 3.36 -5.76
N MET A 52 -1.44 3.07 -4.57
CA MET A 52 -1.99 3.65 -3.36
C MET A 52 -1.83 5.16 -3.41
N GLU A 53 -0.67 5.59 -3.90
CA GLU A 53 -0.40 7.02 -4.04
C GLU A 53 -1.33 7.60 -5.10
N ALA A 54 -1.66 6.79 -6.09
CA ALA A 54 -2.55 7.21 -7.17
C ALA A 54 -3.99 7.31 -6.69
N GLN A 55 -4.41 6.34 -5.89
CA GLN A 55 -5.78 6.30 -5.37
C GLN A 55 -5.97 7.31 -4.23
N GLY A 56 -4.87 7.73 -3.60
CA GLY A 56 -4.95 8.66 -2.50
C GLY A 56 -4.80 7.98 -1.15
N ILE A 57 -4.35 6.74 -1.19
CA ILE A 57 -4.15 5.94 0.01
C ILE A 57 -2.84 6.28 0.69
N VAL A 58 -1.80 6.55 -0.11
CA VAL A 58 -0.50 6.89 0.46
C VAL A 58 -0.04 8.27 -0.01
N SER A 59 0.89 8.87 0.73
CA SER A 59 1.40 10.19 0.41
C SER A 59 2.78 10.12 -0.23
N GLU A 60 3.34 11.29 -0.52
CA GLU A 60 4.66 11.38 -1.13
C GLU A 60 5.72 10.86 -0.17
N GLN A 61 6.63 10.07 -0.70
CA GLN A 61 7.70 9.50 0.11
C GLN A 61 8.68 10.58 0.58
N GLY A 62 9.04 10.50 1.85
CA GLY A 62 9.96 11.47 2.42
C GLY A 62 11.16 10.80 3.05
N HIS A 63 10.90 9.74 3.81
CA HIS A 63 11.96 8.99 4.47
C HIS A 63 12.55 7.95 3.53
N ASN A 64 13.20 6.94 4.07
CA ASN A 64 13.81 5.89 3.26
C ASN A 64 12.84 4.72 3.07
N GLY A 65 12.06 4.77 1.99
CA GLY A 65 11.12 3.70 1.70
C GLY A 65 9.86 3.76 2.55
N ASN A 66 9.68 4.86 3.28
CA ASN A 66 8.50 5.01 4.13
C ASN A 66 7.42 5.85 3.46
N ARG A 67 6.24 5.26 3.31
CA ARG A 67 5.10 5.94 2.70
C ARG A 67 4.06 6.30 3.76
N GLU A 68 3.47 7.48 3.64
CA GLU A 68 2.46 7.92 4.60
C GLU A 68 1.08 7.42 4.21
N VAL A 69 0.36 6.85 5.18
CA VAL A 69 -0.98 6.35 4.94
C VAL A 69 -2.01 7.44 5.22
N LEU A 70 -2.76 7.82 4.19
CA LEU A 70 -3.77 8.85 4.32
C LEU A 70 -5.17 8.26 4.29
N ALA A 71 -5.28 7.00 3.88
CA ALA A 71 -6.56 6.32 3.82
C ALA A 71 -6.79 5.49 5.09
N PRO A 72 -7.97 5.61 5.72
CA PRO A 72 -8.28 4.86 6.94
C PRO A 72 -8.71 3.43 6.67
N PRO A 73 -8.61 2.57 7.70
CA PRO A 73 -8.97 1.15 7.58
C PRO A 73 -10.38 0.95 7.02
N PRO A 74 -10.63 -0.23 6.44
CA PRO A 74 -11.94 -0.56 5.85
C PRO A 74 -13.05 -0.60 6.89
N PHE A 75 -12.89 -1.48 7.87
CA PHE A 75 -13.88 -1.63 8.93
C PHE A 75 -13.34 -1.08 10.25
N ASP A 76 -12.87 0.16 10.22
CA ASP A 76 -12.34 0.80 11.40
C ASP A 76 -13.46 1.13 12.40
N HIS A 7 -13.62 -2.10 -12.76
CA HIS A 7 -13.89 -1.13 -11.66
C HIS A 7 -12.60 -0.54 -11.11
N GLY A 8 -11.56 -1.37 -11.05
CA GLY A 8 -10.28 -0.91 -10.53
C GLY A 8 -9.30 -2.04 -10.35
N ALA A 9 -9.79 -3.21 -9.95
CA ALA A 9 -8.94 -4.37 -9.76
C ALA A 9 -8.24 -4.78 -11.05
N GLU A 10 -8.87 -4.47 -12.18
CA GLU A 10 -8.31 -4.80 -13.48
C GLU A 10 -6.92 -4.18 -13.66
N GLU A 11 -6.72 -3.02 -13.03
CA GLU A 11 -5.44 -2.32 -13.12
C GLU A 11 -4.68 -2.44 -11.81
N LEU A 12 -5.42 -2.45 -10.70
CA LEU A 12 -4.81 -2.56 -9.38
C LEU A 12 -4.20 -3.95 -9.16
N ASP A 13 -3.29 -4.04 -8.20
CA ASP A 13 -2.65 -5.30 -7.88
C ASP A 13 -3.63 -6.22 -7.16
N PRO A 14 -3.58 -7.53 -7.44
CA PRO A 14 -4.48 -8.50 -6.81
C PRO A 14 -4.49 -8.39 -5.28
N LEU A 15 -3.39 -7.87 -4.74
CA LEU A 15 -3.26 -7.72 -3.29
C LEU A 15 -3.51 -6.29 -2.83
N PHE A 16 -3.71 -5.38 -3.77
CA PHE A 16 -3.91 -3.97 -3.43
C PHE A 16 -4.92 -3.78 -2.30
N ASP A 17 -6.09 -4.36 -2.47
CA ASP A 17 -7.14 -4.25 -1.46
C ASP A 17 -6.60 -4.67 -0.09
N GLN A 18 -5.86 -5.77 -0.08
CA GLN A 18 -5.27 -6.27 1.15
C GLN A 18 -4.21 -5.31 1.66
N ALA A 19 -3.42 -4.76 0.73
CA ALA A 19 -2.37 -3.82 1.07
C ALA A 19 -2.95 -2.55 1.67
N VAL A 20 -4.07 -2.09 1.12
CA VAL A 20 -4.74 -0.91 1.63
C VAL A 20 -5.17 -1.14 3.07
N GLN A 21 -5.86 -2.25 3.29
CA GLN A 21 -6.31 -2.60 4.64
C GLN A 21 -5.10 -2.79 5.55
N PHE A 22 -4.00 -3.25 4.97
CA PHE A 22 -2.77 -3.47 5.71
C PHE A 22 -2.18 -2.13 6.18
N VAL A 23 -2.02 -1.20 5.24
CA VAL A 23 -1.46 0.10 5.53
C VAL A 23 -2.42 0.93 6.38
N THR A 24 -3.70 0.78 6.13
CA THR A 24 -4.72 1.50 6.86
C THR A 24 -4.84 0.96 8.29
N GLU A 25 -4.94 -0.36 8.41
CA GLU A 25 -5.03 -0.99 9.72
C GLU A 25 -3.80 -0.68 10.54
N LYS A 26 -2.65 -0.60 9.86
CA LYS A 26 -1.39 -0.31 10.52
C LYS A 26 -1.08 1.19 10.47
N ARG A 27 -1.92 1.94 9.75
CA ARG A 27 -1.72 3.38 9.61
C ARG A 27 -0.31 3.68 9.10
N LYS A 28 0.31 2.67 8.48
CA LYS A 28 1.65 2.82 7.93
C LYS A 28 1.81 2.01 6.66
N ALA A 29 2.32 2.64 5.61
CA ALA A 29 2.52 1.95 4.34
C ALA A 29 4.01 1.80 4.05
N SER A 30 4.48 0.56 3.98
CA SER A 30 5.89 0.29 3.70
C SER A 30 6.04 -0.78 2.63
N ILE A 31 7.00 -0.58 1.75
CA ILE A 31 7.26 -1.53 0.67
C ILE A 31 7.84 -2.82 1.25
N SER A 32 8.72 -2.68 2.22
CA SER A 32 9.33 -3.83 2.88
C SER A 32 8.28 -4.57 3.69
N GLY A 33 7.44 -3.82 4.38
CA GLY A 33 6.39 -4.42 5.18
C GLY A 33 5.45 -5.25 4.33
N VAL A 34 4.96 -4.66 3.25
CA VAL A 34 4.05 -5.37 2.35
C VAL A 34 4.76 -6.53 1.67
N GLN A 35 6.06 -6.39 1.47
CA GLN A 35 6.84 -7.45 0.84
C GLN A 35 6.76 -8.73 1.68
N ARG A 36 7.07 -8.58 2.96
CA ARG A 36 7.04 -9.70 3.89
C ARG A 36 5.62 -10.07 4.31
N GLN A 37 4.75 -9.07 4.42
CA GLN A 37 3.37 -9.31 4.83
C GLN A 37 2.55 -9.95 3.71
N PHE A 38 2.82 -9.53 2.47
CA PHE A 38 2.11 -10.04 1.31
C PHE A 38 2.95 -11.05 0.53
N ARG A 39 4.21 -11.24 0.94
CA ARG A 39 5.10 -12.18 0.27
C ARG A 39 5.17 -11.87 -1.23
N ILE A 40 5.53 -10.64 -1.55
CA ILE A 40 5.62 -10.21 -2.93
C ILE A 40 6.92 -9.46 -3.20
N GLY A 41 7.44 -9.59 -4.42
CA GLY A 41 8.67 -8.93 -4.78
C GLY A 41 8.63 -7.44 -4.50
N TYR A 42 9.78 -6.86 -4.20
CA TYR A 42 9.86 -5.43 -3.90
C TYR A 42 9.10 -4.60 -4.93
N ASN A 43 9.39 -4.83 -6.20
CA ASN A 43 8.74 -4.09 -7.28
C ASN A 43 7.22 -4.13 -7.11
N ARG A 44 6.71 -5.28 -6.68
CA ARG A 44 5.28 -5.44 -6.47
C ARG A 44 4.82 -4.56 -5.32
N ALA A 45 5.52 -4.64 -4.19
CA ALA A 45 5.18 -3.83 -3.02
C ALA A 45 5.13 -2.36 -3.38
N ALA A 46 6.18 -1.89 -4.05
CA ALA A 46 6.23 -0.49 -4.46
C ALA A 46 5.12 -0.20 -5.46
N ARG A 47 4.72 -1.22 -6.21
CA ARG A 47 3.65 -1.09 -7.20
C ARG A 47 2.32 -0.87 -6.48
N ILE A 48 2.03 -1.75 -5.53
CA ILE A 48 0.80 -1.65 -4.75
C ILE A 48 0.77 -0.32 -4.01
N ILE A 49 1.89 0.03 -3.40
CA ILE A 49 2.02 1.29 -2.67
C ILE A 49 1.93 2.45 -3.65
N GLU A 50 2.43 2.23 -4.87
CA GLU A 50 2.37 3.24 -5.91
C GLU A 50 0.92 3.52 -6.26
N GLN A 51 0.17 2.45 -6.52
CA GLN A 51 -1.24 2.55 -6.83
C GLN A 51 -1.95 3.27 -5.69
N MET A 52 -1.48 3.03 -4.47
CA MET A 52 -2.04 3.66 -3.29
C MET A 52 -1.84 5.17 -3.39
N GLU A 53 -0.67 5.56 -3.89
CA GLU A 53 -0.36 6.97 -4.05
C GLU A 53 -1.29 7.57 -5.11
N ALA A 54 -1.66 6.75 -6.08
CA ALA A 54 -2.54 7.19 -7.16
C ALA A 54 -3.99 7.26 -6.70
N GLN A 55 -4.40 6.27 -5.90
CA GLN A 55 -5.77 6.22 -5.40
C GLN A 55 -6.00 7.23 -4.26
N GLY A 56 -4.92 7.67 -3.64
CA GLY A 56 -5.03 8.63 -2.55
C GLY A 56 -4.93 7.96 -1.19
N ILE A 57 -4.42 6.72 -1.20
CA ILE A 57 -4.26 5.94 0.00
C ILE A 57 -2.95 6.29 0.71
N VAL A 58 -1.91 6.55 -0.07
CA VAL A 58 -0.62 6.90 0.51
C VAL A 58 -0.16 8.29 0.05
N SER A 59 0.78 8.87 0.79
CA SER A 59 1.29 10.19 0.46
C SER A 59 2.65 10.11 -0.20
N GLU A 60 3.19 11.28 -0.58
CA GLU A 60 4.49 11.35 -1.22
C GLU A 60 5.58 10.90 -0.27
N GLN A 61 6.46 10.02 -0.75
CA GLN A 61 7.55 9.50 0.05
C GLN A 61 8.56 10.59 0.38
N GLY A 62 8.92 10.68 1.66
CA GLY A 62 9.88 11.68 2.09
C GLY A 62 11.12 11.05 2.69
N HIS A 63 10.92 9.99 3.47
CA HIS A 63 12.02 9.28 4.11
C HIS A 63 12.59 8.23 3.15
N ASN A 64 13.24 7.21 3.70
CA ASN A 64 13.83 6.16 2.87
C ASN A 64 12.90 4.96 2.75
N GLY A 65 12.06 4.97 1.72
CA GLY A 65 11.15 3.86 1.50
C GLY A 65 9.92 3.90 2.41
N ASN A 66 9.74 5.01 3.11
CA ASN A 66 8.59 5.14 4.01
C ASN A 66 7.45 5.92 3.35
N ARG A 67 6.29 5.28 3.27
CA ARG A 67 5.11 5.90 2.68
C ARG A 67 4.10 6.26 3.76
N GLU A 68 3.45 7.42 3.62
CA GLU A 68 2.47 7.84 4.60
C GLU A 68 1.08 7.35 4.23
N VAL A 69 0.38 6.78 5.21
CA VAL A 69 -0.97 6.27 4.97
C VAL A 69 -2.00 7.35 5.30
N LEU A 70 -2.77 7.74 4.28
CA LEU A 70 -3.78 8.77 4.45
C LEU A 70 -5.18 8.17 4.44
N ALA A 71 -5.29 6.91 4.01
CA ALA A 71 -6.57 6.23 3.96
C ALA A 71 -6.77 5.41 5.23
N PRO A 72 -7.93 5.56 5.90
CA PRO A 72 -8.22 4.83 7.14
C PRO A 72 -8.71 3.41 6.89
N PRO A 73 -8.60 2.54 7.91
CA PRO A 73 -9.03 1.14 7.82
C PRO A 73 -10.47 1.01 7.32
N PRO A 74 -10.85 -0.21 6.89
CA PRO A 74 -12.21 -0.48 6.39
C PRO A 74 -13.28 -0.22 7.45
N PHE A 75 -12.93 -0.49 8.71
CA PHE A 75 -13.85 -0.30 9.82
C PHE A 75 -13.17 0.43 10.98
N ASP A 76 -12.23 1.31 10.64
CA ASP A 76 -11.50 2.08 11.65
C ASP A 76 -10.88 3.33 11.04
N HIS A 7 -13.27 -0.03 -7.42
CA HIS A 7 -11.89 -0.51 -7.67
C HIS A 7 -11.78 -1.19 -9.03
N GLY A 8 -10.59 -1.68 -9.36
CA GLY A 8 -10.38 -2.34 -10.63
C GLY A 8 -9.07 -3.10 -10.68
N ALA A 9 -9.15 -4.43 -10.71
CA ALA A 9 -7.96 -5.27 -10.75
C ALA A 9 -7.13 -4.98 -12.00
N GLU A 10 -7.78 -4.49 -13.05
CA GLU A 10 -7.09 -4.18 -14.29
C GLU A 10 -5.93 -3.22 -14.07
N GLU A 11 -6.10 -2.30 -13.12
CA GLU A 11 -5.06 -1.33 -12.80
C GLU A 11 -4.49 -1.57 -11.41
N LEU A 12 -5.30 -2.15 -10.53
CA LEU A 12 -4.87 -2.43 -9.16
C LEU A 12 -4.30 -3.84 -9.04
N ASP A 13 -3.52 -4.05 -7.99
CA ASP A 13 -2.90 -5.36 -7.75
C ASP A 13 -3.88 -6.27 -7.01
N PRO A 14 -3.85 -7.58 -7.28
CA PRO A 14 -4.74 -8.54 -6.63
C PRO A 14 -4.68 -8.44 -5.11
N LEU A 15 -3.57 -7.91 -4.59
CA LEU A 15 -3.40 -7.76 -3.15
C LEU A 15 -3.62 -6.32 -2.70
N PHE A 16 -3.88 -5.43 -3.64
CA PHE A 16 -4.06 -4.01 -3.32
C PHE A 16 -5.03 -3.82 -2.16
N ASP A 17 -6.24 -4.35 -2.30
CA ASP A 17 -7.24 -4.21 -1.24
C ASP A 17 -6.67 -4.67 0.10
N GLN A 18 -5.89 -5.74 0.05
CA GLN A 18 -5.26 -6.26 1.26
C GLN A 18 -4.20 -5.29 1.77
N ALA A 19 -3.42 -4.74 0.84
CA ALA A 19 -2.37 -3.79 1.17
C ALA A 19 -2.94 -2.51 1.75
N VAL A 20 -4.05 -2.04 1.18
CA VAL A 20 -4.70 -0.84 1.67
C VAL A 20 -5.14 -1.05 3.11
N GLN A 21 -5.80 -2.18 3.34
CA GLN A 21 -6.25 -2.54 4.68
C GLN A 21 -5.06 -2.73 5.61
N PHE A 22 -3.97 -3.23 5.03
CA PHE A 22 -2.74 -3.47 5.79
C PHE A 22 -2.14 -2.14 6.24
N VAL A 23 -1.98 -1.22 5.30
CA VAL A 23 -1.41 0.09 5.59
C VAL A 23 -2.35 0.92 6.46
N THR A 24 -3.65 0.82 6.18
CA THR A 24 -4.65 1.55 6.93
C THR A 24 -4.74 1.01 8.35
N GLU A 25 -4.85 -0.31 8.47
CA GLU A 25 -4.93 -0.96 9.77
C GLU A 25 -3.69 -0.64 10.60
N LYS A 26 -2.55 -0.58 9.93
CA LYS A 26 -1.30 -0.28 10.60
C LYS A 26 -1.00 1.22 10.56
N ARG A 27 -1.84 1.97 9.86
CA ARG A 27 -1.65 3.42 9.75
C ARG A 27 -0.27 3.74 9.16
N LYS A 28 0.34 2.75 8.53
CA LYS A 28 1.66 2.93 7.93
C LYS A 28 1.79 2.10 6.65
N ALA A 29 2.32 2.71 5.60
CA ALA A 29 2.50 2.01 4.33
C ALA A 29 3.98 1.87 4.00
N SER A 30 4.45 0.63 3.92
CA SER A 30 5.85 0.37 3.61
C SER A 30 5.99 -0.71 2.55
N ILE A 31 6.90 -0.50 1.61
CA ILE A 31 7.13 -1.47 0.54
C ILE A 31 7.75 -2.73 1.12
N SER A 32 8.63 -2.56 2.09
CA SER A 32 9.28 -3.69 2.75
C SER A 32 8.27 -4.46 3.59
N GLY A 33 7.46 -3.72 4.33
CA GLY A 33 6.45 -4.35 5.15
C GLY A 33 5.49 -5.18 4.33
N VAL A 34 4.96 -4.59 3.25
CA VAL A 34 4.05 -5.29 2.38
C VAL A 34 4.74 -6.45 1.68
N GLN A 35 6.03 -6.30 1.43
CA GLN A 35 6.80 -7.36 0.78
C GLN A 35 6.74 -8.63 1.62
N ARG A 36 7.08 -8.48 2.89
CA ARG A 36 7.09 -9.59 3.83
C ARG A 36 5.68 -10.00 4.27
N GLN A 37 4.79 -9.02 4.43
CA GLN A 37 3.43 -9.32 4.87
C GLN A 37 2.60 -9.93 3.75
N PHE A 38 2.86 -9.52 2.51
CA PHE A 38 2.13 -10.02 1.36
C PHE A 38 2.95 -11.04 0.57
N ARG A 39 4.23 -11.20 0.94
CA ARG A 39 5.10 -12.15 0.25
C ARG A 39 5.15 -11.84 -1.23
N ILE A 40 5.47 -10.60 -1.56
CA ILE A 40 5.53 -10.16 -2.94
C ILE A 40 6.84 -9.44 -3.23
N GLY A 41 7.34 -9.58 -4.46
CA GLY A 41 8.58 -8.92 -4.83
C GLY A 41 8.53 -7.43 -4.58
N TYR A 42 9.68 -6.82 -4.29
CA TYR A 42 9.75 -5.39 -4.02
C TYR A 42 8.96 -4.59 -5.06
N ASN A 43 9.23 -4.85 -6.33
CA ASN A 43 8.54 -4.15 -7.41
C ASN A 43 7.04 -4.19 -7.21
N ARG A 44 6.53 -5.33 -6.76
CA ARG A 44 5.10 -5.49 -6.51
C ARG A 44 4.67 -4.59 -5.37
N ALA A 45 5.39 -4.64 -4.25
CA ALA A 45 5.09 -3.81 -3.10
C ALA A 45 5.01 -2.35 -3.49
N ALA A 46 6.01 -1.90 -4.22
CA ALA A 46 6.06 -0.51 -4.68
C ALA A 46 4.91 -0.26 -5.64
N ARG A 47 4.50 -1.30 -6.36
CA ARG A 47 3.39 -1.19 -7.30
C ARG A 47 2.07 -0.97 -6.55
N ILE A 48 1.83 -1.82 -5.56
CA ILE A 48 0.62 -1.71 -4.75
C ILE A 48 0.58 -0.36 -4.05
N ILE A 49 1.72 0.03 -3.51
CA ILE A 49 1.86 1.30 -2.83
C ILE A 49 1.76 2.45 -3.83
N GLU A 50 2.25 2.19 -5.05
CA GLU A 50 2.19 3.18 -6.12
C GLU A 50 0.73 3.52 -6.42
N GLN A 51 -0.07 2.48 -6.61
CA GLN A 51 -1.48 2.65 -6.88
C GLN A 51 -2.13 3.33 -5.68
N MET A 52 -1.64 3.00 -4.48
CA MET A 52 -2.15 3.61 -3.26
C MET A 52 -2.00 5.12 -3.35
N GLU A 53 -0.89 5.54 -3.94
CA GLU A 53 -0.62 6.96 -4.14
C GLU A 53 -1.58 7.51 -5.19
N ALA A 54 -1.92 6.65 -6.16
CA ALA A 54 -2.84 7.03 -7.22
C ALA A 54 -4.29 7.11 -6.74
N GLN A 55 -4.61 6.31 -5.72
CA GLN A 55 -5.97 6.28 -5.18
C GLN A 55 -6.16 7.28 -4.04
N GLY A 56 -5.06 7.70 -3.42
CA GLY A 56 -5.13 8.64 -2.32
C GLY A 56 -4.97 7.96 -0.97
N ILE A 57 -4.45 6.73 -1.02
CA ILE A 57 -4.23 5.94 0.16
C ILE A 57 -2.89 6.25 0.79
N VAL A 58 -1.89 6.51 -0.04
CA VAL A 58 -0.55 6.84 0.45
C VAL A 58 -0.10 8.21 -0.03
N SER A 59 0.86 8.80 0.68
CA SER A 59 1.37 10.12 0.33
C SER A 59 2.74 10.04 -0.32
N GLU A 60 3.29 11.20 -0.64
CA GLU A 60 4.61 11.27 -1.27
C GLU A 60 5.68 10.79 -0.32
N GLN A 61 6.59 9.98 -0.84
CA GLN A 61 7.68 9.42 -0.04
C GLN A 61 8.65 10.51 0.39
N GLY A 62 9.00 10.51 1.68
CA GLY A 62 9.92 11.49 2.21
C GLY A 62 11.13 10.84 2.86
N HIS A 63 10.88 9.78 3.62
CA HIS A 63 11.95 9.05 4.29
C HIS A 63 12.55 8.01 3.34
N ASN A 64 13.17 6.98 3.91
CA ASN A 64 13.79 5.92 3.10
C ASN A 64 12.84 4.74 2.93
N GLY A 65 12.05 4.76 1.86
CA GLY A 65 11.13 3.68 1.60
C GLY A 65 9.87 3.73 2.46
N ASN A 66 9.68 4.84 3.16
CA ASN A 66 8.51 5.00 4.02
C ASN A 66 7.42 5.84 3.36
N ARG A 67 6.24 5.25 3.22
CA ARG A 67 5.10 5.93 2.61
C ARG A 67 4.08 6.31 3.69
N GLU A 68 3.49 7.49 3.57
CA GLU A 68 2.50 7.95 4.55
C GLU A 68 1.11 7.44 4.19
N VAL A 69 0.41 6.89 5.16
CA VAL A 69 -0.93 6.40 4.93
C VAL A 69 -1.96 7.48 5.23
N LEU A 70 -2.71 7.86 4.21
CA LEU A 70 -3.72 8.91 4.35
C LEU A 70 -5.13 8.33 4.35
N ALA A 71 -5.23 7.03 4.06
CA ALA A 71 -6.52 6.36 4.03
C ALA A 71 -6.72 5.53 5.30
N PRO A 72 -7.87 5.67 5.97
CA PRO A 72 -8.15 4.94 7.21
C PRO A 72 -8.63 3.52 6.96
N PRO A 73 -8.51 2.64 7.98
CA PRO A 73 -8.93 1.25 7.89
C PRO A 73 -10.37 1.10 7.39
N PRO A 74 -10.75 -0.11 6.96
CA PRO A 74 -12.11 -0.39 6.48
C PRO A 74 -13.14 -0.38 7.59
N PHE A 75 -12.73 -0.88 8.75
CA PHE A 75 -13.61 -0.93 9.91
C PHE A 75 -12.89 -0.50 11.17
N ASP A 76 -11.89 -1.28 11.57
CA ASP A 76 -11.10 -0.98 12.76
C ASP A 76 -9.61 -1.16 12.48
N HIS A 7 -11.99 0.98 -6.77
CA HIS A 7 -11.88 -0.39 -7.34
C HIS A 7 -11.28 -0.37 -8.75
N GLY A 8 -10.85 -1.54 -9.22
CA GLY A 8 -10.26 -1.63 -10.54
C GLY A 8 -9.07 -2.56 -10.58
N ALA A 9 -9.33 -3.86 -10.50
CA ALA A 9 -8.27 -4.85 -10.53
C ALA A 9 -7.46 -4.77 -11.82
N GLU A 10 -8.08 -4.24 -12.87
CA GLU A 10 -7.42 -4.10 -14.17
C GLU A 10 -6.10 -3.34 -14.04
N GLU A 11 -6.08 -2.36 -13.15
CA GLU A 11 -4.89 -1.55 -12.92
C GLU A 11 -4.31 -1.81 -11.54
N LEU A 12 -5.19 -2.12 -10.59
CA LEU A 12 -4.76 -2.40 -9.22
C LEU A 12 -4.18 -3.79 -9.09
N ASP A 13 -3.40 -4.01 -8.03
CA ASP A 13 -2.78 -5.31 -7.79
C ASP A 13 -3.77 -6.22 -7.06
N PRO A 14 -3.74 -7.53 -7.35
CA PRO A 14 -4.64 -8.50 -6.72
C PRO A 14 -4.62 -8.41 -5.20
N LEU A 15 -3.52 -7.89 -4.65
CA LEU A 15 -3.37 -7.75 -3.21
C LEU A 15 -3.60 -6.31 -2.75
N PHE A 16 -3.80 -5.40 -3.69
CA PHE A 16 -3.99 -3.99 -3.36
C PHE A 16 -4.98 -3.80 -2.23
N ASP A 17 -6.19 -4.32 -2.39
CA ASP A 17 -7.22 -4.18 -1.38
C ASP A 17 -6.69 -4.62 -0.02
N GLN A 18 -5.91 -5.70 -0.02
CA GLN A 18 -5.32 -6.21 1.20
C GLN A 18 -4.25 -5.25 1.71
N ALA A 19 -3.45 -4.74 0.78
CA ALA A 19 -2.39 -3.79 1.11
C ALA A 19 -2.96 -2.51 1.70
N VAL A 20 -4.07 -2.05 1.14
CA VAL A 20 -4.73 -0.85 1.64
C VAL A 20 -5.17 -1.08 3.07
N GLN A 21 -5.85 -2.20 3.29
CA GLN A 21 -6.30 -2.56 4.62
C GLN A 21 -5.10 -2.76 5.54
N PHE A 22 -3.99 -3.22 4.96
CA PHE A 22 -2.77 -3.45 5.70
C PHE A 22 -2.17 -2.13 6.18
N VAL A 23 -2.01 -1.20 5.24
CA VAL A 23 -1.44 0.11 5.55
C VAL A 23 -2.38 0.93 6.41
N THR A 24 -3.68 0.82 6.14
CA THR A 24 -4.69 1.55 6.88
C THR A 24 -4.79 1.01 8.31
N GLU A 25 -4.91 -0.30 8.43
CA GLU A 25 -4.99 -0.94 9.74
C GLU A 25 -3.74 -0.64 10.55
N LYS A 26 -2.61 -0.59 9.87
CA LYS A 26 -1.34 -0.31 10.53
C LYS A 26 -1.02 1.18 10.50
N ARG A 27 -1.86 1.96 9.82
CA ARG A 27 -1.65 3.40 9.71
C ARG A 27 -0.27 3.71 9.15
N LYS A 28 0.35 2.72 8.51
CA LYS A 28 1.67 2.88 7.92
C LYS A 28 1.80 2.07 6.65
N ALA A 29 2.30 2.71 5.59
CA ALA A 29 2.48 2.03 4.31
C ALA A 29 3.96 1.89 3.98
N SER A 30 4.43 0.65 3.90
CA SER A 30 5.84 0.39 3.58
C SER A 30 5.96 -0.68 2.51
N ILE A 31 6.94 -0.49 1.63
CA ILE A 31 7.18 -1.45 0.56
C ILE A 31 7.78 -2.74 1.13
N SER A 32 8.71 -2.59 2.05
CA SER A 32 9.34 -3.74 2.68
C SER A 32 8.32 -4.47 3.55
N GLY A 33 7.49 -3.71 4.25
CA GLY A 33 6.48 -4.30 5.09
C GLY A 33 5.50 -5.13 4.30
N VAL A 34 4.96 -4.55 3.23
CA VAL A 34 4.02 -5.25 2.37
C VAL A 34 4.70 -6.42 1.69
N GLN A 35 6.00 -6.29 1.46
CA GLN A 35 6.77 -7.34 0.82
C GLN A 35 6.71 -8.61 1.66
N ARG A 36 7.09 -8.47 2.93
CA ARG A 36 7.08 -9.59 3.87
C ARG A 36 5.67 -9.93 4.33
N GLN A 37 4.80 -8.93 4.42
CA GLN A 37 3.43 -9.17 4.88
C GLN A 37 2.58 -9.83 3.79
N PHE A 38 2.83 -9.47 2.54
CA PHE A 38 2.08 -10.01 1.42
C PHE A 38 2.89 -11.06 0.65
N ARG A 39 4.16 -11.23 1.01
CA ARG A 39 5.02 -12.20 0.36
C ARG A 39 5.09 -11.91 -1.15
N ILE A 40 5.43 -10.68 -1.48
CA ILE A 40 5.53 -10.25 -2.87
C ILE A 40 6.85 -9.54 -3.14
N GLY A 41 7.35 -9.65 -4.36
CA GLY A 41 8.60 -9.00 -4.71
C GLY A 41 8.55 -7.51 -4.44
N TYR A 42 9.71 -6.93 -4.10
CA TYR A 42 9.79 -5.51 -3.81
C TYR A 42 9.06 -4.68 -4.85
N ASN A 43 9.38 -4.93 -6.13
CA ASN A 43 8.76 -4.19 -7.23
C ASN A 43 7.24 -4.23 -7.08
N ARG A 44 6.73 -5.40 -6.69
CA ARG A 44 5.30 -5.55 -6.50
C ARG A 44 4.82 -4.69 -5.34
N ALA A 45 5.52 -4.77 -4.21
CA ALA A 45 5.18 -3.98 -3.04
C ALA A 45 5.10 -2.50 -3.39
N ALA A 46 6.13 -2.02 -4.09
CA ALA A 46 6.17 -0.63 -4.52
C ALA A 46 5.05 -0.35 -5.50
N ARG A 47 4.66 -1.38 -6.26
CA ARG A 47 3.59 -1.25 -7.23
C ARG A 47 2.26 -1.03 -6.53
N ILE A 48 1.98 -1.87 -5.53
CA ILE A 48 0.76 -1.76 -4.75
C ILE A 48 0.71 -0.41 -4.06
N ILE A 49 1.82 -0.04 -3.42
CA ILE A 49 1.92 1.23 -2.73
C ILE A 49 1.83 2.37 -3.73
N GLU A 50 2.38 2.15 -4.92
CA GLU A 50 2.34 3.15 -5.98
C GLU A 50 0.89 3.48 -6.30
N GLN A 51 0.09 2.43 -6.49
CA GLN A 51 -1.33 2.61 -6.76
C GLN A 51 -1.98 3.30 -5.58
N MET A 52 -1.50 2.98 -4.37
CA MET A 52 -2.02 3.61 -3.16
C MET A 52 -1.88 5.12 -3.27
N GLU A 53 -0.77 5.55 -3.84
CA GLU A 53 -0.52 6.97 -4.06
C GLU A 53 -1.46 7.50 -5.13
N ALA A 54 -1.76 6.63 -6.10
CA ALA A 54 -2.65 6.99 -7.20
C ALA A 54 -4.10 7.08 -6.74
N GLN A 55 -4.45 6.30 -5.72
CA GLN A 55 -5.82 6.28 -5.21
C GLN A 55 -6.02 7.30 -4.08
N GLY A 56 -4.93 7.73 -3.47
CA GLY A 56 -5.03 8.69 -2.38
C GLY A 56 -4.91 8.03 -1.02
N ILE A 57 -4.42 6.80 -1.03
CA ILE A 57 -4.25 6.01 0.18
C ILE A 57 -2.93 6.34 0.85
N VAL A 58 -1.91 6.62 0.05
CA VAL A 58 -0.60 6.97 0.58
C VAL A 58 -0.17 8.37 0.14
N SER A 59 0.78 8.96 0.87
CA SER A 59 1.26 10.30 0.56
C SER A 59 2.58 10.24 -0.19
N GLU A 60 3.12 11.42 -0.49
CA GLU A 60 4.40 11.51 -1.19
C GLU A 60 5.53 10.98 -0.34
N GLN A 61 6.37 10.14 -0.93
CA GLN A 61 7.48 9.53 -0.21
C GLN A 61 8.52 10.58 0.15
N GLY A 62 8.95 10.56 1.41
CA GLY A 62 9.94 11.50 1.88
C GLY A 62 11.14 10.79 2.49
N HIS A 63 10.87 9.79 3.30
CA HIS A 63 11.92 9.02 3.95
C HIS A 63 12.50 7.99 2.98
N ASN A 64 13.04 6.89 3.49
CA ASN A 64 13.62 5.85 2.65
C ASN A 64 12.66 4.66 2.52
N GLY A 65 11.83 4.70 1.49
CA GLY A 65 10.90 3.61 1.25
C GLY A 65 9.67 3.65 2.16
N ASN A 66 9.51 4.75 2.90
CA ASN A 66 8.37 4.87 3.81
C ASN A 66 7.29 5.79 3.23
N ARG A 67 6.09 5.24 3.09
CA ARG A 67 4.95 6.00 2.56
C ARG A 67 3.96 6.32 3.67
N GLU A 68 3.40 7.53 3.65
CA GLU A 68 2.44 7.93 4.67
C GLU A 68 1.04 7.44 4.32
N VAL A 69 0.36 6.84 5.28
CA VAL A 69 -0.99 6.34 5.05
C VAL A 69 -2.02 7.41 5.38
N LEU A 70 -2.79 7.81 4.38
CA LEU A 70 -3.80 8.84 4.55
C LEU A 70 -5.21 8.24 4.53
N ALA A 71 -5.31 6.98 4.11
CA ALA A 71 -6.59 6.29 4.08
C ALA A 71 -6.78 5.46 5.33
N PRO A 72 -7.96 5.57 5.98
CA PRO A 72 -8.25 4.83 7.22
C PRO A 72 -8.71 3.40 6.97
N PRO A 73 -8.56 2.54 7.98
CA PRO A 73 -8.96 1.13 7.89
C PRO A 73 -10.40 0.94 7.43
N PRO A 74 -10.77 -0.28 7.01
CA PRO A 74 -12.12 -0.59 6.55
C PRO A 74 -13.05 -0.92 7.70
N PHE A 75 -14.07 -1.74 7.44
CA PHE A 75 -15.03 -2.12 8.48
C PHE A 75 -14.34 -2.85 9.62
N ASP A 76 -13.30 -3.60 9.29
CA ASP A 76 -12.54 -4.36 10.29
C ASP A 76 -11.54 -3.46 11.00
N HIS A 7 -11.95 -1.86 -14.83
CA HIS A 7 -11.61 -1.06 -13.61
C HIS A 7 -11.48 -1.96 -12.39
N GLY A 8 -10.85 -1.44 -11.34
CA GLY A 8 -10.67 -2.21 -10.13
C GLY A 8 -9.41 -3.05 -10.15
N ALA A 9 -9.56 -4.34 -9.94
CA ALA A 9 -8.42 -5.26 -9.93
C ALA A 9 -7.71 -5.27 -11.28
N GLU A 10 -8.46 -4.98 -12.34
CA GLU A 10 -7.91 -4.96 -13.69
C GLU A 10 -6.74 -3.97 -13.79
N GLU A 11 -6.77 -2.94 -12.97
CA GLU A 11 -5.71 -1.93 -12.95
C GLU A 11 -4.90 -2.02 -11.67
N LEU A 12 -5.57 -2.35 -10.57
CA LEU A 12 -4.91 -2.46 -9.28
C LEU A 12 -4.32 -3.85 -9.10
N ASP A 13 -3.36 -3.96 -8.18
CA ASP A 13 -2.73 -5.22 -7.89
C ASP A 13 -3.70 -6.14 -7.15
N PRO A 14 -3.68 -7.45 -7.44
CA PRO A 14 -4.56 -8.42 -6.79
C PRO A 14 -4.54 -8.30 -5.27
N LEU A 15 -3.44 -7.78 -4.74
CA LEU A 15 -3.29 -7.61 -3.30
C LEU A 15 -3.51 -6.18 -2.85
N PHE A 16 -3.71 -5.27 -3.78
CA PHE A 16 -3.89 -3.86 -3.44
C PHE A 16 -4.90 -3.67 -2.31
N ASP A 17 -6.08 -4.23 -2.48
CA ASP A 17 -7.13 -4.12 -1.46
C ASP A 17 -6.60 -4.57 -0.11
N GLN A 18 -5.85 -5.65 -0.11
CA GLN A 18 -5.25 -6.18 1.11
C GLN A 18 -4.20 -5.22 1.64
N ALA A 19 -3.39 -4.68 0.73
CA ALA A 19 -2.34 -3.74 1.09
C ALA A 19 -2.93 -2.48 1.69
N VAL A 20 -4.04 -2.02 1.13
CA VAL A 20 -4.71 -0.83 1.66
C VAL A 20 -5.15 -1.09 3.08
N GLN A 21 -5.83 -2.20 3.29
CA GLN A 21 -6.30 -2.57 4.62
C GLN A 21 -5.11 -2.77 5.54
N PHE A 22 -4.01 -3.25 4.96
CA PHE A 22 -2.78 -3.48 5.71
C PHE A 22 -2.18 -2.16 6.20
N VAL A 23 -2.03 -1.23 5.28
CA VAL A 23 -1.46 0.08 5.60
C VAL A 23 -2.41 0.90 6.45
N THR A 24 -3.70 0.77 6.16
CA THR A 24 -4.72 1.50 6.90
C THR A 24 -4.86 0.94 8.31
N GLU A 25 -4.96 -0.38 8.41
CA GLU A 25 -5.09 -1.04 9.70
C GLU A 25 -3.85 -0.76 10.54
N LYS A 26 -2.70 -0.69 9.89
CA LYS A 26 -1.45 -0.43 10.57
C LYS A 26 -1.12 1.07 10.55
N ARG A 27 -1.95 1.85 9.88
CA ARG A 27 -1.74 3.29 9.78
C ARG A 27 -0.34 3.60 9.26
N LYS A 28 0.28 2.61 8.61
CA LYS A 28 1.62 2.77 8.06
C LYS A 28 1.78 1.98 6.76
N ALA A 29 2.32 2.61 5.74
CA ALA A 29 2.52 1.95 4.46
C ALA A 29 4.01 1.82 4.14
N SER A 30 4.48 0.58 4.05
CA SER A 30 5.88 0.32 3.75
C SER A 30 6.03 -0.74 2.67
N ILE A 31 6.97 -0.53 1.76
CA ILE A 31 7.21 -1.48 0.68
C ILE A 31 7.79 -2.78 1.24
N SER A 32 8.71 -2.63 2.20
CA SER A 32 9.31 -3.79 2.84
C SER A 32 8.29 -4.55 3.66
N GLY A 33 7.45 -3.79 4.38
CA GLY A 33 6.42 -4.41 5.19
C GLY A 33 5.46 -5.23 4.34
N VAL A 34 4.97 -4.64 3.26
CA VAL A 34 4.06 -5.32 2.36
C VAL A 34 4.74 -6.49 1.67
N GLN A 35 6.05 -6.35 1.46
CA GLN A 35 6.81 -7.41 0.82
C GLN A 35 6.74 -8.68 1.66
N ARG A 36 7.05 -8.53 2.94
CA ARG A 36 7.03 -9.65 3.87
C ARG A 36 5.61 -10.05 4.28
N GLN A 37 4.73 -9.06 4.43
CA GLN A 37 3.35 -9.35 4.84
C GLN A 37 2.54 -9.95 3.69
N PHE A 38 2.82 -9.52 2.47
CA PHE A 38 2.11 -10.00 1.30
C PHE A 38 2.94 -11.01 0.51
N ARG A 39 4.20 -11.18 0.91
CA ARG A 39 5.08 -12.13 0.22
C ARG A 39 5.15 -11.80 -1.26
N ILE A 40 5.50 -10.55 -1.56
CA ILE A 40 5.58 -10.10 -2.95
C ILE A 40 6.89 -9.36 -3.21
N GLY A 41 7.40 -9.49 -4.44
CA GLY A 41 8.64 -8.83 -4.80
C GLY A 41 8.59 -7.34 -4.53
N TYR A 42 9.74 -6.76 -4.21
CA TYR A 42 9.82 -5.33 -3.92
C TYR A 42 9.06 -4.51 -4.96
N ASN A 43 9.35 -4.77 -6.23
CA ASN A 43 8.71 -4.05 -7.33
C ASN A 43 7.20 -4.06 -7.14
N ARG A 44 6.68 -5.21 -6.74
CA ARG A 44 5.24 -5.36 -6.53
C ARG A 44 4.79 -4.48 -5.37
N ALA A 45 5.50 -4.57 -4.25
CA ALA A 45 5.17 -3.77 -3.07
C ALA A 45 5.12 -2.30 -3.43
N ALA A 46 6.16 -1.82 -4.09
CA ALA A 46 6.23 -0.43 -4.51
C ALA A 46 5.11 -0.12 -5.50
N ARG A 47 4.71 -1.14 -6.26
CA ARG A 47 3.62 -0.99 -7.22
C ARG A 47 2.30 -0.77 -6.50
N ILE A 48 2.01 -1.65 -5.55
CA ILE A 48 0.80 -1.55 -4.76
C ILE A 48 0.76 -0.21 -4.02
N ILE A 49 1.89 0.12 -3.40
CA ILE A 49 2.02 1.37 -2.68
C ILE A 49 1.94 2.54 -3.66
N GLU A 50 2.42 2.32 -4.87
CA GLU A 50 2.39 3.34 -5.90
C GLU A 50 0.93 3.67 -6.22
N GLN A 51 0.16 2.62 -6.51
CA GLN A 51 -1.24 2.78 -6.79
C GLN A 51 -1.93 3.44 -5.60
N MET A 52 -1.42 3.17 -4.40
CA MET A 52 -1.98 3.77 -3.19
C MET A 52 -1.80 5.27 -3.27
N GLU A 53 -0.65 5.69 -3.78
CA GLU A 53 -0.37 7.12 -3.94
C GLU A 53 -1.30 7.71 -5.00
N ALA A 54 -1.66 6.88 -5.98
CA ALA A 54 -2.56 7.31 -7.04
C ALA A 54 -4.01 7.39 -6.56
N GLN A 55 -4.43 6.42 -5.77
CA GLN A 55 -5.80 6.37 -5.25
C GLN A 55 -6.00 7.37 -4.11
N GLY A 56 -4.91 7.80 -3.48
CA GLY A 56 -5.01 8.74 -2.39
C GLY A 56 -4.90 8.05 -1.04
N ILE A 57 -4.39 6.83 -1.06
CA ILE A 57 -4.22 6.02 0.14
C ILE A 57 -2.93 6.36 0.85
N VAL A 58 -1.88 6.60 0.07
CA VAL A 58 -0.58 6.93 0.63
C VAL A 58 -0.13 8.32 0.17
N SER A 59 0.81 8.91 0.91
CA SER A 59 1.32 10.24 0.57
C SER A 59 2.60 10.16 -0.26
N GLU A 60 3.12 11.32 -0.64
CA GLU A 60 4.32 11.38 -1.44
C GLU A 60 5.52 10.86 -0.64
N GLN A 61 6.33 10.03 -1.29
CA GLN A 61 7.50 9.45 -0.63
C GLN A 61 8.54 10.52 -0.34
N GLY A 62 9.17 10.40 0.82
CA GLY A 62 10.19 11.35 1.23
C GLY A 62 11.29 10.68 2.04
N HIS A 63 10.88 9.88 3.02
CA HIS A 63 11.82 9.17 3.87
C HIS A 63 12.50 8.06 3.08
N ASN A 64 13.03 7.06 3.78
CA ASN A 64 13.70 5.94 3.12
C ASN A 64 12.82 4.70 3.12
N GLY A 65 12.03 4.53 2.06
CA GLY A 65 11.17 3.36 1.95
C GLY A 65 9.91 3.46 2.80
N ASN A 66 9.65 4.63 3.37
CA ASN A 66 8.46 4.81 4.21
C ASN A 66 7.42 5.70 3.54
N ARG A 67 6.21 5.15 3.38
CA ARG A 67 5.11 5.89 2.78
C ARG A 67 4.08 6.25 3.85
N GLU A 68 3.51 7.45 3.76
CA GLU A 68 2.52 7.88 4.74
C GLU A 68 1.13 7.39 4.37
N VAL A 69 0.42 6.83 5.33
CA VAL A 69 -0.92 6.33 5.10
C VAL A 69 -1.95 7.40 5.44
N LEU A 70 -2.72 7.81 4.44
CA LEU A 70 -3.72 8.84 4.61
C LEU A 70 -5.14 8.26 4.57
N ALA A 71 -5.25 7.03 4.07
CA ALA A 71 -6.54 6.37 3.98
C ALA A 71 -6.78 5.51 5.22
N PRO A 72 -7.96 5.63 5.85
CA PRO A 72 -8.29 4.87 7.06
C PRO A 72 -8.73 3.44 6.75
N PRO A 73 -8.64 2.55 7.77
CA PRO A 73 -9.02 1.14 7.62
C PRO A 73 -10.42 0.97 7.05
N PRO A 74 -10.75 -0.25 6.58
CA PRO A 74 -12.05 -0.55 5.99
C PRO A 74 -13.17 -0.52 7.04
N PHE A 75 -12.85 -0.95 8.25
CA PHE A 75 -13.82 -0.98 9.34
C PHE A 75 -13.67 0.24 10.23
N ASP A 76 -13.36 1.38 9.62
CA ASP A 76 -13.19 2.62 10.37
C ASP A 76 -13.95 3.77 9.70
N HIS A 7 -12.89 -5.16 -8.40
CA HIS A 7 -13.34 -3.78 -8.75
C HIS A 7 -12.47 -3.19 -9.85
N GLY A 8 -11.22 -2.86 -9.51
CA GLY A 8 -10.31 -2.28 -10.48
C GLY A 8 -9.04 -3.09 -10.62
N ALA A 9 -9.16 -4.41 -10.57
CA ALA A 9 -8.01 -5.30 -10.69
C ALA A 9 -7.28 -5.07 -12.02
N GLU A 10 -7.99 -4.51 -12.99
CA GLU A 10 -7.41 -4.24 -14.30
C GLU A 10 -6.14 -3.40 -14.18
N GLU A 11 -6.15 -2.47 -13.23
CA GLU A 11 -5.00 -1.59 -13.02
C GLU A 11 -4.40 -1.82 -11.64
N LEU A 12 -5.26 -2.05 -10.65
CA LEU A 12 -4.83 -2.30 -9.29
C LEU A 12 -4.19 -3.67 -9.15
N ASP A 13 -3.41 -3.83 -8.09
CA ASP A 13 -2.73 -5.09 -7.82
C ASP A 13 -3.69 -6.07 -7.13
N PRO A 14 -3.58 -7.37 -7.44
CA PRO A 14 -4.45 -8.40 -6.84
C PRO A 14 -4.49 -8.33 -5.32
N LEU A 15 -3.41 -7.81 -4.73
CA LEU A 15 -3.30 -7.69 -3.28
C LEU A 15 -3.57 -6.26 -2.81
N PHE A 16 -3.83 -5.37 -3.74
CA PHE A 16 -4.06 -3.96 -3.41
C PHE A 16 -5.04 -3.79 -2.25
N ASP A 17 -6.23 -4.32 -2.39
CA ASP A 17 -7.25 -4.19 -1.35
C ASP A 17 -6.68 -4.66 0.00
N GLN A 18 -5.94 -5.75 -0.03
CA GLN A 18 -5.31 -6.28 1.17
C GLN A 18 -4.26 -5.30 1.69
N ALA A 19 -3.46 -4.76 0.77
CA ALA A 19 -2.40 -3.82 1.12
C ALA A 19 -2.97 -2.53 1.69
N VAL A 20 -4.06 -2.04 1.10
CA VAL A 20 -4.69 -0.83 1.59
C VAL A 20 -5.16 -1.03 3.02
N GLN A 21 -5.84 -2.16 3.25
CA GLN A 21 -6.32 -2.49 4.58
C GLN A 21 -5.13 -2.70 5.52
N PHE A 22 -4.03 -3.21 4.96
CA PHE A 22 -2.82 -3.45 5.72
C PHE A 22 -2.21 -2.14 6.19
N VAL A 23 -2.04 -1.21 5.25
CA VAL A 23 -1.45 0.08 5.56
C VAL A 23 -2.38 0.92 6.44
N THR A 24 -3.68 0.81 6.17
CA THR A 24 -4.67 1.55 6.94
C THR A 24 -4.78 0.98 8.35
N GLU A 25 -4.91 -0.34 8.44
CA GLU A 25 -5.00 -1.01 9.73
C GLU A 25 -3.75 -0.72 10.56
N LYS A 26 -2.61 -0.64 9.89
CA LYS A 26 -1.34 -0.36 10.55
C LYS A 26 -1.04 1.14 10.55
N ARG A 27 -1.86 1.91 9.85
CA ARG A 27 -1.66 3.36 9.75
C ARG A 27 -0.27 3.67 9.19
N LYS A 28 0.34 2.68 8.55
CA LYS A 28 1.66 2.84 7.97
C LYS A 28 1.80 2.02 6.69
N ALA A 29 2.33 2.64 5.64
CA ALA A 29 2.51 1.96 4.37
C ALA A 29 3.99 1.82 4.04
N SER A 30 4.47 0.58 3.96
CA SER A 30 5.87 0.34 3.65
C SER A 30 6.02 -0.72 2.57
N ILE A 31 6.95 -0.49 1.65
CA ILE A 31 7.20 -1.43 0.57
C ILE A 31 7.78 -2.73 1.12
N SER A 32 8.72 -2.59 2.06
CA SER A 32 9.33 -3.75 2.69
C SER A 32 8.31 -4.47 3.56
N GLY A 33 7.47 -3.68 4.23
CA GLY A 33 6.45 -4.26 5.07
C GLY A 33 5.47 -5.10 4.29
N VAL A 34 4.93 -4.53 3.21
CA VAL A 34 4.00 -5.24 2.36
C VAL A 34 4.68 -6.41 1.67
N GLN A 35 5.98 -6.26 1.44
CA GLN A 35 6.74 -7.32 0.79
C GLN A 35 6.71 -8.58 1.63
N ARG A 36 7.11 -8.45 2.88
CA ARG A 36 7.13 -9.58 3.81
C ARG A 36 5.73 -9.91 4.31
N GLN A 37 4.86 -8.91 4.39
CA GLN A 37 3.49 -9.13 4.86
C GLN A 37 2.63 -9.82 3.81
N PHE A 38 2.86 -9.46 2.54
CA PHE A 38 2.10 -10.02 1.43
C PHE A 38 2.90 -11.07 0.67
N ARG A 39 4.17 -11.24 1.04
CA ARG A 39 5.02 -12.22 0.38
C ARG A 39 5.11 -11.94 -1.11
N ILE A 40 5.37 -10.69 -1.46
CA ILE A 40 5.48 -10.28 -2.85
C ILE A 40 6.80 -9.59 -3.12
N GLY A 41 7.22 -9.56 -4.39
CA GLY A 41 8.46 -8.92 -4.75
C GLY A 41 8.44 -7.42 -4.48
N TYR A 42 9.60 -6.86 -4.14
CA TYR A 42 9.69 -5.44 -3.86
C TYR A 42 8.97 -4.61 -4.91
N ASN A 43 9.26 -4.86 -6.17
CA ASN A 43 8.62 -4.12 -7.27
C ASN A 43 7.11 -4.13 -7.09
N ARG A 44 6.58 -5.29 -6.71
CA ARG A 44 5.15 -5.43 -6.50
C ARG A 44 4.71 -4.55 -5.33
N ALA A 45 5.42 -4.65 -4.20
CA ALA A 45 5.10 -3.87 -3.03
C ALA A 45 5.05 -2.38 -3.37
N ALA A 46 6.08 -1.90 -4.05
CA ALA A 46 6.14 -0.50 -4.45
C ALA A 46 5.02 -0.19 -5.42
N ARG A 47 4.61 -1.19 -6.18
CA ARG A 47 3.53 -1.04 -7.14
C ARG A 47 2.20 -0.83 -6.43
N ILE A 48 1.91 -1.72 -5.48
CA ILE A 48 0.69 -1.64 -4.69
C ILE A 48 0.64 -0.31 -3.95
N ILE A 49 1.79 0.07 -3.40
CA ILE A 49 1.90 1.33 -2.67
C ILE A 49 1.80 2.50 -3.65
N GLU A 50 2.33 2.28 -4.86
CA GLU A 50 2.28 3.30 -5.89
C GLU A 50 0.83 3.60 -6.24
N GLN A 51 0.06 2.54 -6.52
CA GLN A 51 -1.34 2.69 -6.83
C GLN A 51 -2.06 3.36 -5.66
N MET A 52 -1.62 3.00 -4.44
CA MET A 52 -2.20 3.59 -3.24
C MET A 52 -2.05 5.11 -3.30
N GLU A 53 -0.91 5.55 -3.82
CA GLU A 53 -0.64 6.97 -3.97
C GLU A 53 -1.55 7.54 -5.04
N ALA A 54 -1.85 6.72 -6.04
CA ALA A 54 -2.71 7.12 -7.15
C ALA A 54 -4.18 7.21 -6.71
N GLN A 55 -4.54 6.41 -5.71
CA GLN A 55 -5.91 6.37 -5.20
C GLN A 55 -6.12 7.37 -4.06
N GLY A 56 -5.03 7.77 -3.42
CA GLY A 56 -5.13 8.71 -2.31
C GLY A 56 -4.98 8.03 -0.98
N ILE A 57 -4.50 6.78 -1.03
CA ILE A 57 -4.30 5.98 0.16
C ILE A 57 -2.96 6.31 0.81
N VAL A 58 -1.94 6.55 0.00
CA VAL A 58 -0.61 6.88 0.51
C VAL A 58 -0.16 8.26 0.03
N SER A 59 0.78 8.86 0.75
CA SER A 59 1.28 10.18 0.40
C SER A 59 2.63 10.10 -0.30
N GLU A 60 3.18 11.26 -0.64
CA GLU A 60 4.46 11.33 -1.33
C GLU A 60 5.58 10.84 -0.40
N GLN A 61 6.45 10.01 -0.94
CA GLN A 61 7.56 9.46 -0.17
C GLN A 61 8.56 10.55 0.20
N GLY A 62 9.09 10.45 1.42
CA GLY A 62 10.05 11.42 1.90
C GLY A 62 11.27 10.76 2.50
N HIS A 63 11.02 9.75 3.34
CA HIS A 63 12.10 9.01 3.99
C HIS A 63 12.65 7.94 3.05
N ASN A 64 13.25 6.90 3.61
CA ASN A 64 13.81 5.82 2.80
C ASN A 64 12.86 4.63 2.72
N GLY A 65 12.02 4.63 1.68
CA GLY A 65 11.07 3.56 1.49
C GLY A 65 9.85 3.63 2.39
N ASN A 66 9.68 4.76 3.07
CA ASN A 66 8.53 4.93 3.96
C ASN A 66 7.43 5.76 3.30
N ARG A 67 6.24 5.17 3.21
CA ARG A 67 5.09 5.84 2.61
C ARG A 67 4.08 6.24 3.69
N GLU A 68 3.49 7.42 3.57
CA GLU A 68 2.51 7.88 4.55
C GLU A 68 1.12 7.38 4.22
N VAL A 69 0.43 6.83 5.21
CA VAL A 69 -0.93 6.35 5.01
C VAL A 69 -1.93 7.43 5.34
N LEU A 70 -2.72 7.82 4.35
CA LEU A 70 -3.72 8.86 4.53
C LEU A 70 -5.13 8.28 4.52
N ALA A 71 -5.26 7.02 4.13
CA ALA A 71 -6.54 6.35 4.12
C ALA A 71 -6.73 5.51 5.38
N PRO A 72 -7.89 5.64 6.05
CA PRO A 72 -8.17 4.91 7.28
C PRO A 72 -8.68 3.48 7.03
N PRO A 73 -8.55 2.61 8.04
CA PRO A 73 -8.99 1.21 7.93
C PRO A 73 -10.45 1.09 7.48
N PRO A 74 -10.86 -0.11 7.05
CA PRO A 74 -12.22 -0.36 6.58
C PRO A 74 -13.23 -0.35 7.73
N PHE A 75 -12.81 -0.86 8.88
CA PHE A 75 -13.68 -0.90 10.05
C PHE A 75 -12.91 -0.50 11.31
N ASP A 76 -11.98 0.44 11.14
CA ASP A 76 -11.18 0.92 12.27
C ASP A 76 -10.72 2.36 12.03
N HIS A 7 -13.46 -3.69 -9.24
CA HIS A 7 -13.50 -2.27 -9.66
C HIS A 7 -12.50 -2.01 -10.80
N GLY A 8 -11.21 -2.16 -10.50
CA GLY A 8 -10.20 -1.94 -11.51
C GLY A 8 -8.98 -2.82 -11.29
N ALA A 9 -9.18 -4.14 -11.36
CA ALA A 9 -8.09 -5.08 -11.17
C ALA A 9 -7.06 -4.96 -12.29
N GLU A 10 -7.52 -4.53 -13.45
CA GLU A 10 -6.63 -4.38 -14.61
C GLU A 10 -5.49 -3.42 -14.29
N GLU A 11 -5.72 -2.50 -13.37
CA GLU A 11 -4.71 -1.52 -12.97
C GLU A 11 -4.23 -1.78 -11.56
N LEU A 12 -5.16 -2.16 -10.68
CA LEU A 12 -4.83 -2.43 -9.28
C LEU A 12 -4.22 -3.81 -9.12
N ASP A 13 -3.52 -4.02 -8.01
CA ASP A 13 -2.89 -5.30 -7.73
C ASP A 13 -3.87 -6.21 -6.97
N PRO A 14 -3.83 -7.53 -7.25
CA PRO A 14 -4.72 -8.49 -6.59
C PRO A 14 -4.66 -8.38 -5.07
N LEU A 15 -3.56 -7.85 -4.55
CA LEU A 15 -3.38 -7.70 -3.11
C LEU A 15 -3.62 -6.26 -2.67
N PHE A 16 -3.85 -5.36 -3.61
CA PHE A 16 -4.05 -3.95 -3.28
C PHE A 16 -5.01 -3.76 -2.12
N ASP A 17 -6.22 -4.30 -2.26
CA ASP A 17 -7.22 -4.16 -1.20
C ASP A 17 -6.64 -4.60 0.14
N GLN A 18 -5.90 -5.69 0.11
CA GLN A 18 -5.27 -6.21 1.31
C GLN A 18 -4.20 -5.24 1.82
N ALA A 19 -3.41 -4.71 0.89
CA ALA A 19 -2.35 -3.77 1.22
C ALA A 19 -2.92 -2.48 1.80
N VAL A 20 -4.02 -2.00 1.23
CA VAL A 20 -4.66 -0.79 1.73
C VAL A 20 -5.11 -1.01 3.17
N GLN A 21 -5.77 -2.14 3.40
CA GLN A 21 -6.22 -2.48 4.73
C GLN A 21 -5.02 -2.66 5.65
N PHE A 22 -3.93 -3.17 5.08
CA PHE A 22 -2.69 -3.38 5.82
C PHE A 22 -2.10 -2.06 6.29
N VAL A 23 -1.94 -1.13 5.35
CA VAL A 23 -1.38 0.17 5.65
C VAL A 23 -2.32 1.00 6.52
N THR A 24 -3.61 0.86 6.28
CA THR A 24 -4.61 1.58 7.04
C THR A 24 -4.70 1.04 8.47
N GLU A 25 -4.82 -0.28 8.59
CA GLU A 25 -4.88 -0.93 9.89
C GLU A 25 -3.63 -0.63 10.69
N LYS A 26 -2.49 -0.53 9.99
CA LYS A 26 -1.22 -0.25 10.63
C LYS A 26 -0.90 1.24 10.61
N ARG A 27 -1.75 2.01 9.91
CA ARG A 27 -1.55 3.45 9.79
C ARG A 27 -0.17 3.76 9.22
N LYS A 28 0.44 2.77 8.57
CA LYS A 28 1.76 2.93 7.98
C LYS A 28 1.88 2.10 6.71
N ALA A 29 2.39 2.72 5.65
CA ALA A 29 2.56 2.03 4.38
C ALA A 29 4.04 1.90 4.02
N SER A 30 4.52 0.66 3.96
CA SER A 30 5.92 0.41 3.62
C SER A 30 6.05 -0.67 2.56
N ILE A 31 6.95 -0.45 1.61
CA ILE A 31 7.17 -1.42 0.55
C ILE A 31 7.79 -2.70 1.12
N SER A 32 8.69 -2.52 2.09
CA SER A 32 9.33 -3.64 2.75
C SER A 32 8.32 -4.38 3.62
N GLY A 33 7.47 -3.62 4.30
CA GLY A 33 6.46 -4.21 5.14
C GLY A 33 5.50 -5.06 4.34
N VAL A 34 5.00 -4.49 3.23
CA VAL A 34 4.08 -5.23 2.37
C VAL A 34 4.77 -6.39 1.70
N GLN A 35 6.08 -6.25 1.47
CA GLN A 35 6.84 -7.32 0.84
C GLN A 35 6.79 -8.57 1.70
N ARG A 36 7.18 -8.42 2.96
CA ARG A 36 7.19 -9.53 3.90
C ARG A 36 5.79 -9.87 4.39
N GLN A 37 4.92 -8.86 4.46
CA GLN A 37 3.54 -9.07 4.92
C GLN A 37 2.69 -9.77 3.86
N PHE A 38 2.91 -9.40 2.59
CA PHE A 38 2.17 -9.97 1.49
C PHE A 38 2.98 -11.01 0.71
N ARG A 39 4.25 -11.18 1.09
CA ARG A 39 5.11 -12.14 0.43
C ARG A 39 5.16 -11.88 -1.07
N ILE A 40 5.52 -10.65 -1.43
CA ILE A 40 5.59 -10.25 -2.83
C ILE A 40 6.90 -9.54 -3.14
N GLY A 41 7.28 -9.55 -4.42
CA GLY A 41 8.51 -8.90 -4.82
C GLY A 41 8.46 -7.40 -4.59
N TYR A 42 9.62 -6.82 -4.29
CA TYR A 42 9.70 -5.38 -4.03
C TYR A 42 8.92 -4.58 -5.07
N ASN A 43 9.18 -4.85 -6.34
CA ASN A 43 8.50 -4.13 -7.42
C ASN A 43 7.00 -4.16 -7.22
N ARG A 44 6.48 -5.30 -6.79
CA ARG A 44 5.04 -5.43 -6.55
C ARG A 44 4.63 -4.55 -5.39
N ALA A 45 5.37 -4.62 -4.28
CA ALA A 45 5.08 -3.81 -3.11
C ALA A 45 5.00 -2.34 -3.48
N ALA A 46 6.01 -1.87 -4.20
CA ALA A 46 6.04 -0.47 -4.63
C ALA A 46 4.88 -0.20 -5.59
N ARG A 47 4.47 -1.23 -6.31
CA ARG A 47 3.37 -1.11 -7.26
C ARG A 47 2.06 -0.90 -6.50
N ILE A 48 1.82 -1.75 -5.52
CA ILE A 48 0.61 -1.65 -4.70
C ILE A 48 0.58 -0.31 -3.98
N ILE A 49 1.73 0.05 -3.40
CA ILE A 49 1.87 1.31 -2.70
C ILE A 49 1.76 2.48 -3.70
N GLU A 50 2.21 2.24 -4.92
CA GLU A 50 2.14 3.24 -5.97
C GLU A 50 0.68 3.55 -6.25
N GLN A 51 -0.10 2.50 -6.50
CA GLN A 51 -1.52 2.65 -6.76
C GLN A 51 -2.18 3.32 -5.57
N MET A 52 -1.66 3.05 -4.37
CA MET A 52 -2.19 3.66 -3.16
C MET A 52 -2.03 5.17 -3.26
N GLU A 53 -0.89 5.60 -3.78
CA GLU A 53 -0.62 7.01 -3.96
C GLU A 53 -1.56 7.59 -5.00
N ALA A 54 -1.92 6.77 -5.99
CA ALA A 54 -2.83 7.20 -7.05
C ALA A 54 -4.27 7.28 -6.55
N GLN A 55 -4.69 6.31 -5.76
CA GLN A 55 -6.04 6.28 -5.22
C GLN A 55 -6.23 7.28 -4.09
N GLY A 56 -5.14 7.71 -3.48
CA GLY A 56 -5.22 8.65 -2.37
C GLY A 56 -5.08 7.98 -1.03
N ILE A 57 -4.59 6.75 -1.05
CA ILE A 57 -4.39 5.95 0.15
C ILE A 57 -3.08 6.30 0.84
N VAL A 58 -2.05 6.55 0.04
CA VAL A 58 -0.73 6.89 0.58
C VAL A 58 -0.28 8.27 0.09
N SER A 59 0.72 8.83 0.77
CA SER A 59 1.25 10.14 0.40
C SER A 59 2.60 10.01 -0.28
N GLU A 60 3.20 11.15 -0.63
CA GLU A 60 4.50 11.16 -1.28
C GLU A 60 5.57 10.63 -0.32
N GLN A 61 6.39 9.71 -0.83
CA GLN A 61 7.44 9.12 -0.03
C GLN A 61 8.53 10.14 0.31
N GLY A 62 8.88 10.21 1.59
CA GLY A 62 9.91 11.13 2.03
C GLY A 62 11.10 10.41 2.62
N HIS A 63 10.82 9.44 3.49
CA HIS A 63 11.89 8.65 4.12
C HIS A 63 12.42 7.62 3.13
N ASN A 64 13.10 6.61 3.64
CA ASN A 64 13.66 5.56 2.79
C ASN A 64 12.67 4.42 2.60
N GLY A 65 11.86 4.51 1.54
CA GLY A 65 10.89 3.48 1.26
C GLY A 65 9.65 3.55 2.14
N ASN A 66 9.51 4.63 2.90
CA ASN A 66 8.36 4.79 3.79
C ASN A 66 7.30 5.71 3.19
N ARG A 67 6.10 5.18 3.03
CA ARG A 67 4.98 5.96 2.48
C ARG A 67 3.98 6.29 3.59
N GLU A 68 3.44 7.51 3.55
CA GLU A 68 2.48 7.94 4.56
C GLU A 68 1.09 7.42 4.24
N VAL A 69 0.42 6.86 5.25
CA VAL A 69 -0.94 6.35 5.07
C VAL A 69 -1.95 7.44 5.37
N LEU A 70 -2.74 7.81 4.37
CA LEU A 70 -3.74 8.85 4.52
C LEU A 70 -5.15 8.26 4.57
N ALA A 71 -5.28 7.02 4.08
CA ALA A 71 -6.57 6.35 4.09
C ALA A 71 -6.73 5.55 5.37
N PRO A 72 -7.89 5.68 6.06
CA PRO A 72 -8.15 4.97 7.30
C PRO A 72 -8.61 3.53 7.10
N PRO A 73 -8.47 2.69 8.14
CA PRO A 73 -8.87 1.28 8.07
C PRO A 73 -10.31 1.10 7.59
N PRO A 74 -10.63 -0.09 7.07
CA PRO A 74 -11.98 -0.40 6.57
C PRO A 74 -12.99 -0.59 7.69
N PHE A 75 -12.54 -1.19 8.79
CA PHE A 75 -13.39 -1.44 9.94
C PHE A 75 -13.01 -0.55 11.11
N ASP A 76 -13.01 0.76 10.89
CA ASP A 76 -12.66 1.71 11.94
C ASP A 76 -13.76 2.76 12.11
N HIS A 7 -12.94 -3.21 -8.71
CA HIS A 7 -13.39 -2.22 -9.73
C HIS A 7 -12.34 -2.04 -10.81
N GLY A 8 -11.15 -1.59 -10.43
CA GLY A 8 -10.08 -1.39 -11.38
C GLY A 8 -8.94 -2.37 -11.19
N ALA A 9 -9.27 -3.65 -11.14
CA ALA A 9 -8.26 -4.70 -10.95
C ALA A 9 -7.23 -4.66 -12.07
N GLU A 10 -7.65 -4.24 -13.25
CA GLU A 10 -6.76 -4.17 -14.40
C GLU A 10 -5.56 -3.26 -14.11
N GLU A 11 -5.76 -2.30 -13.21
CA GLU A 11 -4.69 -1.38 -12.84
C GLU A 11 -4.20 -1.63 -11.41
N LEU A 12 -5.10 -2.15 -10.58
CA LEU A 12 -4.76 -2.44 -9.18
C LEU A 12 -4.15 -3.83 -9.05
N ASP A 13 -3.43 -4.05 -7.95
CA ASP A 13 -2.80 -5.34 -7.68
C ASP A 13 -3.77 -6.27 -6.95
N PRO A 14 -3.71 -7.58 -7.23
CA PRO A 14 -4.59 -8.56 -6.59
C PRO A 14 -4.57 -8.46 -5.07
N LEU A 15 -3.48 -7.92 -4.52
CA LEU A 15 -3.34 -7.78 -3.08
C LEU A 15 -3.60 -6.35 -2.63
N PHE A 16 -3.86 -5.46 -3.57
CA PHE A 16 -4.09 -4.05 -3.24
C PHE A 16 -5.05 -3.88 -2.08
N ASP A 17 -6.25 -4.44 -2.21
CA ASP A 17 -7.26 -4.32 -1.16
C ASP A 17 -6.70 -4.73 0.19
N GLN A 18 -5.97 -5.84 0.21
CA GLN A 18 -5.36 -6.31 1.44
C GLN A 18 -4.26 -5.35 1.90
N ALA A 19 -3.52 -4.82 0.93
CA ALA A 19 -2.44 -3.88 1.21
C ALA A 19 -3.00 -2.59 1.81
N VAL A 20 -4.12 -2.13 1.27
CA VAL A 20 -4.76 -0.93 1.78
C VAL A 20 -5.17 -1.15 3.22
N GLN A 21 -5.81 -2.28 3.47
CA GLN A 21 -6.24 -2.63 4.82
C GLN A 21 -5.02 -2.79 5.73
N PHE A 22 -3.94 -3.27 5.14
CA PHE A 22 -2.69 -3.49 5.86
C PHE A 22 -2.10 -2.15 6.30
N VAL A 23 -1.96 -1.23 5.34
CA VAL A 23 -1.41 0.08 5.61
C VAL A 23 -2.34 0.92 6.47
N THR A 24 -3.64 0.80 6.22
CA THR A 24 -4.63 1.54 6.99
C THR A 24 -4.71 1.00 8.40
N GLU A 25 -4.81 -0.32 8.53
CA GLU A 25 -4.88 -0.96 9.82
C GLU A 25 -3.64 -0.63 10.64
N LYS A 26 -2.50 -0.55 9.97
CA LYS A 26 -1.24 -0.24 10.62
C LYS A 26 -0.96 1.26 10.58
N ARG A 27 -1.80 2.00 9.87
CA ARG A 27 -1.61 3.45 9.73
C ARG A 27 -0.24 3.77 9.14
N LYS A 28 0.39 2.77 8.52
CA LYS A 28 1.70 2.95 7.91
C LYS A 28 1.83 2.10 6.65
N ALA A 29 2.34 2.69 5.59
CA ALA A 29 2.52 1.98 4.33
C ALA A 29 4.00 1.85 3.99
N SER A 30 4.49 0.61 3.94
CA SER A 30 5.89 0.36 3.64
C SER A 30 6.04 -0.74 2.59
N ILE A 31 7.02 -0.57 1.71
CA ILE A 31 7.28 -1.56 0.67
C ILE A 31 7.89 -2.81 1.28
N SER A 32 8.77 -2.62 2.25
CA SER A 32 9.40 -3.74 2.94
C SER A 32 8.36 -4.51 3.75
N GLY A 33 7.51 -3.77 4.46
CA GLY A 33 6.48 -4.38 5.25
C GLY A 33 5.53 -5.20 4.41
N VAL A 34 5.01 -4.60 3.34
CA VAL A 34 4.09 -5.30 2.45
C VAL A 34 4.78 -6.45 1.75
N GLN A 35 6.07 -6.30 1.48
CA GLN A 35 6.83 -7.36 0.83
C GLN A 35 6.79 -8.63 1.66
N ARG A 36 7.14 -8.48 2.94
CA ARG A 36 7.16 -9.60 3.87
C ARG A 36 5.76 -10.01 4.31
N GLN A 37 4.86 -9.03 4.48
CA GLN A 37 3.50 -9.33 4.93
C GLN A 37 2.67 -9.94 3.81
N PHE A 38 2.92 -9.53 2.58
CA PHE A 38 2.20 -10.03 1.42
C PHE A 38 3.01 -11.05 0.64
N ARG A 39 4.28 -11.22 1.01
CA ARG A 39 5.15 -12.16 0.32
C ARG A 39 5.19 -11.86 -1.17
N ILE A 40 5.47 -10.60 -1.50
CA ILE A 40 5.52 -10.18 -2.88
C ILE A 40 6.84 -9.46 -3.18
N GLY A 41 7.30 -9.58 -4.42
CA GLY A 41 8.53 -8.93 -4.82
C GLY A 41 8.49 -7.44 -4.56
N TYR A 42 9.65 -6.85 -4.31
CA TYR A 42 9.75 -5.43 -4.03
C TYR A 42 8.94 -4.62 -5.04
N ASN A 43 9.21 -4.81 -6.32
CA ASN A 43 8.51 -4.09 -7.38
C ASN A 43 7.00 -4.17 -7.18
N ARG A 44 6.53 -5.32 -6.71
CA ARG A 44 5.11 -5.50 -6.46
C ARG A 44 4.66 -4.59 -5.33
N ALA A 45 5.40 -4.61 -4.23
CA ALA A 45 5.09 -3.76 -3.07
C ALA A 45 4.99 -2.31 -3.49
N ALA A 46 6.00 -1.84 -4.21
CA ALA A 46 6.01 -0.47 -4.69
C ALA A 46 4.86 -0.22 -5.64
N ARG A 47 4.44 -1.28 -6.34
CA ARG A 47 3.33 -1.19 -7.28
C ARG A 47 2.02 -0.97 -6.52
N ILE A 48 1.79 -1.80 -5.51
CA ILE A 48 0.59 -1.70 -4.69
C ILE A 48 0.57 -0.34 -3.99
N ILE A 49 1.71 0.03 -3.45
CA ILE A 49 1.84 1.31 -2.76
C ILE A 49 1.72 2.46 -3.77
N GLU A 50 2.19 2.21 -4.99
CA GLU A 50 2.12 3.21 -6.05
C GLU A 50 0.65 3.51 -6.36
N GLN A 51 -0.11 2.45 -6.58
CA GLN A 51 -1.53 2.59 -6.85
C GLN A 51 -2.20 3.28 -5.67
N MET A 52 -1.72 2.95 -4.47
CA MET A 52 -2.25 3.55 -3.25
C MET A 52 -2.09 5.07 -3.33
N GLU A 53 -0.98 5.49 -3.91
CA GLU A 53 -0.72 6.92 -4.08
C GLU A 53 -1.68 7.48 -5.12
N ALA A 54 -2.03 6.64 -6.10
CA ALA A 54 -2.95 7.02 -7.15
C ALA A 54 -4.39 7.09 -6.65
N GLN A 55 -4.70 6.26 -5.66
CA GLN A 55 -6.05 6.22 -5.09
C GLN A 55 -6.22 7.22 -3.95
N GLY A 56 -5.11 7.67 -3.37
CA GLY A 56 -5.18 8.63 -2.28
C GLY A 56 -4.97 7.96 -0.92
N ILE A 57 -4.48 6.72 -0.97
CA ILE A 57 -4.22 5.95 0.23
C ILE A 57 -2.86 6.27 0.82
N VAL A 58 -1.88 6.54 -0.05
CA VAL A 58 -0.54 6.87 0.42
C VAL A 58 -0.10 8.25 -0.08
N SER A 59 0.79 8.89 0.69
CA SER A 59 1.28 10.22 0.34
C SER A 59 2.62 10.14 -0.37
N GLU A 60 3.18 11.31 -0.70
CA GLU A 60 4.47 11.37 -1.38
C GLU A 60 5.57 10.84 -0.47
N GLN A 61 6.42 9.99 -1.03
CA GLN A 61 7.51 9.40 -0.28
C GLN A 61 8.56 10.45 0.09
N GLY A 62 8.96 10.45 1.35
CA GLY A 62 9.95 11.39 1.82
C GLY A 62 11.11 10.70 2.52
N HIS A 63 10.78 9.74 3.37
CA HIS A 63 11.79 8.99 4.10
C HIS A 63 12.44 7.95 3.18
N ASN A 64 12.98 6.88 3.76
CA ASN A 64 13.62 5.82 2.98
C ASN A 64 12.71 4.62 2.83
N GLY A 65 11.92 4.59 1.75
CA GLY A 65 11.03 3.48 1.50
C GLY A 65 9.77 3.52 2.35
N ASN A 66 9.54 4.65 3.03
CA ASN A 66 8.36 4.78 3.88
C ASN A 66 7.33 5.73 3.26
N ARG A 67 6.13 5.22 3.05
CA ARG A 67 5.05 6.03 2.48
C ARG A 67 4.01 6.35 3.55
N GLU A 68 3.49 7.57 3.53
CA GLU A 68 2.51 7.98 4.52
C GLU A 68 1.11 7.47 4.16
N VAL A 69 0.44 6.89 5.14
CA VAL A 69 -0.91 6.38 4.93
C VAL A 69 -1.94 7.46 5.27
N LEU A 70 -2.72 7.85 4.28
CA LEU A 70 -3.72 8.89 4.46
C LEU A 70 -5.13 8.31 4.45
N ALA A 71 -5.24 7.03 4.12
CA ALA A 71 -6.53 6.35 4.09
C ALA A 71 -6.72 5.52 5.35
N PRO A 72 -7.86 5.67 6.04
CA PRO A 72 -8.14 4.92 7.27
C PRO A 72 -8.61 3.50 7.01
N PRO A 73 -8.48 2.63 8.04
CA PRO A 73 -8.89 1.22 7.93
C PRO A 73 -10.31 1.06 7.43
N PRO A 74 -10.66 -0.13 6.90
CA PRO A 74 -12.00 -0.42 6.39
C PRO A 74 -13.07 -0.28 7.47
N PHE A 75 -13.11 -1.24 8.38
CA PHE A 75 -14.10 -1.24 9.46
C PHE A 75 -13.40 -1.30 10.81
N ASP A 76 -12.76 -0.20 11.20
CA ASP A 76 -12.06 -0.13 12.48
C ASP A 76 -12.30 1.21 13.16
N HIS A 7 -12.67 0.52 -8.41
CA HIS A 7 -12.10 -0.84 -8.56
C HIS A 7 -11.50 -1.03 -9.95
N GLY A 8 -10.81 -2.15 -10.13
CA GLY A 8 -10.20 -2.44 -11.42
C GLY A 8 -8.88 -3.19 -11.29
N ALA A 9 -8.97 -4.51 -11.24
CA ALA A 9 -7.78 -5.34 -11.11
C ALA A 9 -6.81 -5.12 -12.26
N GLU A 10 -7.35 -4.67 -13.41
CA GLU A 10 -6.54 -4.41 -14.58
C GLU A 10 -5.44 -3.39 -14.28
N GLU A 11 -5.71 -2.50 -13.34
CA GLU A 11 -4.75 -1.47 -12.95
C GLU A 11 -4.25 -1.70 -11.53
N LEU A 12 -5.15 -2.11 -10.65
CA LEU A 12 -4.80 -2.37 -9.26
C LEU A 12 -4.21 -3.76 -9.09
N ASP A 13 -3.49 -3.97 -8.00
CA ASP A 13 -2.87 -5.24 -7.71
C ASP A 13 -3.85 -6.17 -6.98
N PRO A 14 -3.80 -7.48 -7.25
CA PRO A 14 -4.69 -8.45 -6.62
C PRO A 14 -4.67 -8.35 -5.09
N LEU A 15 -3.58 -7.83 -4.55
CA LEU A 15 -3.45 -7.68 -3.10
C LEU A 15 -3.69 -6.25 -2.65
N PHE A 16 -3.95 -5.35 -3.60
CA PHE A 16 -4.16 -3.94 -3.27
C PHE A 16 -5.12 -3.76 -2.10
N ASP A 17 -6.32 -4.30 -2.24
CA ASP A 17 -7.33 -4.16 -1.19
C ASP A 17 -6.78 -4.59 0.17
N GLN A 18 -6.04 -5.69 0.18
CA GLN A 18 -5.44 -6.19 1.41
C GLN A 18 -4.33 -5.25 1.87
N ALA A 19 -3.58 -4.71 0.91
CA ALA A 19 -2.48 -3.79 1.19
C ALA A 19 -3.01 -2.49 1.77
N VAL A 20 -4.12 -2.00 1.22
CA VAL A 20 -4.74 -0.79 1.72
C VAL A 20 -5.17 -1.00 3.17
N GLN A 21 -5.83 -2.12 3.39
CA GLN A 21 -6.29 -2.48 4.73
C GLN A 21 -5.08 -2.69 5.64
N PHE A 22 -3.99 -3.18 5.05
CA PHE A 22 -2.77 -3.43 5.79
C PHE A 22 -2.15 -2.11 6.26
N VAL A 23 -1.99 -1.18 5.32
CA VAL A 23 -1.41 0.12 5.63
C VAL A 23 -2.34 0.94 6.50
N THR A 24 -3.63 0.84 6.24
CA THR A 24 -4.63 1.57 7.02
C THR A 24 -4.71 1.01 8.43
N GLU A 25 -4.83 -0.32 8.53
CA GLU A 25 -4.91 -0.97 9.83
C GLU A 25 -3.65 -0.69 10.64
N LYS A 26 -2.52 -0.61 9.95
CA LYS A 26 -1.24 -0.34 10.61
C LYS A 26 -0.94 1.16 10.60
N ARG A 27 -1.77 1.93 9.91
CA ARG A 27 -1.56 3.38 9.81
C ARG A 27 -0.17 3.68 9.26
N LYS A 28 0.43 2.69 8.60
CA LYS A 28 1.75 2.84 8.01
C LYS A 28 1.87 2.03 6.73
N ALA A 29 2.37 2.67 5.67
CA ALA A 29 2.54 1.99 4.39
C ALA A 29 4.01 1.86 4.05
N SER A 30 4.49 0.61 3.96
CA SER A 30 5.88 0.36 3.64
C SER A 30 6.02 -0.70 2.55
N ILE A 31 6.89 -0.44 1.58
CA ILE A 31 7.13 -1.37 0.50
C ILE A 31 7.74 -2.65 1.04
N SER A 32 8.67 -2.50 1.97
CA SER A 32 9.33 -3.65 2.58
C SER A 32 8.34 -4.37 3.48
N GLY A 33 7.51 -3.60 4.18
CA GLY A 33 6.51 -4.18 5.06
C GLY A 33 5.52 -5.02 4.29
N VAL A 34 4.98 -4.46 3.22
CA VAL A 34 4.03 -5.17 2.37
C VAL A 34 4.70 -6.33 1.67
N GLN A 35 5.99 -6.19 1.41
CA GLN A 35 6.74 -7.24 0.75
C GLN A 35 6.73 -8.51 1.59
N ARG A 36 7.17 -8.38 2.84
CA ARG A 36 7.22 -9.50 3.75
C ARG A 36 5.82 -9.84 4.29
N GLN A 37 4.96 -8.83 4.36
CA GLN A 37 3.60 -9.03 4.86
C GLN A 37 2.73 -9.73 3.83
N PHE A 38 2.92 -9.40 2.56
CA PHE A 38 2.15 -9.96 1.47
C PHE A 38 2.94 -11.03 0.71
N ARG A 39 4.21 -11.21 1.07
CA ARG A 39 5.05 -12.19 0.41
C ARG A 39 5.12 -11.93 -1.09
N ILE A 40 5.40 -10.68 -1.44
CA ILE A 40 5.49 -10.27 -2.83
C ILE A 40 6.82 -9.61 -3.12
N GLY A 41 7.16 -9.50 -4.41
CA GLY A 41 8.41 -8.87 -4.79
C GLY A 41 8.38 -7.38 -4.54
N TYR A 42 9.54 -6.80 -4.22
CA TYR A 42 9.63 -5.38 -3.95
C TYR A 42 8.88 -4.56 -4.99
N ASN A 43 9.15 -4.83 -6.26
CA ASN A 43 8.50 -4.12 -7.35
C ASN A 43 6.99 -4.13 -7.18
N ARG A 44 6.46 -5.27 -6.76
CA ARG A 44 5.02 -5.40 -6.54
C ARG A 44 4.60 -4.54 -5.36
N ALA A 45 5.34 -4.66 -4.25
CA ALA A 45 5.05 -3.88 -3.05
C ALA A 45 4.96 -2.40 -3.39
N ALA A 46 5.98 -1.90 -4.11
CA ALA A 46 6.01 -0.51 -4.52
C ALA A 46 4.86 -0.24 -5.47
N ARG A 47 4.47 -1.27 -6.23
CA ARG A 47 3.37 -1.16 -7.18
C ARG A 47 2.05 -0.92 -6.44
N ILE A 48 1.78 -1.77 -5.46
CA ILE A 48 0.56 -1.66 -4.67
C ILE A 48 0.52 -0.30 -3.96
N ILE A 49 1.67 0.09 -3.41
CA ILE A 49 1.80 1.36 -2.73
C ILE A 49 1.69 2.50 -3.74
N GLU A 50 2.18 2.25 -4.95
CA GLU A 50 2.12 3.24 -6.01
C GLU A 50 0.67 3.56 -6.31
N GLN A 51 -0.12 2.51 -6.53
CA GLN A 51 -1.53 2.67 -6.80
C GLN A 51 -2.19 3.37 -5.62
N MET A 52 -1.72 3.05 -4.41
CA MET A 52 -2.24 3.67 -3.19
C MET A 52 -2.06 5.18 -3.30
N GLU A 53 -0.95 5.59 -3.89
CA GLU A 53 -0.67 7.01 -4.09
C GLU A 53 -1.63 7.56 -5.12
N ALA A 54 -1.98 6.72 -6.08
CA ALA A 54 -2.89 7.11 -7.16
C ALA A 54 -4.35 7.19 -6.67
N GLN A 55 -4.68 6.36 -5.68
CA GLN A 55 -6.04 6.32 -5.14
C GLN A 55 -6.22 7.32 -4.00
N GLY A 56 -5.13 7.75 -3.38
CA GLY A 56 -5.21 8.70 -2.27
C GLY A 56 -5.06 8.01 -0.94
N ILE A 57 -4.54 6.79 -0.96
CA ILE A 57 -4.32 5.98 0.22
C ILE A 57 -2.99 6.30 0.87
N VAL A 58 -1.98 6.58 0.04
CA VAL A 58 -0.65 6.89 0.55
C VAL A 58 -0.20 8.27 0.10
N SER A 59 0.84 8.80 0.76
CA SER A 59 1.36 10.13 0.42
C SER A 59 2.71 10.04 -0.25
N GLU A 60 3.28 11.21 -0.55
CA GLU A 60 4.58 11.27 -1.21
C GLU A 60 5.66 10.73 -0.30
N GLN A 61 6.55 9.93 -0.87
CA GLN A 61 7.65 9.33 -0.11
C GLN A 61 8.64 10.39 0.34
N GLY A 62 9.03 10.32 1.61
CA GLY A 62 9.98 11.26 2.16
C GLY A 62 11.21 10.57 2.71
N HIS A 63 10.99 9.51 3.49
CA HIS A 63 12.08 8.75 4.06
C HIS A 63 12.59 7.71 3.08
N ASN A 64 13.21 6.64 3.58
CA ASN A 64 13.74 5.60 2.71
C ASN A 64 12.73 4.46 2.55
N GLY A 65 11.90 4.56 1.52
CA GLY A 65 10.91 3.53 1.26
C GLY A 65 9.70 3.61 2.17
N ASN A 66 9.58 4.70 2.93
CA ASN A 66 8.45 4.86 3.84
C ASN A 66 7.35 5.74 3.22
N ARG A 67 6.16 5.18 3.11
CA ARG A 67 5.01 5.90 2.56
C ARG A 67 4.03 6.28 3.65
N GLU A 68 3.47 7.48 3.57
CA GLU A 68 2.51 7.93 4.58
C GLU A 68 1.10 7.44 4.25
N VAL A 69 0.42 6.89 5.24
CA VAL A 69 -0.93 6.41 5.04
C VAL A 69 -1.94 7.51 5.32
N LEU A 70 -2.71 7.87 4.30
CA LEU A 70 -3.71 8.92 4.43
C LEU A 70 -5.12 8.36 4.44
N ALA A 71 -5.24 7.05 4.20
CA ALA A 71 -6.54 6.39 4.19
C ALA A 71 -6.72 5.56 5.45
N PRO A 72 -7.87 5.68 6.13
CA PRO A 72 -8.15 4.94 7.37
C PRO A 72 -8.61 3.51 7.11
N PRO A 73 -8.47 2.63 8.12
CA PRO A 73 -8.87 1.22 8.02
C PRO A 73 -10.29 1.04 7.51
N PRO A 74 -10.60 -0.14 6.94
CA PRO A 74 -11.93 -0.43 6.41
C PRO A 74 -12.94 -0.74 7.52
N PHE A 75 -12.46 -1.42 8.56
CA PHE A 75 -13.31 -1.78 9.69
C PHE A 75 -12.87 -1.06 10.95
N ASP A 76 -12.33 0.15 10.78
CA ASP A 76 -11.86 0.95 11.91
C ASP A 76 -11.48 2.35 11.45
N HIS A 7 -13.70 0.06 -9.75
CA HIS A 7 -12.66 -0.11 -8.70
C HIS A 7 -11.25 -0.08 -9.30
N GLY A 8 -11.14 -0.58 -10.52
CA GLY A 8 -9.85 -0.61 -11.19
C GLY A 8 -9.04 -1.84 -10.85
N ALA A 9 -9.68 -3.01 -10.91
CA ALA A 9 -9.01 -4.26 -10.60
C ALA A 9 -8.01 -4.62 -11.69
N GLU A 10 -8.31 -4.23 -12.92
CA GLU A 10 -7.43 -4.51 -14.05
C GLU A 10 -6.12 -3.73 -13.94
N GLU A 11 -6.12 -2.66 -13.17
CA GLU A 11 -4.94 -1.84 -12.98
C GLU A 11 -4.35 -2.05 -11.59
N LEU A 12 -5.22 -2.33 -10.61
CA LEU A 12 -4.79 -2.55 -9.24
C LEU A 12 -4.18 -3.94 -9.07
N ASP A 13 -3.40 -4.11 -8.02
CA ASP A 13 -2.76 -5.39 -7.73
C ASP A 13 -3.74 -6.31 -6.99
N PRO A 14 -3.69 -7.63 -7.27
CA PRO A 14 -4.57 -8.60 -6.62
C PRO A 14 -4.54 -8.49 -5.10
N LEU A 15 -3.45 -7.97 -4.56
CA LEU A 15 -3.30 -7.82 -3.11
C LEU A 15 -3.54 -6.38 -2.66
N PHE A 16 -3.81 -5.50 -3.61
CA PHE A 16 -4.03 -4.08 -3.30
C PHE A 16 -4.99 -3.90 -2.13
N ASP A 17 -6.18 -4.47 -2.26
CA ASP A 17 -7.19 -4.35 -1.20
C ASP A 17 -6.60 -4.76 0.14
N GLN A 18 -5.82 -5.84 0.12
CA GLN A 18 -5.17 -6.34 1.34
C GLN A 18 -4.14 -5.33 1.82
N ALA A 19 -3.36 -4.79 0.88
CA ALA A 19 -2.33 -3.82 1.20
C ALA A 19 -2.92 -2.55 1.77
N VAL A 20 -4.05 -2.11 1.22
CA VAL A 20 -4.71 -0.92 1.72
C VAL A 20 -5.14 -1.14 3.16
N GLN A 21 -5.78 -2.27 3.41
CA GLN A 21 -6.21 -2.61 4.75
C GLN A 21 -4.99 -2.79 5.66
N PHE A 22 -3.90 -3.26 5.07
CA PHE A 22 -2.67 -3.47 5.81
C PHE A 22 -2.08 -2.13 6.26
N VAL A 23 -1.95 -1.21 5.31
CA VAL A 23 -1.41 0.10 5.61
C VAL A 23 -2.36 0.93 6.46
N THR A 24 -3.65 0.83 6.18
CA THR A 24 -4.66 1.56 6.94
C THR A 24 -4.74 1.03 8.36
N GLU A 25 -4.85 -0.29 8.50
CA GLU A 25 -4.93 -0.91 9.80
C GLU A 25 -3.67 -0.60 10.61
N LYS A 26 -2.53 -0.56 9.92
CA LYS A 26 -1.27 -0.27 10.58
C LYS A 26 -0.97 1.23 10.57
N ARG A 27 -1.82 2.00 9.87
CA ARG A 27 -1.64 3.44 9.77
C ARG A 27 -0.26 3.77 9.18
N LYS A 28 0.36 2.79 8.53
CA LYS A 28 1.67 2.97 7.94
C LYS A 28 1.79 2.14 6.66
N ALA A 29 2.32 2.75 5.60
CA ALA A 29 2.50 2.05 4.34
C ALA A 29 3.98 1.92 4.00
N SER A 30 4.46 0.68 3.94
CA SER A 30 5.86 0.43 3.63
C SER A 30 6.00 -0.66 2.57
N ILE A 31 6.95 -0.47 1.66
CA ILE A 31 7.19 -1.44 0.61
C ILE A 31 7.78 -2.72 1.18
N SER A 32 8.70 -2.56 2.13
CA SER A 32 9.34 -3.68 2.78
C SER A 32 8.33 -4.45 3.62
N GLY A 33 7.50 -3.71 4.34
CA GLY A 33 6.49 -4.33 5.17
C GLY A 33 5.53 -5.17 4.35
N VAL A 34 5.02 -4.59 3.27
CA VAL A 34 4.10 -5.29 2.39
C VAL A 34 4.80 -6.46 1.72
N GLN A 35 6.09 -6.32 1.48
CA GLN A 35 6.86 -7.38 0.84
C GLN A 35 6.81 -8.64 1.69
N ARG A 36 7.14 -8.48 2.97
CA ARG A 36 7.15 -9.59 3.93
C ARG A 36 5.73 -9.98 4.36
N GLN A 37 4.84 -9.00 4.50
CA GLN A 37 3.47 -9.29 4.92
C GLN A 37 2.65 -9.93 3.80
N PHE A 38 2.90 -9.51 2.57
CA PHE A 38 2.17 -10.03 1.42
C PHE A 38 3.01 -11.03 0.64
N ARG A 39 4.27 -11.19 1.01
CA ARG A 39 5.17 -12.12 0.34
C ARG A 39 5.21 -11.83 -1.15
N ILE A 40 5.56 -10.59 -1.49
CA ILE A 40 5.62 -10.17 -2.88
C ILE A 40 6.92 -9.42 -3.17
N GLY A 41 7.42 -9.56 -4.40
CA GLY A 41 8.64 -8.89 -4.78
C GLY A 41 8.58 -7.40 -4.54
N TYR A 42 9.73 -6.80 -4.21
CA TYR A 42 9.79 -5.36 -3.94
C TYR A 42 9.02 -4.56 -4.99
N ASN A 43 9.29 -4.84 -6.26
CA ASN A 43 8.63 -4.14 -7.35
C ASN A 43 7.12 -4.17 -7.15
N ARG A 44 6.61 -5.33 -6.75
CA ARG A 44 5.19 -5.48 -6.50
C ARG A 44 4.73 -4.59 -5.35
N ALA A 45 5.46 -4.66 -4.24
CA ALA A 45 5.15 -3.85 -3.07
C ALA A 45 5.06 -2.38 -3.44
N ALA A 46 6.08 -1.89 -4.13
CA ALA A 46 6.10 -0.51 -4.57
C ALA A 46 4.96 -0.24 -5.54
N ARG A 47 4.56 -1.28 -6.26
CA ARG A 47 3.46 -1.18 -7.22
C ARG A 47 2.14 -0.96 -6.48
N ILE A 48 1.88 -1.83 -5.50
CA ILE A 48 0.67 -1.73 -4.70
C ILE A 48 0.61 -0.38 -4.00
N ILE A 49 1.75 0.02 -3.45
CA ILE A 49 1.87 1.29 -2.76
C ILE A 49 1.76 2.44 -3.76
N GLU A 50 2.27 2.21 -4.97
CA GLU A 50 2.21 3.19 -6.03
C GLU A 50 0.76 3.50 -6.36
N GLN A 51 -0.01 2.44 -6.62
CA GLN A 51 -1.42 2.58 -6.91
C GLN A 51 -2.11 3.26 -5.74
N MET A 52 -1.66 2.92 -4.53
CA MET A 52 -2.22 3.51 -3.31
C MET A 52 -2.07 5.02 -3.39
N GLU A 53 -0.95 5.47 -3.93
CA GLU A 53 -0.69 6.88 -4.08
C GLU A 53 -1.64 7.44 -5.14
N ALA A 54 -1.94 6.61 -6.13
CA ALA A 54 -2.85 6.99 -7.22
C ALA A 54 -4.30 7.05 -6.74
N GLN A 55 -4.63 6.24 -5.74
CA GLN A 55 -5.98 6.18 -5.20
C GLN A 55 -6.18 7.18 -4.06
N GLY A 56 -5.09 7.62 -3.46
CA GLY A 56 -5.18 8.57 -2.37
C GLY A 56 -4.98 7.90 -1.02
N ILE A 57 -4.50 6.67 -1.06
CA ILE A 57 -4.24 5.89 0.13
C ILE A 57 -2.90 6.22 0.74
N VAL A 58 -1.91 6.49 -0.10
CA VAL A 58 -0.58 6.83 0.38
C VAL A 58 -0.12 8.20 -0.14
N SER A 59 0.78 8.83 0.60
CA SER A 59 1.29 10.14 0.22
C SER A 59 2.68 10.04 -0.39
N GLU A 60 3.25 11.19 -0.74
CA GLU A 60 4.59 11.22 -1.33
C GLU A 60 5.62 10.73 -0.34
N GLN A 61 6.49 9.84 -0.79
CA GLN A 61 7.53 9.28 0.06
C GLN A 61 8.57 10.34 0.43
N GLY A 62 8.87 10.43 1.72
CA GLY A 62 9.85 11.39 2.19
C GLY A 62 11.05 10.71 2.82
N HIS A 63 10.79 9.64 3.58
CA HIS A 63 11.85 8.89 4.23
C HIS A 63 12.41 7.84 3.28
N ASN A 64 13.15 6.89 3.82
CA ASN A 64 13.75 5.83 3.00
C ASN A 64 12.78 4.67 2.82
N GLY A 65 11.99 4.72 1.75
CA GLY A 65 11.03 3.66 1.49
C GLY A 65 9.78 3.74 2.35
N ASN A 66 9.62 4.85 3.08
CA ASN A 66 8.45 5.01 3.94
C ASN A 66 7.37 5.86 3.27
N ARG A 67 6.19 5.29 3.14
CA ARG A 67 5.05 5.98 2.53
C ARG A 67 4.03 6.36 3.60
N GLU A 68 3.45 7.55 3.48
CA GLU A 68 2.47 8.01 4.45
C GLU A 68 1.08 7.48 4.10
N VAL A 69 0.38 6.95 5.09
CA VAL A 69 -0.96 6.43 4.88
C VAL A 69 -1.99 7.51 5.18
N LEU A 70 -2.76 7.86 4.15
CA LEU A 70 -3.78 8.89 4.29
C LEU A 70 -5.19 8.30 4.26
N ALA A 71 -5.27 6.98 4.04
CA ALA A 71 -6.56 6.30 4.00
C ALA A 71 -6.74 5.48 5.28
N PRO A 72 -7.91 5.61 5.95
CA PRO A 72 -8.20 4.89 7.18
C PRO A 72 -8.65 3.45 6.94
N PRO A 73 -8.52 2.60 7.96
CA PRO A 73 -8.91 1.19 7.89
C PRO A 73 -10.33 1.00 7.39
N PRO A 74 -10.68 -0.23 6.95
CA PRO A 74 -12.01 -0.55 6.45
C PRO A 74 -13.03 -0.72 7.57
N PHE A 75 -12.58 -1.31 8.67
CA PHE A 75 -13.44 -1.54 9.83
C PHE A 75 -12.78 -1.04 11.11
N ASP A 76 -11.51 -1.37 11.28
CA ASP A 76 -10.76 -0.96 12.45
C ASP A 76 -9.31 -0.64 12.09
N HIS A 7 -12.69 0.27 -6.99
CA HIS A 7 -12.72 -0.10 -8.41
C HIS A 7 -11.35 0.06 -9.05
N GLY A 8 -11.18 -0.52 -10.24
CA GLY A 8 -9.91 -0.43 -10.93
C GLY A 8 -9.03 -1.63 -10.70
N ALA A 9 -9.65 -2.81 -10.66
CA ALA A 9 -8.92 -4.05 -10.44
C ALA A 9 -8.03 -4.39 -11.63
N GLU A 10 -8.47 -3.99 -12.82
CA GLU A 10 -7.73 -4.25 -14.04
C GLU A 10 -6.34 -3.61 -13.99
N GLU A 11 -6.22 -2.53 -13.21
CA GLU A 11 -4.95 -1.83 -13.07
C GLU A 11 -4.35 -2.06 -11.68
N LEU A 12 -5.22 -2.27 -10.70
CA LEU A 12 -4.78 -2.49 -9.33
C LEU A 12 -4.22 -3.90 -9.17
N ASP A 13 -3.42 -4.08 -8.12
CA ASP A 13 -2.82 -5.39 -7.84
C ASP A 13 -3.79 -6.26 -7.06
N PRO A 14 -3.82 -7.57 -7.33
CA PRO A 14 -4.72 -8.50 -6.64
C PRO A 14 -4.61 -8.41 -5.12
N LEU A 15 -3.45 -7.94 -4.64
CA LEU A 15 -3.22 -7.80 -3.21
C LEU A 15 -3.46 -6.37 -2.73
N PHE A 16 -3.71 -5.48 -3.67
CA PHE A 16 -3.94 -4.07 -3.35
C PHE A 16 -4.92 -3.90 -2.20
N ASP A 17 -6.11 -4.46 -2.34
CA ASP A 17 -7.12 -4.34 -1.30
C ASP A 17 -6.55 -4.78 0.04
N GLN A 18 -5.77 -5.86 0.01
CA GLN A 18 -5.13 -6.35 1.22
C GLN A 18 -4.13 -5.34 1.75
N ALA A 19 -3.28 -4.85 0.85
CA ALA A 19 -2.26 -3.86 1.20
C ALA A 19 -2.87 -2.59 1.76
N VAL A 20 -3.97 -2.14 1.15
CA VAL A 20 -4.64 -0.94 1.63
C VAL A 20 -5.11 -1.13 3.06
N GLN A 21 -5.77 -2.26 3.30
CA GLN A 21 -6.25 -2.59 4.63
C GLN A 21 -5.06 -2.80 5.57
N PHE A 22 -3.96 -3.27 5.01
CA PHE A 22 -2.74 -3.52 5.77
C PHE A 22 -2.14 -2.20 6.24
N VAL A 23 -2.00 -1.26 5.32
CA VAL A 23 -1.44 0.04 5.61
C VAL A 23 -2.36 0.87 6.49
N THR A 24 -3.65 0.80 6.18
CA THR A 24 -4.66 1.53 6.95
C THR A 24 -4.77 0.96 8.36
N GLU A 25 -4.88 -0.36 8.45
CA GLU A 25 -4.97 -1.04 9.73
C GLU A 25 -3.74 -0.74 10.58
N LYS A 26 -2.59 -0.68 9.93
CA LYS A 26 -1.34 -0.40 10.62
C LYS A 26 -1.05 1.11 10.63
N ARG A 27 -1.88 1.88 9.93
CA ARG A 27 -1.70 3.32 9.87
C ARG A 27 -0.34 3.68 9.27
N LYS A 28 0.30 2.71 8.63
CA LYS A 28 1.61 2.93 8.01
C LYS A 28 1.75 2.09 6.74
N ALA A 29 2.30 2.71 5.69
CA ALA A 29 2.48 2.01 4.43
C ALA A 29 3.97 1.89 4.09
N SER A 30 4.46 0.65 4.03
CA SER A 30 5.86 0.41 3.71
C SER A 30 6.00 -0.67 2.64
N ILE A 31 6.92 -0.46 1.72
CA ILE A 31 7.17 -1.43 0.66
C ILE A 31 7.80 -2.69 1.23
N SER A 32 8.69 -2.51 2.21
CA SER A 32 9.34 -3.63 2.86
C SER A 32 8.33 -4.41 3.70
N GLY A 33 7.48 -3.66 4.41
CA GLY A 33 6.46 -4.28 5.23
C GLY A 33 5.52 -5.13 4.40
N VAL A 34 5.03 -4.56 3.30
CA VAL A 34 4.12 -5.28 2.42
C VAL A 34 4.83 -6.44 1.76
N GLN A 35 6.13 -6.29 1.52
CA GLN A 35 6.91 -7.36 0.91
C GLN A 35 6.87 -8.61 1.77
N ARG A 36 7.16 -8.42 3.06
CA ARG A 36 7.18 -9.51 4.02
C ARG A 36 5.76 -9.94 4.43
N GLN A 37 4.85 -8.97 4.55
CA GLN A 37 3.48 -9.27 4.97
C GLN A 37 2.69 -9.92 3.83
N PHE A 38 2.98 -9.51 2.60
CA PHE A 38 2.28 -10.04 1.43
C PHE A 38 3.14 -11.05 0.68
N ARG A 39 4.39 -11.20 1.10
CA ARG A 39 5.31 -12.14 0.45
C ARG A 39 5.37 -11.87 -1.05
N ILE A 40 5.69 -10.63 -1.39
CA ILE A 40 5.76 -10.22 -2.78
C ILE A 40 7.06 -9.48 -3.09
N GLY A 41 7.51 -9.56 -4.34
CA GLY A 41 8.73 -8.89 -4.73
C GLY A 41 8.64 -7.40 -4.49
N TYR A 42 9.77 -6.77 -4.18
CA TYR A 42 9.82 -5.34 -3.91
C TYR A 42 9.02 -4.56 -4.96
N ASN A 43 9.30 -4.81 -6.23
CA ASN A 43 8.62 -4.12 -7.32
C ASN A 43 7.10 -4.19 -7.13
N ARG A 44 6.62 -5.36 -6.72
CA ARG A 44 5.19 -5.55 -6.49
C ARG A 44 4.72 -4.66 -5.34
N ALA A 45 5.47 -4.68 -4.24
CA ALA A 45 5.14 -3.87 -3.08
C ALA A 45 5.06 -2.40 -3.45
N ALA A 46 6.08 -1.92 -4.12
CA ALA A 46 6.12 -0.53 -4.55
C ALA A 46 4.97 -0.23 -5.52
N ARG A 47 4.57 -1.26 -6.26
CA ARG A 47 3.47 -1.12 -7.21
C ARG A 47 2.16 -0.91 -6.47
N ILE A 48 1.89 -1.76 -5.49
CA ILE A 48 0.69 -1.67 -4.69
C ILE A 48 0.65 -0.32 -3.97
N ILE A 49 1.78 0.05 -3.40
CA ILE A 49 1.90 1.32 -2.70
C ILE A 49 1.81 2.48 -3.70
N GLU A 50 2.31 2.25 -4.90
CA GLU A 50 2.27 3.25 -5.96
C GLU A 50 0.82 3.55 -6.30
N GLN A 51 0.06 2.50 -6.56
CA GLN A 51 -1.35 2.64 -6.88
C GLN A 51 -2.07 3.30 -5.69
N MET A 52 -1.63 2.94 -4.49
CA MET A 52 -2.19 3.51 -3.27
C MET A 52 -2.06 5.03 -3.32
N GLU A 53 -0.92 5.48 -3.85
CA GLU A 53 -0.68 6.91 -3.99
C GLU A 53 -1.61 7.48 -5.05
N ALA A 54 -1.89 6.65 -6.07
CA ALA A 54 -2.77 7.04 -7.16
C ALA A 54 -4.23 7.12 -6.70
N GLN A 55 -4.57 6.28 -5.74
CA GLN A 55 -5.94 6.23 -5.22
C GLN A 55 -6.16 7.22 -4.07
N GLY A 56 -5.07 7.65 -3.44
CA GLY A 56 -5.18 8.58 -2.33
C GLY A 56 -4.99 7.89 -0.99
N ILE A 57 -4.51 6.65 -1.05
CA ILE A 57 -4.28 5.85 0.13
C ILE A 57 -2.93 6.18 0.77
N VAL A 58 -1.94 6.48 -0.06
CA VAL A 58 -0.62 6.82 0.46
C VAL A 58 -0.17 8.19 -0.05
N SER A 59 0.78 8.80 0.65
CA SER A 59 1.30 10.11 0.27
C SER A 59 2.60 10.00 -0.50
N GLU A 60 3.14 11.15 -0.89
CA GLU A 60 4.40 11.19 -1.63
C GLU A 60 5.54 10.70 -0.75
N GLN A 61 6.38 9.85 -1.32
CA GLN A 61 7.52 9.31 -0.60
C GLN A 61 8.55 10.40 -0.29
N GLY A 62 9.10 10.33 0.92
CA GLY A 62 10.09 11.31 1.33
C GLY A 62 11.20 10.66 2.13
N HIS A 63 10.83 9.82 3.10
CA HIS A 63 11.80 9.12 3.93
C HIS A 63 12.46 8.00 3.13
N ASN A 64 13.00 7.00 3.82
CA ASN A 64 13.65 5.89 3.15
C ASN A 64 12.75 4.65 3.11
N GLY A 65 11.98 4.53 2.04
CA GLY A 65 11.09 3.39 1.90
C GLY A 65 9.83 3.50 2.73
N ASN A 66 9.57 4.67 3.31
CA ASN A 66 8.39 4.86 4.14
C ASN A 66 7.35 5.74 3.45
N ARG A 67 6.15 5.19 3.28
CA ARG A 67 5.04 5.90 2.65
C ARG A 67 4.01 6.30 3.70
N GLU A 68 3.45 7.50 3.57
CA GLU A 68 2.46 7.97 4.53
C GLU A 68 1.07 7.44 4.17
N VAL A 69 0.37 6.91 5.16
CA VAL A 69 -0.97 6.39 4.95
C VAL A 69 -2.01 7.49 5.21
N LEU A 70 -2.77 7.82 4.18
CA LEU A 70 -3.78 8.85 4.28
C LEU A 70 -5.19 8.26 4.26
N ALA A 71 -5.28 6.96 4.03
CA ALA A 71 -6.57 6.27 3.99
C ALA A 71 -6.77 5.46 5.26
N PRO A 72 -7.95 5.56 5.90
CA PRO A 72 -8.25 4.85 7.13
C PRO A 72 -8.71 3.42 6.89
N PRO A 73 -8.58 2.56 7.92
CA PRO A 73 -8.99 1.15 7.84
C PRO A 73 -10.42 0.98 7.36
N PRO A 74 -10.79 -0.24 6.93
CA PRO A 74 -12.14 -0.54 6.45
C PRO A 74 -13.14 -0.67 7.59
N PHE A 75 -12.68 -1.24 8.69
CA PHE A 75 -13.54 -1.42 9.87
C PHE A 75 -12.82 -0.98 11.14
N ASP A 76 -12.31 0.25 11.12
CA ASP A 76 -11.60 0.81 12.26
C ASP A 76 -12.54 0.95 13.46
N HIS A 7 -14.57 -3.10 -10.47
CA HIS A 7 -13.47 -2.31 -9.85
C HIS A 7 -12.31 -2.16 -10.83
N GLY A 8 -11.26 -1.47 -10.38
CA GLY A 8 -10.09 -1.27 -11.23
C GLY A 8 -9.03 -2.31 -11.00
N ALA A 9 -9.43 -3.57 -10.91
CA ALA A 9 -8.51 -4.67 -10.69
C ALA A 9 -7.55 -4.82 -11.87
N GLU A 10 -8.00 -4.43 -13.05
CA GLU A 10 -7.19 -4.52 -14.26
C GLU A 10 -5.90 -3.73 -14.11
N GLU A 11 -5.93 -2.69 -13.27
CA GLU A 11 -4.77 -1.85 -13.04
C GLU A 11 -4.22 -2.06 -11.64
N LEU A 12 -5.12 -2.28 -10.69
CA LEU A 12 -4.72 -2.51 -9.30
C LEU A 12 -4.12 -3.89 -9.12
N ASP A 13 -3.37 -4.05 -8.04
CA ASP A 13 -2.73 -5.33 -7.73
C ASP A 13 -3.70 -6.25 -7.00
N PRO A 14 -3.65 -7.56 -7.27
CA PRO A 14 -4.54 -8.54 -6.63
C PRO A 14 -4.56 -8.43 -5.10
N LEU A 15 -3.46 -7.90 -4.54
CA LEU A 15 -3.36 -7.75 -3.09
C LEU A 15 -3.61 -6.31 -2.65
N PHE A 16 -3.86 -5.43 -3.60
CA PHE A 16 -4.09 -4.02 -3.29
C PHE A 16 -5.05 -3.83 -2.14
N ASP A 17 -6.25 -4.37 -2.27
CA ASP A 17 -7.25 -4.23 -1.22
C ASP A 17 -6.71 -4.65 0.14
N GLN A 18 -5.97 -5.76 0.16
CA GLN A 18 -5.37 -6.24 1.39
C GLN A 18 -4.25 -5.30 1.85
N ALA A 19 -3.52 -4.76 0.89
CA ALA A 19 -2.42 -3.83 1.18
C ALA A 19 -2.96 -2.54 1.74
N VAL A 20 -4.06 -2.05 1.17
CA VAL A 20 -4.68 -0.82 1.65
C VAL A 20 -5.14 -1.01 3.09
N GLN A 21 -5.78 -2.15 3.33
CA GLN A 21 -6.25 -2.48 4.67
C GLN A 21 -5.05 -2.67 5.59
N PHE A 22 -3.95 -3.15 5.03
CA PHE A 22 -2.73 -3.39 5.79
C PHE A 22 -2.12 -2.05 6.23
N VAL A 23 -1.96 -1.14 5.27
CA VAL A 23 -1.39 0.17 5.56
C VAL A 23 -2.32 1.01 6.43
N THR A 24 -3.62 0.89 6.19
CA THR A 24 -4.61 1.63 6.96
C THR A 24 -4.69 1.08 8.37
N GLU A 25 -4.80 -0.25 8.48
CA GLU A 25 -4.88 -0.90 9.78
C GLU A 25 -3.63 -0.60 10.59
N LYS A 26 -2.49 -0.50 9.91
CA LYS A 26 -1.22 -0.21 10.57
C LYS A 26 -0.89 1.28 10.51
N ARG A 27 -1.73 2.05 9.83
CA ARG A 27 -1.52 3.49 9.68
C ARG A 27 -0.14 3.78 9.12
N LYS A 28 0.46 2.77 8.47
CA LYS A 28 1.78 2.91 7.88
C LYS A 28 1.88 2.08 6.60
N ALA A 29 2.38 2.70 5.54
CA ALA A 29 2.53 2.01 4.27
C ALA A 29 4.01 1.87 3.91
N SER A 30 4.48 0.62 3.83
CA SER A 30 5.88 0.38 3.49
C SER A 30 6.02 -0.69 2.42
N ILE A 31 6.97 -0.50 1.52
CA ILE A 31 7.22 -1.45 0.44
C ILE A 31 7.81 -2.74 1.01
N SER A 32 8.78 -2.58 1.92
CA SER A 32 9.41 -3.73 2.55
C SER A 32 8.42 -4.45 3.44
N GLY A 33 7.61 -3.67 4.16
CA GLY A 33 6.62 -4.25 5.04
C GLY A 33 5.61 -5.10 4.28
N VAL A 34 5.06 -4.53 3.22
CA VAL A 34 4.09 -5.25 2.39
C VAL A 34 4.77 -6.42 1.70
N GLN A 35 6.05 -6.27 1.41
CA GLN A 35 6.81 -7.33 0.76
C GLN A 35 6.79 -8.59 1.62
N ARG A 36 7.15 -8.43 2.88
CA ARG A 36 7.18 -9.54 3.83
C ARG A 36 5.79 -9.94 4.30
N GLN A 37 4.89 -8.97 4.46
CA GLN A 37 3.54 -9.25 4.92
C GLN A 37 2.69 -9.89 3.82
N PHE A 38 2.94 -9.50 2.58
CA PHE A 38 2.19 -10.02 1.44
C PHE A 38 3.00 -11.06 0.66
N ARG A 39 4.27 -11.21 1.01
CA ARG A 39 5.14 -12.17 0.33
C ARG A 39 5.16 -11.88 -1.17
N ILE A 40 5.46 -10.63 -1.51
CA ILE A 40 5.50 -10.21 -2.90
C ILE A 40 6.79 -9.47 -3.21
N GLY A 41 7.30 -9.64 -4.43
CA GLY A 41 8.53 -8.97 -4.81
C GLY A 41 8.50 -7.49 -4.51
N TYR A 42 9.67 -6.92 -4.24
CA TYR A 42 9.76 -5.49 -3.92
C TYR A 42 8.99 -4.65 -4.93
N ASN A 43 9.29 -4.83 -6.21
CA ASN A 43 8.62 -4.09 -7.27
C ASN A 43 7.10 -4.17 -7.10
N ARG A 44 6.63 -5.33 -6.67
CA ARG A 44 5.20 -5.53 -6.44
C ARG A 44 4.73 -4.67 -5.27
N ALA A 45 5.45 -4.75 -4.15
CA ALA A 45 5.12 -3.97 -2.97
C ALA A 45 5.06 -2.49 -3.31
N ALA A 46 6.06 -2.02 -4.03
CA ALA A 46 6.12 -0.62 -4.44
C ALA A 46 4.98 -0.32 -5.40
N ARG A 47 4.57 -1.32 -6.16
CA ARG A 47 3.48 -1.18 -7.12
C ARG A 47 2.16 -0.96 -6.38
N ILE A 48 1.89 -1.81 -5.41
CA ILE A 48 0.67 -1.70 -4.62
C ILE A 48 0.62 -0.36 -3.90
N ILE A 49 1.77 0.03 -3.36
CA ILE A 49 1.89 1.30 -2.65
C ILE A 49 1.78 2.45 -3.66
N GLU A 50 2.31 2.22 -4.86
CA GLU A 50 2.26 3.20 -5.92
C GLU A 50 0.80 3.51 -6.26
N GLN A 51 0.04 2.45 -6.50
CA GLN A 51 -1.37 2.59 -6.81
C GLN A 51 -2.08 3.28 -5.64
N MET A 52 -1.64 2.95 -4.42
CA MET A 52 -2.21 3.56 -3.22
C MET A 52 -2.05 5.07 -3.31
N GLU A 53 -0.92 5.50 -3.85
CA GLU A 53 -0.67 6.92 -4.02
C GLU A 53 -1.57 7.48 -5.11
N ALA A 54 -1.87 6.63 -6.09
CA ALA A 54 -2.74 7.01 -7.20
C ALA A 54 -4.20 7.11 -6.75
N GLN A 55 -4.56 6.28 -5.78
CA GLN A 55 -5.93 6.26 -5.27
C GLN A 55 -6.15 7.27 -4.14
N GLY A 56 -5.07 7.70 -3.51
CA GLY A 56 -5.17 8.66 -2.42
C GLY A 56 -5.02 7.99 -1.07
N ILE A 57 -4.53 6.75 -1.08
CA ILE A 57 -4.33 5.96 0.11
C ILE A 57 -3.01 6.31 0.78
N VAL A 58 -1.99 6.57 -0.04
CA VAL A 58 -0.68 6.91 0.50
C VAL A 58 -0.22 8.30 0.03
N SER A 59 0.75 8.87 0.74
CA SER A 59 1.26 10.19 0.42
C SER A 59 2.66 10.11 -0.18
N GLU A 60 3.23 11.26 -0.49
CA GLU A 60 4.57 11.32 -1.07
C GLU A 60 5.61 10.83 -0.07
N GLN A 61 6.52 10.00 -0.55
CA GLN A 61 7.57 9.44 0.30
C GLN A 61 8.55 10.53 0.73
N GLY A 62 9.14 10.35 1.91
CA GLY A 62 10.08 11.32 2.43
C GLY A 62 11.29 10.66 3.04
N HIS A 63 11.06 9.63 3.85
CA HIS A 63 12.15 8.91 4.50
C HIS A 63 12.85 7.98 3.51
N ASN A 64 12.73 6.66 3.68
CA ASN A 64 13.37 5.72 2.76
C ASN A 64 12.42 4.56 2.44
N GLY A 65 11.65 4.70 1.37
CA GLY A 65 10.74 3.65 0.98
C GLY A 65 9.48 3.61 1.82
N ASN A 66 9.27 4.63 2.63
CA ASN A 66 8.10 4.69 3.50
C ASN A 66 7.10 5.73 3.01
N ARG A 67 5.87 5.29 2.77
CA ARG A 67 4.81 6.17 2.30
C ARG A 67 3.80 6.43 3.42
N GLU A 68 3.33 7.67 3.52
CA GLU A 68 2.38 8.04 4.56
C GLU A 68 0.99 7.51 4.23
N VAL A 69 0.36 6.88 5.21
CA VAL A 69 -0.99 6.36 5.00
C VAL A 69 -2.01 7.44 5.31
N LEU A 70 -2.79 7.81 4.30
CA LEU A 70 -3.80 8.86 4.45
C LEU A 70 -5.20 8.27 4.52
N ALA A 71 -5.35 7.03 4.05
CA ALA A 71 -6.63 6.35 4.07
C ALA A 71 -6.78 5.55 5.36
N PRO A 72 -7.94 5.65 6.04
CA PRO A 72 -8.18 4.93 7.29
C PRO A 72 -8.65 3.49 7.07
N PRO A 73 -8.48 2.64 8.09
CA PRO A 73 -8.88 1.23 8.02
C PRO A 73 -10.33 1.05 7.57
N PRO A 74 -10.67 -0.15 7.06
CA PRO A 74 -12.03 -0.44 6.60
C PRO A 74 -13.00 -0.69 7.75
N PHE A 75 -12.51 -1.34 8.79
CA PHE A 75 -13.32 -1.64 9.96
C PHE A 75 -12.62 -1.23 11.24
N ASP A 76 -12.40 0.08 11.40
CA ASP A 76 -11.74 0.60 12.58
C ASP A 76 -12.69 0.68 13.76
N HIS A 7 -13.00 0.05 -14.46
CA HIS A 7 -11.89 -0.92 -14.24
C HIS A 7 -11.61 -1.10 -12.75
N GLY A 8 -10.79 -2.10 -12.42
CA GLY A 8 -10.46 -2.36 -11.04
C GLY A 8 -9.18 -3.16 -10.89
N ALA A 9 -9.30 -4.49 -10.99
CA ALA A 9 -8.15 -5.37 -10.87
C ALA A 9 -7.19 -5.20 -12.04
N GLU A 10 -7.75 -4.82 -13.20
CA GLU A 10 -6.95 -4.62 -14.39
C GLU A 10 -5.88 -3.56 -14.18
N GLU A 11 -6.15 -2.64 -13.25
CA GLU A 11 -5.20 -1.58 -12.94
C GLU A 11 -4.59 -1.76 -11.56
N LEU A 12 -5.40 -2.28 -10.62
CA LEU A 12 -4.94 -2.49 -9.26
C LEU A 12 -4.40 -3.91 -9.09
N ASP A 13 -3.60 -4.10 -8.04
CA ASP A 13 -3.03 -5.40 -7.74
C ASP A 13 -4.02 -6.25 -6.95
N PRO A 14 -4.05 -7.58 -7.21
CA PRO A 14 -4.97 -8.48 -6.50
C PRO A 14 -4.85 -8.36 -4.99
N LEU A 15 -3.70 -7.91 -4.52
CA LEU A 15 -3.45 -7.75 -3.09
C LEU A 15 -3.68 -6.31 -2.63
N PHE A 16 -3.95 -5.42 -3.58
CA PHE A 16 -4.15 -4.01 -3.27
C PHE A 16 -5.10 -3.81 -2.10
N ASP A 17 -6.30 -4.36 -2.21
CA ASP A 17 -7.30 -4.22 -1.15
C ASP A 17 -6.71 -4.66 0.19
N GLN A 18 -5.94 -5.73 0.16
CA GLN A 18 -5.29 -6.24 1.37
C GLN A 18 -4.22 -5.25 1.84
N ALA A 19 -3.45 -4.73 0.89
CA ALA A 19 -2.40 -3.78 1.20
C ALA A 19 -2.97 -2.50 1.78
N VAL A 20 -4.09 -2.03 1.24
CA VAL A 20 -4.74 -0.84 1.75
C VAL A 20 -5.15 -1.06 3.19
N GLN A 21 -5.81 -2.19 3.44
CA GLN A 21 -6.23 -2.54 4.78
C GLN A 21 -5.02 -2.71 5.69
N PHE A 22 -3.93 -3.20 5.10
CA PHE A 22 -2.68 -3.42 5.83
C PHE A 22 -2.09 -2.08 6.28
N VAL A 23 -1.96 -1.16 5.32
CA VAL A 23 -1.40 0.16 5.61
C VAL A 23 -2.33 1.00 6.47
N THR A 24 -3.63 0.89 6.20
CA THR A 24 -4.63 1.63 6.96
C THR A 24 -4.71 1.10 8.38
N GLU A 25 -4.84 -0.22 8.52
CA GLU A 25 -4.92 -0.85 9.83
C GLU A 25 -3.65 -0.55 10.63
N LYS A 26 -2.53 -0.51 9.94
CA LYS A 26 -1.25 -0.23 10.59
C LYS A 26 -0.94 1.28 10.56
N ARG A 27 -1.78 2.04 9.86
CA ARG A 27 -1.59 3.48 9.74
C ARG A 27 -0.20 3.80 9.17
N LYS A 28 0.41 2.79 8.53
CA LYS A 28 1.73 2.96 7.93
C LYS A 28 1.85 2.13 6.65
N ALA A 29 2.34 2.75 5.59
CA ALA A 29 2.52 2.05 4.33
C ALA A 29 3.99 1.92 3.98
N SER A 30 4.47 0.68 3.90
CA SER A 30 5.87 0.43 3.58
C SER A 30 6.01 -0.64 2.51
N ILE A 31 6.95 -0.44 1.60
CA ILE A 31 7.19 -1.39 0.52
C ILE A 31 7.76 -2.69 1.08
N SER A 32 8.72 -2.56 1.99
CA SER A 32 9.35 -3.71 2.62
C SER A 32 8.33 -4.45 3.48
N GLY A 33 7.52 -3.69 4.19
CA GLY A 33 6.50 -4.28 5.05
C GLY A 33 5.52 -5.12 4.26
N VAL A 34 4.97 -4.54 3.19
CA VAL A 34 4.03 -5.26 2.34
C VAL A 34 4.72 -6.42 1.65
N GLN A 35 6.02 -6.27 1.40
CA GLN A 35 6.79 -7.32 0.76
C GLN A 35 6.75 -8.59 1.60
N ARG A 36 7.10 -8.44 2.87
CA ARG A 36 7.12 -9.56 3.80
C ARG A 36 5.71 -9.96 4.25
N GLN A 37 4.82 -8.99 4.41
CA GLN A 37 3.46 -9.28 4.85
C GLN A 37 2.62 -9.91 3.75
N PHE A 38 2.86 -9.49 2.51
CA PHE A 38 2.12 -9.99 1.37
C PHE A 38 2.93 -11.01 0.56
N ARG A 39 4.21 -11.16 0.90
CA ARG A 39 5.08 -12.10 0.21
C ARG A 39 5.13 -11.78 -1.28
N ILE A 40 5.47 -10.54 -1.60
CA ILE A 40 5.54 -10.10 -2.98
C ILE A 40 6.83 -9.33 -3.26
N GLY A 41 7.37 -9.48 -4.47
CA GLY A 41 8.60 -8.79 -4.82
C GLY A 41 8.54 -7.31 -4.52
N TYR A 42 9.69 -6.72 -4.19
CA TYR A 42 9.74 -5.29 -3.87
C TYR A 42 9.00 -4.45 -4.90
N ASN A 43 9.32 -4.66 -6.17
CA ASN A 43 8.68 -3.91 -7.25
C ASN A 43 7.16 -3.99 -7.10
N ARG A 44 6.69 -5.16 -6.70
CA ARG A 44 5.26 -5.36 -6.51
C ARG A 44 4.76 -4.53 -5.33
N ALA A 45 5.46 -4.63 -4.20
CA ALA A 45 5.09 -3.86 -3.01
C ALA A 45 5.03 -2.38 -3.34
N ALA A 46 6.02 -1.90 -4.08
CA ALA A 46 6.07 -0.50 -4.48
C ALA A 46 4.94 -0.21 -5.44
N ARG A 47 4.54 -1.22 -6.21
CA ARG A 47 3.44 -1.09 -7.16
C ARG A 47 2.12 -0.87 -6.44
N ILE A 48 1.85 -1.75 -5.47
CA ILE A 48 0.62 -1.66 -4.69
C ILE A 48 0.57 -0.34 -3.96
N ILE A 49 1.71 0.06 -3.40
CA ILE A 49 1.83 1.31 -2.69
C ILE A 49 1.73 2.48 -3.68
N GLU A 50 2.25 2.27 -4.88
CA GLU A 50 2.21 3.27 -5.92
C GLU A 50 0.76 3.57 -6.27
N GLN A 51 0.00 2.52 -6.55
CA GLN A 51 -1.41 2.66 -6.86
C GLN A 51 -2.12 3.33 -5.70
N MET A 52 -1.70 2.97 -4.49
CA MET A 52 -2.27 3.56 -3.28
C MET A 52 -2.09 5.07 -3.32
N GLU A 53 -0.96 5.50 -3.85
CA GLU A 53 -0.68 6.92 -3.98
C GLU A 53 -1.60 7.52 -5.04
N ALA A 54 -1.92 6.70 -6.03
CA ALA A 54 -2.81 7.12 -7.11
C ALA A 54 -4.26 7.20 -6.65
N GLN A 55 -4.60 6.35 -5.68
CA GLN A 55 -5.97 6.30 -5.16
C GLN A 55 -6.16 7.30 -4.01
N GLY A 56 -5.06 7.73 -3.39
CA GLY A 56 -5.14 8.67 -2.29
C GLY A 56 -4.96 7.99 -0.95
N ILE A 57 -4.49 6.75 -1.00
CA ILE A 57 -4.26 5.95 0.19
C ILE A 57 -2.91 6.26 0.80
N VAL A 58 -1.92 6.54 -0.03
CA VAL A 58 -0.58 6.84 0.46
C VAL A 58 -0.08 8.20 -0.05
N SER A 59 0.82 8.80 0.71
CA SER A 59 1.38 10.10 0.34
C SER A 59 2.80 9.95 -0.19
N GLU A 60 3.41 11.07 -0.57
CA GLU A 60 4.77 11.06 -1.09
C GLU A 60 5.76 10.62 -0.03
N GLN A 61 6.62 9.68 -0.39
CA GLN A 61 7.63 9.16 0.54
C GLN A 61 8.66 10.23 0.87
N GLY A 62 9.21 10.18 2.08
CA GLY A 62 10.20 11.15 2.49
C GLY A 62 11.49 10.50 2.96
N HIS A 63 11.39 9.65 3.98
CA HIS A 63 12.56 8.97 4.52
C HIS A 63 13.17 8.04 3.48
N ASN A 64 12.99 6.73 3.64
CA ASN A 64 13.55 5.76 2.68
C ASN A 64 12.54 4.65 2.38
N GLY A 65 11.75 4.85 1.34
CA GLY A 65 10.76 3.86 0.96
C GLY A 65 9.52 3.88 1.85
N ASN A 66 9.48 4.79 2.80
CA ASN A 66 8.35 4.89 3.72
C ASN A 66 7.27 5.81 3.14
N ARG A 67 6.07 5.27 2.99
CA ARG A 67 4.95 6.03 2.45
C ARG A 67 3.95 6.35 3.56
N GLU A 68 3.41 7.57 3.53
CA GLU A 68 2.45 7.99 4.54
C GLU A 68 1.05 7.48 4.21
N VAL A 69 0.38 6.89 5.19
CA VAL A 69 -0.97 6.39 4.98
C VAL A 69 -1.99 7.49 5.26
N LEU A 70 -2.75 7.85 4.24
CA LEU A 70 -3.75 8.89 4.36
C LEU A 70 -5.17 8.32 4.39
N ALA A 71 -5.30 7.04 4.06
CA ALA A 71 -6.59 6.37 4.06
C ALA A 71 -6.75 5.56 5.34
N PRO A 72 -7.90 5.68 6.03
CA PRO A 72 -8.17 4.96 7.28
C PRO A 72 -8.61 3.52 7.05
N PRO A 73 -8.46 2.67 8.07
CA PRO A 73 -8.83 1.25 8.00
C PRO A 73 -10.26 1.04 7.51
N PRO A 74 -10.53 -0.11 6.87
CA PRO A 74 -11.86 -0.43 6.35
C PRO A 74 -12.91 -0.54 7.45
N PHE A 75 -12.79 -1.59 8.26
CA PHE A 75 -13.72 -1.81 9.37
C PHE A 75 -15.13 -2.08 8.85
N ASP A 76 -15.80 -1.03 8.40
CA ASP A 76 -17.15 -1.14 7.87
C ASP A 76 -17.25 -0.54 6.47
N HIS A 7 -11.79 -0.96 -6.43
CA HIS A 7 -12.22 -0.90 -7.85
C HIS A 7 -11.03 -0.88 -8.79
N GLY A 8 -11.27 -1.15 -10.08
CA GLY A 8 -10.20 -1.16 -11.05
C GLY A 8 -9.19 -2.25 -10.79
N ALA A 9 -9.66 -3.48 -10.67
CA ALA A 9 -8.78 -4.62 -10.41
C ALA A 9 -7.88 -4.89 -11.61
N GLU A 10 -8.38 -4.59 -12.81
CA GLU A 10 -7.61 -4.80 -14.04
C GLU A 10 -6.31 -4.01 -14.01
N GLU A 11 -6.30 -2.91 -13.26
CA GLU A 11 -5.10 -2.07 -13.15
C GLU A 11 -4.47 -2.22 -11.78
N LEU A 12 -5.31 -2.41 -10.76
CA LEU A 12 -4.83 -2.57 -9.40
C LEU A 12 -4.22 -3.95 -9.19
N ASP A 13 -3.40 -4.06 -8.15
CA ASP A 13 -2.75 -5.31 -7.82
C ASP A 13 -3.71 -6.24 -7.07
N PRO A 14 -3.65 -7.55 -7.34
CA PRO A 14 -4.53 -8.53 -6.70
C PRO A 14 -4.50 -8.41 -5.17
N LEU A 15 -3.41 -7.87 -4.64
CA LEU A 15 -3.25 -7.71 -3.20
C LEU A 15 -3.50 -6.28 -2.75
N PHE A 16 -3.74 -5.38 -3.70
CA PHE A 16 -3.95 -3.97 -3.37
C PHE A 16 -4.95 -3.79 -2.24
N ASP A 17 -6.13 -4.38 -2.38
CA ASP A 17 -7.16 -4.26 -1.36
C ASP A 17 -6.59 -4.66 0.01
N GLN A 18 -5.88 -5.77 0.03
CA GLN A 18 -5.26 -6.25 1.26
C GLN A 18 -4.22 -5.26 1.75
N ALA A 19 -3.42 -4.75 0.82
CA ALA A 19 -2.37 -3.80 1.14
C ALA A 19 -2.96 -2.52 1.72
N VAL A 20 -4.08 -2.08 1.18
CA VAL A 20 -4.75 -0.89 1.68
C VAL A 20 -5.16 -1.11 3.13
N GLN A 21 -5.81 -2.24 3.38
CA GLN A 21 -6.25 -2.57 4.72
C GLN A 21 -5.03 -2.74 5.62
N PHE A 22 -3.94 -3.22 5.04
CA PHE A 22 -2.69 -3.42 5.77
C PHE A 22 -2.11 -2.08 6.21
N VAL A 23 -1.99 -1.16 5.26
CA VAL A 23 -1.44 0.16 5.54
C VAL A 23 -2.38 0.99 6.40
N THR A 24 -3.68 0.85 6.14
CA THR A 24 -4.69 1.58 6.89
C THR A 24 -4.76 1.04 8.31
N GLU A 25 -4.87 -0.28 8.45
CA GLU A 25 -4.93 -0.91 9.75
C GLU A 25 -3.69 -0.59 10.57
N LYS A 26 -2.55 -0.52 9.88
CA LYS A 26 -1.28 -0.22 10.52
C LYS A 26 -0.98 1.28 10.49
N ARG A 27 -1.82 2.04 9.78
CA ARG A 27 -1.63 3.47 9.65
C ARG A 27 -0.25 3.79 9.09
N LYS A 28 0.37 2.79 8.46
CA LYS A 28 1.70 2.95 7.88
C LYS A 28 1.83 2.12 6.61
N ALA A 29 2.38 2.73 5.56
CA ALA A 29 2.54 2.02 4.30
C ALA A 29 4.03 1.91 3.94
N SER A 30 4.53 0.68 3.88
CA SER A 30 5.93 0.44 3.55
C SER A 30 6.06 -0.65 2.51
N ILE A 31 7.02 -0.49 1.60
CA ILE A 31 7.25 -1.46 0.56
C ILE A 31 7.83 -2.75 1.14
N SER A 32 8.75 -2.60 2.10
CA SER A 32 9.36 -3.74 2.75
C SER A 32 8.33 -4.46 3.61
N GLY A 33 7.48 -3.69 4.28
CA GLY A 33 6.45 -4.27 5.11
C GLY A 33 5.49 -5.12 4.30
N VAL A 34 4.98 -4.57 3.21
CA VAL A 34 4.06 -5.29 2.34
C VAL A 34 4.76 -6.47 1.69
N GLN A 35 6.07 -6.34 1.46
CA GLN A 35 6.83 -7.41 0.85
C GLN A 35 6.77 -8.66 1.72
N ARG A 36 7.10 -8.46 3.00
CA ARG A 36 7.10 -9.56 3.96
C ARG A 36 5.67 -9.94 4.39
N GLN A 37 4.79 -8.96 4.52
CA GLN A 37 3.42 -9.24 4.96
C GLN A 37 2.59 -9.87 3.84
N PHE A 38 2.87 -9.47 2.60
CA PHE A 38 2.14 -9.99 1.45
C PHE A 38 2.97 -11.02 0.68
N ARG A 39 4.24 -11.18 1.07
CA ARG A 39 5.13 -12.14 0.42
C ARG A 39 5.18 -11.87 -1.08
N ILE A 40 5.52 -10.63 -1.43
CA ILE A 40 5.60 -10.25 -2.83
C ILE A 40 6.90 -9.51 -3.14
N GLY A 41 7.36 -9.64 -4.37
CA GLY A 41 8.59 -8.98 -4.78
C GLY A 41 8.54 -7.48 -4.54
N TYR A 42 9.70 -6.90 -4.24
CA TYR A 42 9.78 -5.46 -3.98
C TYR A 42 9.01 -4.66 -5.02
N ASN A 43 9.28 -4.93 -6.29
CA ASN A 43 8.61 -4.22 -7.38
C ASN A 43 7.11 -4.24 -7.19
N ARG A 44 6.58 -5.37 -6.75
CA ARG A 44 5.15 -5.51 -6.52
C ARG A 44 4.72 -4.59 -5.38
N ALA A 45 5.43 -4.65 -4.26
CA ALA A 45 5.14 -3.82 -3.10
C ALA A 45 5.08 -2.35 -3.50
N ALA A 46 6.11 -1.90 -4.19
CA ALA A 46 6.16 -0.51 -4.64
C ALA A 46 5.03 -0.22 -5.60
N ARG A 47 4.61 -1.24 -6.34
CA ARG A 47 3.52 -1.11 -7.30
C ARG A 47 2.21 -0.89 -6.57
N ILE A 48 1.94 -1.76 -5.59
CA ILE A 48 0.74 -1.66 -4.79
C ILE A 48 0.70 -0.33 -4.05
N ILE A 49 1.84 0.03 -3.47
CA ILE A 49 1.98 1.29 -2.76
C ILE A 49 1.88 2.45 -3.74
N GLU A 50 2.35 2.23 -4.96
CA GLU A 50 2.30 3.24 -5.99
C GLU A 50 0.84 3.53 -6.32
N GLN A 51 0.09 2.47 -6.61
CA GLN A 51 -1.33 2.61 -6.91
C GLN A 51 -2.04 3.27 -5.74
N MET A 52 -1.54 3.00 -4.52
CA MET A 52 -2.12 3.60 -3.33
C MET A 52 -1.93 5.11 -3.39
N GLU A 53 -0.78 5.53 -3.89
CA GLU A 53 -0.49 6.94 -4.03
C GLU A 53 -1.41 7.54 -5.09
N ALA A 54 -1.77 6.74 -6.08
CA ALA A 54 -2.66 7.16 -7.14
C ALA A 54 -4.11 7.25 -6.66
N GLN A 55 -4.53 6.25 -5.88
CA GLN A 55 -5.89 6.21 -5.36
C GLN A 55 -6.09 7.22 -4.23
N GLY A 56 -5.00 7.65 -3.62
CA GLY A 56 -5.09 8.61 -2.52
C GLY A 56 -4.96 7.94 -1.17
N ILE A 57 -4.47 6.71 -1.19
CA ILE A 57 -4.29 5.92 0.02
C ILE A 57 -2.97 6.24 0.70
N VAL A 58 -1.94 6.52 -0.09
CA VAL A 58 -0.63 6.85 0.46
C VAL A 58 -0.16 8.22 0.00
N SER A 59 0.80 8.79 0.75
CA SER A 59 1.35 10.10 0.43
C SER A 59 2.77 9.98 -0.10
N GLU A 60 3.36 11.11 -0.46
CA GLU A 60 4.72 11.13 -0.98
C GLU A 60 5.72 10.71 0.09
N GLN A 61 6.60 9.80 -0.27
CA GLN A 61 7.62 9.29 0.66
C GLN A 61 8.63 10.39 1.00
N GLY A 62 9.09 10.38 2.24
CA GLY A 62 10.06 11.39 2.68
C GLY A 62 11.36 10.76 3.13
N HIS A 63 11.27 9.78 4.04
CA HIS A 63 12.45 9.12 4.56
C HIS A 63 13.09 8.22 3.49
N ASN A 64 12.94 6.89 3.62
CA ASN A 64 13.51 5.98 2.64
C ASN A 64 12.53 4.85 2.31
N GLY A 65 11.72 5.05 1.28
CA GLY A 65 10.75 4.05 0.88
C GLY A 65 9.52 4.02 1.78
N ASN A 66 9.48 4.91 2.77
CA ASN A 66 8.34 4.96 3.69
C ASN A 66 7.24 5.87 3.14
N ARG A 67 6.06 5.29 2.99
CA ARG A 67 4.90 6.03 2.47
C ARG A 67 3.91 6.33 3.58
N GLU A 68 3.34 7.52 3.56
CA GLU A 68 2.37 7.92 4.58
C GLU A 68 0.99 7.41 4.23
N VAL A 69 0.30 6.81 5.19
CA VAL A 69 -1.04 6.30 4.95
C VAL A 69 -2.07 7.39 5.23
N LEU A 70 -2.82 7.75 4.19
CA LEU A 70 -3.83 8.79 4.31
C LEU A 70 -5.23 8.18 4.33
N ALA A 71 -5.33 6.88 4.02
CA ALA A 71 -6.61 6.20 4.01
C ALA A 71 -6.77 5.39 5.31
N PRO A 72 -7.93 5.54 5.99
CA PRO A 72 -8.19 4.84 7.25
C PRO A 72 -8.71 3.42 7.05
N PRO A 73 -8.56 2.58 8.08
CA PRO A 73 -8.99 1.18 8.03
C PRO A 73 -10.47 1.05 7.64
N PRO A 74 -10.89 -0.17 7.24
CA PRO A 74 -12.28 -0.42 6.85
C PRO A 74 -13.23 -0.47 8.04
N PHE A 75 -12.79 -1.13 9.11
CA PHE A 75 -13.60 -1.24 10.31
C PHE A 75 -12.74 -1.09 11.55
N ASP A 76 -12.15 0.09 11.72
CA ASP A 76 -11.30 0.37 12.88
C ASP A 76 -12.12 0.43 14.16
N HIS A 7 -12.72 -0.56 -14.72
CA HIS A 7 -11.54 -0.02 -14.01
C HIS A 7 -11.48 -0.52 -12.57
N GLY A 8 -10.36 -0.27 -11.90
CA GLY A 8 -10.20 -0.70 -10.53
C GLY A 8 -9.30 -1.90 -10.39
N ALA A 9 -9.86 -3.02 -9.95
CA ALA A 9 -9.10 -4.25 -9.78
C ALA A 9 -8.43 -4.67 -11.08
N GLU A 10 -9.03 -4.29 -12.21
CA GLU A 10 -8.49 -4.64 -13.52
C GLU A 10 -7.07 -4.09 -13.68
N GLU A 11 -6.78 -2.99 -13.01
CA GLU A 11 -5.45 -2.37 -13.09
C GLU A 11 -4.71 -2.51 -11.76
N LEU A 12 -5.45 -2.53 -10.66
CA LEU A 12 -4.86 -2.67 -9.34
C LEU A 12 -4.26 -4.05 -9.14
N ASP A 13 -3.34 -4.14 -8.18
CA ASP A 13 -2.69 -5.41 -7.86
C ASP A 13 -3.65 -6.32 -7.10
N PRO A 14 -3.63 -7.63 -7.38
CA PRO A 14 -4.52 -8.59 -6.71
C PRO A 14 -4.49 -8.47 -5.19
N LEU A 15 -3.40 -7.94 -4.66
CA LEU A 15 -3.25 -7.77 -3.21
C LEU A 15 -3.49 -6.33 -2.76
N PHE A 16 -3.69 -5.43 -3.71
CA PHE A 16 -3.88 -4.02 -3.38
C PHE A 16 -4.90 -3.83 -2.26
N ASP A 17 -6.08 -4.41 -2.41
CA ASP A 17 -7.12 -4.29 -1.40
C ASP A 17 -6.58 -4.69 -0.03
N GLN A 18 -5.81 -5.77 -0.01
CA GLN A 18 -5.21 -6.25 1.21
C GLN A 18 -4.16 -5.25 1.70
N ALA A 19 -3.35 -4.75 0.77
CA ALA A 19 -2.32 -3.78 1.09
C ALA A 19 -2.91 -2.52 1.67
N VAL A 20 -4.05 -2.09 1.13
CA VAL A 20 -4.73 -0.91 1.63
C VAL A 20 -5.14 -1.13 3.08
N GLN A 21 -5.83 -2.24 3.31
CA GLN A 21 -6.27 -2.59 4.65
C GLN A 21 -5.06 -2.77 5.56
N PHE A 22 -3.96 -3.22 4.97
CA PHE A 22 -2.72 -3.43 5.70
C PHE A 22 -2.12 -2.10 6.16
N VAL A 23 -1.99 -1.18 5.22
CA VAL A 23 -1.42 0.13 5.51
C VAL A 23 -2.37 0.97 6.36
N THR A 24 -3.66 0.83 6.10
CA THR A 24 -4.68 1.56 6.85
C THR A 24 -4.75 1.05 8.28
N GLU A 25 -4.88 -0.27 8.43
CA GLU A 25 -4.95 -0.88 9.76
C GLU A 25 -3.68 -0.60 10.54
N LYS A 26 -2.55 -0.56 9.82
CA LYS A 26 -1.27 -0.29 10.45
C LYS A 26 -0.98 1.21 10.46
N ARG A 27 -1.82 1.99 9.77
CA ARG A 27 -1.63 3.43 9.69
C ARG A 27 -0.25 3.75 9.12
N LYS A 28 0.37 2.77 8.47
CA LYS A 28 1.69 2.93 7.89
C LYS A 28 1.82 2.13 6.61
N ALA A 29 2.34 2.75 5.56
CA ALA A 29 2.52 2.07 4.28
C ALA A 29 4.00 1.94 3.93
N SER A 30 4.48 0.71 3.85
CA SER A 30 5.89 0.45 3.53
C SER A 30 6.02 -0.61 2.45
N ILE A 31 6.97 -0.41 1.54
CA ILE A 31 7.20 -1.37 0.47
C ILE A 31 7.77 -2.66 1.03
N SER A 32 8.78 -2.54 1.88
CA SER A 32 9.41 -3.71 2.50
C SER A 32 8.40 -4.42 3.37
N GLY A 33 7.60 -3.65 4.11
CA GLY A 33 6.59 -4.23 4.98
C GLY A 33 5.61 -5.08 4.21
N VAL A 34 5.05 -4.53 3.13
CA VAL A 34 4.09 -5.26 2.31
C VAL A 34 4.76 -6.45 1.65
N GLN A 35 6.06 -6.32 1.39
CA GLN A 35 6.80 -7.41 0.77
C GLN A 35 6.76 -8.64 1.66
N ARG A 36 7.11 -8.44 2.93
CA ARG A 36 7.13 -9.53 3.90
C ARG A 36 5.73 -9.90 4.36
N GLN A 37 4.84 -8.92 4.49
CA GLN A 37 3.47 -9.19 4.95
C GLN A 37 2.63 -9.84 3.84
N PHE A 38 2.90 -9.47 2.59
CA PHE A 38 2.15 -10.00 1.46
C PHE A 38 2.95 -11.07 0.71
N ARG A 39 4.23 -11.25 1.07
CA ARG A 39 5.07 -12.25 0.44
C ARG A 39 5.18 -11.98 -1.06
N ILE A 40 5.51 -10.75 -1.42
CA ILE A 40 5.64 -10.37 -2.81
C ILE A 40 6.99 -9.71 -3.06
N GLY A 41 7.32 -9.47 -4.32
CA GLY A 41 8.59 -8.85 -4.66
C GLY A 41 8.58 -7.36 -4.40
N TYR A 42 9.75 -6.78 -4.14
CA TYR A 42 9.84 -5.35 -3.87
C TYR A 42 9.07 -4.54 -4.92
N ASN A 43 9.42 -4.73 -6.19
CA ASN A 43 8.76 -4.00 -7.26
C ASN A 43 7.25 -4.13 -7.13
N ARG A 44 6.80 -5.28 -6.63
CA ARG A 44 5.38 -5.51 -6.43
C ARG A 44 4.87 -4.64 -5.28
N ALA A 45 5.56 -4.70 -4.15
CA ALA A 45 5.19 -3.92 -2.98
C ALA A 45 5.12 -2.44 -3.33
N ALA A 46 6.15 -1.97 -4.02
CA ALA A 46 6.21 -0.57 -4.44
C ALA A 46 5.12 -0.29 -5.46
N ARG A 47 4.75 -1.32 -6.23
CA ARG A 47 3.71 -1.20 -7.24
C ARG A 47 2.37 -0.99 -6.56
N ILE A 48 2.07 -1.84 -5.57
CA ILE A 48 0.84 -1.75 -4.82
C ILE A 48 0.76 -0.40 -4.11
N ILE A 49 1.85 -0.06 -3.42
CA ILE A 49 1.93 1.21 -2.72
C ILE A 49 1.85 2.37 -3.72
N GLU A 50 2.37 2.12 -4.92
CA GLU A 50 2.32 3.11 -5.98
C GLU A 50 0.87 3.41 -6.32
N GLN A 51 0.10 2.34 -6.49
CA GLN A 51 -1.31 2.46 -6.78
C GLN A 51 -1.99 3.19 -5.62
N MET A 52 -1.48 2.97 -4.41
CA MET A 52 -2.03 3.61 -3.22
C MET A 52 -1.87 5.12 -3.37
N GLU A 53 -0.72 5.53 -3.90
CA GLU A 53 -0.44 6.94 -4.11
C GLU A 53 -1.38 7.50 -5.16
N ALA A 54 -1.71 6.67 -6.16
CA ALA A 54 -2.62 7.08 -7.23
C ALA A 54 -4.06 7.16 -6.72
N GLN A 55 -4.46 6.18 -5.91
CA GLN A 55 -5.81 6.14 -5.38
C GLN A 55 -6.02 7.17 -4.27
N GLY A 56 -4.93 7.64 -3.68
CA GLY A 56 -5.03 8.62 -2.61
C GLY A 56 -4.95 7.97 -1.24
N ILE A 57 -4.47 6.73 -1.23
CA ILE A 57 -4.33 5.95 -0.02
C ILE A 57 -3.03 6.30 0.70
N VAL A 58 -1.99 6.57 -0.07
CA VAL A 58 -0.69 6.92 0.50
C VAL A 58 -0.24 8.30 0.03
N SER A 59 0.73 8.87 0.76
CA SER A 59 1.25 10.20 0.43
C SER A 59 2.66 10.10 -0.14
N GLU A 60 3.25 11.25 -0.44
CA GLU A 60 4.60 11.30 -0.98
C GLU A 60 5.60 10.80 0.04
N GLN A 61 6.47 9.90 -0.40
CA GLN A 61 7.48 9.33 0.48
C GLN A 61 8.52 10.37 0.89
N GLY A 62 8.79 10.43 2.19
CA GLY A 62 9.76 11.38 2.70
C GLY A 62 11.02 10.68 3.17
N HIS A 63 10.86 9.59 3.90
CA HIS A 63 11.98 8.82 4.40
C HIS A 63 12.49 7.86 3.34
N ASN A 64 13.24 6.84 3.76
CA ASN A 64 13.77 5.86 2.81
C ASN A 64 12.75 4.75 2.56
N GLY A 65 11.94 4.93 1.52
CA GLY A 65 10.94 3.94 1.17
C GLY A 65 9.72 3.98 2.08
N ASN A 66 9.61 5.02 2.91
CA ASN A 66 8.49 5.14 3.83
C ASN A 66 7.34 5.94 3.20
N ARG A 67 6.17 5.32 3.12
CA ARG A 67 4.99 5.96 2.55
C ARG A 67 3.99 6.32 3.66
N GLU A 68 3.37 7.48 3.56
CA GLU A 68 2.40 7.91 4.56
C GLU A 68 1.01 7.41 4.21
N VAL A 69 0.32 6.85 5.20
CA VAL A 69 -1.03 6.33 4.99
C VAL A 69 -2.06 7.41 5.28
N LEU A 70 -2.83 7.78 4.27
CA LEU A 70 -3.85 8.81 4.40
C LEU A 70 -5.24 8.19 4.41
N ALA A 71 -5.36 6.96 3.92
CA ALA A 71 -6.63 6.26 3.89
C ALA A 71 -6.81 5.45 5.16
N PRO A 72 -7.98 5.58 5.84
CA PRO A 72 -8.26 4.86 7.08
C PRO A 72 -8.69 3.41 6.84
N PRO A 73 -8.55 2.57 7.87
CA PRO A 73 -8.92 1.15 7.79
C PRO A 73 -10.35 0.94 7.31
N PRO A 74 -10.67 -0.27 6.84
CA PRO A 74 -12.01 -0.61 6.35
C PRO A 74 -13.09 -0.41 7.42
N PHE A 75 -12.71 -0.64 8.66
CA PHE A 75 -13.63 -0.48 9.78
C PHE A 75 -13.58 0.93 10.35
N ASP A 76 -13.65 1.92 9.47
CA ASP A 76 -13.61 3.32 9.88
C ASP A 76 -14.00 4.24 8.73
N HIS A 7 -12.47 -1.44 -6.47
CA HIS A 7 -12.42 -0.16 -7.22
C HIS A 7 -12.00 -0.38 -8.67
N GLY A 8 -10.96 -1.19 -8.85
CA GLY A 8 -10.47 -1.46 -10.19
C GLY A 8 -9.37 -2.50 -10.19
N ALA A 9 -9.74 -3.77 -10.06
CA ALA A 9 -8.77 -4.86 -10.05
C ALA A 9 -8.07 -4.99 -11.39
N GLU A 10 -8.73 -4.53 -12.45
CA GLU A 10 -8.16 -4.60 -13.80
C GLU A 10 -6.81 -3.88 -13.86
N GLU A 11 -6.66 -2.84 -13.05
CA GLU A 11 -5.42 -2.08 -13.01
C GLU A 11 -4.70 -2.27 -11.69
N LEU A 12 -5.48 -2.40 -10.61
CA LEU A 12 -4.92 -2.60 -9.28
C LEU A 12 -4.38 -4.02 -9.11
N ASP A 13 -3.51 -4.20 -8.14
CA ASP A 13 -2.93 -5.50 -7.86
C ASP A 13 -3.92 -6.36 -7.06
N PRO A 14 -3.95 -7.68 -7.30
CA PRO A 14 -4.85 -8.58 -6.60
C PRO A 14 -4.73 -8.45 -5.08
N LEU A 15 -3.59 -7.96 -4.62
CA LEU A 15 -3.36 -7.77 -3.19
C LEU A 15 -3.58 -6.33 -2.76
N PHE A 16 -3.81 -5.44 -3.71
CA PHE A 16 -4.00 -4.03 -3.40
C PHE A 16 -4.99 -3.82 -2.26
N ASP A 17 -6.19 -4.35 -2.41
CA ASP A 17 -7.22 -4.20 -1.38
C ASP A 17 -6.68 -4.64 -0.02
N GLN A 18 -5.91 -5.72 -0.02
CA GLN A 18 -5.32 -6.22 1.23
C GLN A 18 -4.22 -5.28 1.71
N ALA A 19 -3.44 -4.75 0.75
CA ALA A 19 -2.36 -3.83 1.07
C ALA A 19 -2.92 -2.53 1.65
N VAL A 20 -4.04 -2.07 1.08
CA VAL A 20 -4.68 -0.86 1.57
C VAL A 20 -5.14 -1.08 3.00
N GLN A 21 -5.80 -2.21 3.23
CA GLN A 21 -6.27 -2.57 4.56
C GLN A 21 -5.08 -2.75 5.50
N PHE A 22 -3.99 -3.25 4.94
CA PHE A 22 -2.76 -3.48 5.70
C PHE A 22 -2.17 -2.15 6.16
N VAL A 23 -2.00 -1.23 5.22
CA VAL A 23 -1.44 0.08 5.53
C VAL A 23 -2.39 0.92 6.37
N THR A 24 -3.69 0.79 6.08
CA THR A 24 -4.70 1.53 6.82
C THR A 24 -4.82 1.00 8.24
N GLU A 25 -4.94 -0.32 8.36
CA GLU A 25 -5.04 -0.95 9.66
C GLU A 25 -3.81 -0.66 10.50
N LYS A 26 -2.66 -0.60 9.83
CA LYS A 26 -1.40 -0.32 10.50
C LYS A 26 -1.10 1.18 10.48
N ARG A 27 -1.93 1.94 9.77
CA ARG A 27 -1.74 3.39 9.67
C ARG A 27 -0.35 3.71 9.10
N LYS A 28 0.28 2.72 8.48
CA LYS A 28 1.61 2.90 7.90
C LYS A 28 1.76 2.07 6.63
N ALA A 29 2.29 2.69 5.58
CA ALA A 29 2.49 1.99 4.31
C ALA A 29 3.97 1.84 4.01
N SER A 30 4.45 0.60 3.96
CA SER A 30 5.85 0.34 3.68
C SER A 30 6.01 -0.74 2.61
N ILE A 31 6.92 -0.50 1.67
CA ILE A 31 7.17 -1.46 0.60
C ILE A 31 7.79 -2.72 1.18
N SER A 32 8.66 -2.55 2.17
CA SER A 32 9.31 -3.67 2.83
C SER A 32 8.29 -4.45 3.65
N GLY A 33 7.43 -3.71 4.36
CA GLY A 33 6.42 -4.34 5.16
C GLY A 33 5.48 -5.18 4.33
N VAL A 34 4.99 -4.60 3.22
CA VAL A 34 4.09 -5.32 2.33
C VAL A 34 4.81 -6.47 1.66
N GLN A 35 6.11 -6.32 1.43
CA GLN A 35 6.90 -7.37 0.81
C GLN A 35 6.83 -8.63 1.66
N ARG A 36 7.14 -8.47 2.95
CA ARG A 36 7.13 -9.59 3.88
C ARG A 36 5.72 -10.00 4.30
N GLN A 37 4.81 -9.03 4.43
CA GLN A 37 3.44 -9.33 4.85
C GLN A 37 2.64 -9.96 3.70
N PHE A 38 2.93 -9.52 2.47
CA PHE A 38 2.23 -10.02 1.30
C PHE A 38 3.08 -11.03 0.53
N ARG A 39 4.34 -11.19 0.93
CA ARG A 39 5.25 -12.12 0.28
C ARG A 39 5.31 -11.82 -1.22
N ILE A 40 5.62 -10.57 -1.55
CA ILE A 40 5.70 -10.15 -2.94
C ILE A 40 6.99 -9.39 -3.22
N GLY A 41 7.51 -9.54 -4.44
CA GLY A 41 8.73 -8.87 -4.81
C GLY A 41 8.67 -7.38 -4.55
N TYR A 42 9.81 -6.77 -4.24
CA TYR A 42 9.87 -5.34 -3.96
C TYR A 42 9.11 -4.53 -4.99
N ASN A 43 9.40 -4.78 -6.27
CA ASN A 43 8.74 -4.07 -7.36
C ASN A 43 7.24 -4.13 -7.18
N ARG A 44 6.74 -5.28 -6.76
CA ARG A 44 5.32 -5.47 -6.54
C ARG A 44 4.83 -4.58 -5.40
N ALA A 45 5.54 -4.65 -4.27
CA ALA A 45 5.18 -3.83 -3.11
C ALA A 45 5.10 -2.37 -3.48
N ALA A 46 6.14 -1.89 -4.16
CA ALA A 46 6.17 -0.50 -4.61
C ALA A 46 5.06 -0.24 -5.60
N ARG A 47 4.68 -1.28 -6.33
CA ARG A 47 3.59 -1.17 -7.31
C ARG A 47 2.27 -0.95 -6.60
N ILE A 48 1.98 -1.82 -5.64
CA ILE A 48 0.74 -1.73 -4.86
C ILE A 48 0.68 -0.37 -4.15
N ILE A 49 1.81 0.00 -3.56
CA ILE A 49 1.91 1.28 -2.86
C ILE A 49 1.82 2.42 -3.86
N GLU A 50 2.34 2.19 -5.06
CA GLU A 50 2.32 3.19 -6.11
C GLU A 50 0.87 3.53 -6.44
N GLN A 51 0.07 2.50 -6.71
CA GLN A 51 -1.32 2.69 -7.00
C GLN A 51 -2.00 3.36 -5.82
N MET A 52 -1.58 2.98 -4.61
CA MET A 52 -2.11 3.57 -3.39
C MET A 52 -1.92 5.09 -3.44
N GLU A 53 -0.79 5.50 -4.01
CA GLU A 53 -0.50 6.92 -4.16
C GLU A 53 -1.43 7.52 -5.21
N ALA A 54 -1.77 6.70 -6.19
CA ALA A 54 -2.67 7.12 -7.27
C ALA A 54 -4.12 7.20 -6.79
N GLN A 55 -4.46 6.36 -5.82
CA GLN A 55 -5.83 6.31 -5.29
C GLN A 55 -6.03 7.31 -4.14
N GLY A 56 -4.93 7.73 -3.52
CA GLY A 56 -5.02 8.67 -2.41
C GLY A 56 -4.87 7.99 -1.07
N ILE A 57 -4.37 6.77 -1.11
CA ILE A 57 -4.16 5.97 0.08
C ILE A 57 -2.83 6.28 0.73
N VAL A 58 -1.82 6.55 -0.10
CA VAL A 58 -0.49 6.87 0.43
C VAL A 58 -0.04 8.25 -0.03
N SER A 59 0.88 8.86 0.72
CA SER A 59 1.39 10.19 0.39
C SER A 59 2.77 10.13 -0.24
N GLU A 60 3.32 11.30 -0.54
CA GLU A 60 4.64 11.38 -1.14
C GLU A 60 5.70 10.88 -0.18
N GLN A 61 6.61 10.08 -0.70
CA GLN A 61 7.69 9.51 0.11
C GLN A 61 8.66 10.59 0.57
N GLY A 62 9.00 10.55 1.85
CA GLY A 62 9.92 11.53 2.41
C GLY A 62 11.11 10.86 3.07
N HIS A 63 10.85 9.79 3.81
CA HIS A 63 11.90 9.04 4.49
C HIS A 63 12.52 8.02 3.53
N ASN A 64 13.19 7.02 4.09
CA ASN A 64 13.81 5.99 3.27
C ASN A 64 12.87 4.80 3.06
N GLY A 65 12.10 4.84 1.98
CA GLY A 65 11.17 3.76 1.69
C GLY A 65 9.91 3.81 2.53
N ASN A 66 9.71 4.91 3.25
CA ASN A 66 8.53 5.05 4.11
C ASN A 66 7.44 5.88 3.42
N ARG A 67 6.26 5.28 3.28
CA ARG A 67 5.12 5.94 2.67
C ARG A 67 4.09 6.30 3.72
N GLU A 68 3.48 7.48 3.60
CA GLU A 68 2.49 7.91 4.57
C GLU A 68 1.10 7.41 4.18
N VAL A 69 0.39 6.85 5.15
CA VAL A 69 -0.96 6.36 4.90
C VAL A 69 -1.98 7.45 5.21
N LEU A 70 -2.73 7.85 4.19
CA LEU A 70 -3.73 8.89 4.34
C LEU A 70 -5.15 8.33 4.31
N ALA A 71 -5.26 7.03 4.05
CA ALA A 71 -6.56 6.36 4.00
C ALA A 71 -6.76 5.50 5.25
N PRO A 72 -7.91 5.64 5.92
CA PRO A 72 -8.21 4.88 7.13
C PRO A 72 -8.67 3.45 6.85
N PRO A 73 -8.56 2.57 7.85
CA PRO A 73 -8.95 1.17 7.73
C PRO A 73 -10.37 1.00 7.18
N PRO A 74 -10.68 -0.19 6.62
CA PRO A 74 -12.01 -0.47 6.07
C PRO A 74 -13.11 -0.37 7.11
N PHE A 75 -13.18 -1.36 7.99
CA PHE A 75 -14.20 -1.37 9.04
C PHE A 75 -13.55 -1.47 10.41
N ASP A 76 -12.58 -2.37 10.55
CA ASP A 76 -11.88 -2.56 11.80
C ASP A 76 -10.47 -1.96 11.75
N HIS A 7 -12.80 -4.70 -13.09
CA HIS A 7 -13.03 -3.23 -13.13
C HIS A 7 -11.90 -2.49 -12.41
N GLY A 8 -11.55 -2.96 -11.21
CA GLY A 8 -10.49 -2.33 -10.45
C GLY A 8 -9.21 -3.14 -10.46
N ALA A 9 -9.35 -4.45 -10.40
CA ALA A 9 -8.19 -5.34 -10.40
C ALA A 9 -7.40 -5.22 -11.71
N GLU A 10 -8.09 -4.80 -12.77
CA GLU A 10 -7.45 -4.65 -14.08
C GLU A 10 -6.25 -3.73 -14.00
N GLU A 11 -6.33 -2.74 -13.12
CA GLU A 11 -5.24 -1.77 -12.94
C GLU A 11 -4.58 -1.94 -11.57
N LEU A 12 -5.39 -2.28 -10.58
CA LEU A 12 -4.89 -2.47 -9.22
C LEU A 12 -4.30 -3.87 -9.05
N ASP A 13 -3.39 -4.01 -8.08
CA ASP A 13 -2.76 -5.29 -7.80
C ASP A 13 -3.74 -6.21 -7.07
N PRO A 14 -3.68 -7.53 -7.33
CA PRO A 14 -4.57 -8.50 -6.69
C PRO A 14 -4.56 -8.39 -5.17
N LEU A 15 -3.46 -7.86 -4.62
CA LEU A 15 -3.33 -7.70 -3.19
C LEU A 15 -3.58 -6.26 -2.74
N PHE A 16 -3.84 -5.38 -3.69
CA PHE A 16 -4.06 -3.97 -3.37
C PHE A 16 -5.03 -3.78 -2.22
N ASP A 17 -6.23 -4.33 -2.34
CA ASP A 17 -7.24 -4.18 -1.31
C ASP A 17 -6.69 -4.60 0.06
N GLN A 18 -5.94 -5.69 0.07
CA GLN A 18 -5.35 -6.17 1.30
C GLN A 18 -4.24 -5.23 1.76
N ALA A 19 -3.49 -4.70 0.80
CA ALA A 19 -2.40 -3.77 1.08
C ALA A 19 -2.95 -2.47 1.67
N VAL A 20 -4.04 -1.99 1.10
CA VAL A 20 -4.67 -0.77 1.60
C VAL A 20 -5.12 -0.99 3.04
N GLN A 21 -5.80 -2.10 3.27
CA GLN A 21 -6.26 -2.44 4.61
C GLN A 21 -5.06 -2.64 5.54
N PHE A 22 -3.97 -3.14 4.96
CA PHE A 22 -2.75 -3.38 5.71
C PHE A 22 -2.13 -2.05 6.17
N VAL A 23 -1.96 -1.13 5.22
CA VAL A 23 -1.38 0.17 5.51
C VAL A 23 -2.31 0.99 6.38
N THR A 24 -3.61 0.88 6.13
CA THR A 24 -4.61 1.61 6.89
C THR A 24 -4.69 1.06 8.31
N GLU A 25 -4.79 -0.25 8.43
CA GLU A 25 -4.87 -0.89 9.73
C GLU A 25 -3.61 -0.59 10.55
N LYS A 26 -2.48 -0.49 9.86
CA LYS A 26 -1.22 -0.18 10.52
C LYS A 26 -0.93 1.31 10.48
N ARG A 27 -1.76 2.07 9.77
CA ARG A 27 -1.58 3.51 9.66
C ARG A 27 -0.20 3.83 9.06
N LYS A 28 0.42 2.83 8.45
CA LYS A 28 1.73 3.00 7.84
C LYS A 28 1.86 2.15 6.59
N ALA A 29 2.37 2.76 5.52
CA ALA A 29 2.55 2.04 4.25
C ALA A 29 4.02 1.88 3.93
N SER A 30 4.49 0.63 3.89
CA SER A 30 5.90 0.37 3.58
C SER A 30 6.04 -0.72 2.53
N ILE A 31 6.97 -0.52 1.60
CA ILE A 31 7.21 -1.48 0.54
C ILE A 31 7.82 -2.75 1.13
N SER A 32 8.71 -2.57 2.11
CA SER A 32 9.35 -3.69 2.77
C SER A 32 8.34 -4.44 3.62
N GLY A 33 7.51 -3.69 4.34
CA GLY A 33 6.48 -4.29 5.16
C GLY A 33 5.52 -5.12 4.35
N VAL A 34 5.00 -4.54 3.28
CA VAL A 34 4.07 -5.24 2.40
C VAL A 34 4.77 -6.40 1.71
N GLN A 35 6.06 -6.26 1.48
CA GLN A 35 6.83 -7.32 0.83
C GLN A 35 6.78 -8.59 1.66
N ARG A 36 7.13 -8.44 2.94
CA ARG A 36 7.13 -9.57 3.87
C ARG A 36 5.72 -9.95 4.31
N GLN A 37 4.84 -8.96 4.45
CA GLN A 37 3.47 -9.23 4.89
C GLN A 37 2.64 -9.86 3.77
N PHE A 38 2.91 -9.46 2.53
CA PHE A 38 2.18 -9.97 1.39
C PHE A 38 3.00 -11.00 0.61
N ARG A 39 4.26 -11.18 0.99
CA ARG A 39 5.13 -12.14 0.32
C ARG A 39 5.17 -11.84 -1.17
N ILE A 40 5.46 -10.58 -1.50
CA ILE A 40 5.51 -10.15 -2.89
C ILE A 40 6.83 -9.45 -3.21
N GLY A 41 7.27 -9.57 -4.46
CA GLY A 41 8.51 -8.92 -4.85
C GLY A 41 8.48 -7.43 -4.61
N TYR A 42 9.63 -6.86 -4.29
CA TYR A 42 9.73 -5.42 -4.03
C TYR A 42 8.96 -4.61 -5.06
N ASN A 43 9.21 -4.91 -6.33
CA ASN A 43 8.54 -4.20 -7.42
C ASN A 43 7.03 -4.17 -7.21
N ARG A 44 6.47 -5.31 -6.80
CA ARG A 44 5.04 -5.41 -6.56
C ARG A 44 4.64 -4.51 -5.39
N ALA A 45 5.40 -4.61 -4.29
CA ALA A 45 5.12 -3.80 -3.11
C ALA A 45 5.05 -2.32 -3.48
N ALA A 46 6.06 -1.85 -4.20
CA ALA A 46 6.11 -0.47 -4.62
C ALA A 46 4.96 -0.17 -5.58
N ARG A 47 4.55 -1.20 -6.32
CA ARG A 47 3.45 -1.07 -7.27
C ARG A 47 2.13 -0.86 -6.52
N ILE A 48 1.87 -1.72 -5.54
CA ILE A 48 0.65 -1.62 -4.75
C ILE A 48 0.62 -0.27 -4.03
N ILE A 49 1.77 0.11 -3.49
CA ILE A 49 1.90 1.38 -2.79
C ILE A 49 1.78 2.53 -3.78
N GLU A 50 2.31 2.31 -4.98
CA GLU A 50 2.25 3.31 -6.03
C GLU A 50 0.79 3.62 -6.37
N GLN A 51 0.03 2.56 -6.64
CA GLN A 51 -1.38 2.71 -6.93
C GLN A 51 -2.08 3.38 -5.76
N MET A 52 -1.65 3.02 -4.55
CA MET A 52 -2.21 3.61 -3.34
C MET A 52 -2.05 5.12 -3.39
N GLU A 53 -0.91 5.56 -3.93
CA GLU A 53 -0.65 6.98 -4.08
C GLU A 53 -1.57 7.56 -5.15
N ALA A 54 -1.88 6.73 -6.14
CA ALA A 54 -2.77 7.12 -7.23
C ALA A 54 -4.22 7.19 -6.77
N GLN A 55 -4.56 6.38 -5.78
CA GLN A 55 -5.93 6.33 -5.26
C GLN A 55 -6.14 7.34 -4.12
N GLY A 56 -5.04 7.76 -3.50
CA GLY A 56 -5.14 8.70 -2.39
C GLY A 56 -4.97 8.03 -1.05
N ILE A 57 -4.48 6.80 -1.09
CA ILE A 57 -4.26 6.00 0.11
C ILE A 57 -2.90 6.32 0.74
N VAL A 58 -1.91 6.59 -0.10
CA VAL A 58 -0.58 6.90 0.42
C VAL A 58 -0.09 8.27 -0.05
N SER A 59 0.83 8.86 0.70
CA SER A 59 1.37 10.17 0.39
C SER A 59 2.81 10.06 -0.08
N GLU A 60 3.43 11.20 -0.37
CA GLU A 60 4.81 11.23 -0.83
C GLU A 60 5.76 10.75 0.27
N GLN A 61 6.65 9.85 -0.10
CA GLN A 61 7.62 9.28 0.84
C GLN A 61 8.62 10.35 1.28
N GLY A 62 9.22 10.15 2.46
CA GLY A 62 10.18 11.09 2.97
C GLY A 62 11.47 10.43 3.42
N HIS A 63 11.36 9.49 4.34
CA HIS A 63 12.52 8.77 4.85
C HIS A 63 13.16 7.90 3.76
N ASN A 64 12.95 6.60 3.81
CA ASN A 64 13.51 5.69 2.81
C ASN A 64 12.50 4.63 2.39
N GLY A 65 11.73 4.93 1.35
CA GLY A 65 10.74 3.98 0.87
C GLY A 65 9.48 3.97 1.73
N ASN A 66 9.44 4.81 2.75
CA ASN A 66 8.28 4.88 3.63
C ASN A 66 7.23 5.83 3.09
N ARG A 67 6.02 5.32 2.88
CA ARG A 67 4.92 6.13 2.37
C ARG A 67 3.91 6.41 3.47
N GLU A 68 3.38 7.62 3.51
CA GLU A 68 2.42 8.00 4.53
C GLU A 68 1.02 7.49 4.17
N VAL A 69 0.35 6.88 5.15
CA VAL A 69 -0.99 6.38 4.91
C VAL A 69 -2.01 7.46 5.22
N LEU A 70 -2.77 7.85 4.22
CA LEU A 70 -3.77 8.89 4.37
C LEU A 70 -5.18 8.31 4.40
N ALA A 71 -5.32 7.05 4.01
CA ALA A 71 -6.61 6.37 4.02
C ALA A 71 -6.77 5.54 5.29
N PRO A 72 -7.92 5.66 5.97
CA PRO A 72 -8.18 4.93 7.21
C PRO A 72 -8.63 3.49 6.97
N PRO A 73 -8.47 2.62 7.99
CA PRO A 73 -8.86 1.21 7.90
C PRO A 73 -10.30 1.03 7.43
N PRO A 74 -10.64 -0.18 6.95
CA PRO A 74 -11.99 -0.49 6.47
C PRO A 74 -12.99 -0.68 7.61
N PHE A 75 -12.52 -1.26 8.70
CA PHE A 75 -13.35 -1.51 9.86
C PHE A 75 -13.88 -0.19 10.43
N ASP A 76 -13.06 0.86 10.34
CA ASP A 76 -13.44 2.17 10.84
C ASP A 76 -12.96 3.27 9.91
N HIS A 7 -11.86 -1.18 -6.33
CA HIS A 7 -11.75 -0.03 -7.28
C HIS A 7 -11.55 -0.52 -8.71
N GLY A 8 -10.76 -1.58 -8.87
CA GLY A 8 -10.50 -2.12 -10.18
C GLY A 8 -9.31 -3.06 -10.20
N ALA A 9 -9.57 -4.36 -10.20
CA ALA A 9 -8.51 -5.36 -10.22
C ALA A 9 -7.77 -5.37 -11.55
N GLU A 10 -8.49 -4.98 -12.62
CA GLU A 10 -7.91 -4.94 -13.96
C GLU A 10 -6.65 -4.08 -13.99
N GLU A 11 -6.61 -3.08 -13.12
CA GLU A 11 -5.45 -2.17 -13.05
C GLU A 11 -4.72 -2.34 -11.73
N LEU A 12 -5.49 -2.40 -10.64
CA LEU A 12 -4.91 -2.56 -9.31
C LEU A 12 -4.34 -3.96 -9.12
N ASP A 13 -3.42 -4.09 -8.18
CA ASP A 13 -2.81 -5.37 -7.89
C ASP A 13 -3.78 -6.26 -7.12
N PRO A 14 -3.76 -7.57 -7.38
CA PRO A 14 -4.66 -8.52 -6.70
C PRO A 14 -4.59 -8.38 -5.18
N LEU A 15 -3.49 -7.84 -4.68
CA LEU A 15 -3.30 -7.65 -3.24
C LEU A 15 -3.52 -6.22 -2.81
N PHE A 16 -3.73 -5.31 -3.77
CA PHE A 16 -3.92 -3.90 -3.44
C PHE A 16 -4.91 -3.71 -2.31
N ASP A 17 -6.11 -4.26 -2.46
CA ASP A 17 -7.14 -4.12 -1.44
C ASP A 17 -6.59 -4.55 -0.08
N GLN A 18 -5.83 -5.64 -0.07
CA GLN A 18 -5.24 -6.14 1.15
C GLN A 18 -4.18 -5.17 1.66
N ALA A 19 -3.37 -4.65 0.73
CA ALA A 19 -2.32 -3.70 1.07
C ALA A 19 -2.90 -2.43 1.65
N VAL A 20 -4.03 -1.99 1.11
CA VAL A 20 -4.69 -0.79 1.60
C VAL A 20 -5.12 -1.02 3.05
N GLN A 21 -5.82 -2.14 3.27
CA GLN A 21 -6.27 -2.49 4.61
C GLN A 21 -5.07 -2.69 5.52
N PHE A 22 -3.96 -3.15 4.94
CA PHE A 22 -2.73 -3.38 5.69
C PHE A 22 -2.13 -2.05 6.14
N VAL A 23 -1.99 -1.13 5.21
CA VAL A 23 -1.41 0.18 5.51
C VAL A 23 -2.36 1.01 6.38
N THR A 24 -3.65 0.88 6.11
CA THR A 24 -4.66 1.61 6.87
C THR A 24 -4.75 1.06 8.28
N GLU A 25 -4.88 -0.25 8.40
CA GLU A 25 -4.95 -0.90 9.71
C GLU A 25 -3.69 -0.61 10.51
N LYS A 26 -2.56 -0.54 9.82
CA LYS A 26 -1.28 -0.26 10.48
C LYS A 26 -1.00 1.23 10.48
N ARG A 27 -1.82 2.00 9.77
CA ARG A 27 -1.63 3.45 9.68
C ARG A 27 -0.24 3.77 9.12
N LYS A 28 0.38 2.78 8.48
CA LYS A 28 1.71 2.94 7.90
C LYS A 28 1.84 2.13 6.63
N ALA A 29 2.35 2.75 5.57
CA ALA A 29 2.53 2.06 4.31
C ALA A 29 4.02 1.91 3.98
N SER A 30 4.49 0.66 3.91
CA SER A 30 5.89 0.41 3.61
C SER A 30 6.03 -0.66 2.53
N ILE A 31 6.98 -0.45 1.63
CA ILE A 31 7.23 -1.40 0.55
C ILE A 31 7.81 -2.69 1.10
N SER A 32 8.75 -2.56 2.04
CA SER A 32 9.37 -3.72 2.66
C SER A 32 8.36 -4.46 3.52
N GLY A 33 7.53 -3.69 4.23
CA GLY A 33 6.51 -4.29 5.08
C GLY A 33 5.54 -5.11 4.27
N VAL A 34 4.99 -4.52 3.21
CA VAL A 34 4.04 -5.22 2.35
C VAL A 34 4.74 -6.39 1.67
N GLN A 35 6.03 -6.25 1.41
CA GLN A 35 6.80 -7.29 0.77
C GLN A 35 6.74 -8.57 1.60
N ARG A 36 7.09 -8.44 2.87
CA ARG A 36 7.09 -9.56 3.80
C ARG A 36 5.69 -9.96 4.24
N GLN A 37 4.80 -8.98 4.40
CA GLN A 37 3.43 -9.25 4.84
C GLN A 37 2.60 -9.87 3.72
N PHE A 38 2.87 -9.45 2.48
CA PHE A 38 2.13 -9.95 1.33
C PHE A 38 2.93 -10.99 0.55
N ARG A 39 4.20 -11.16 0.91
CA ARG A 39 5.06 -12.13 0.23
C ARG A 39 5.13 -11.83 -1.27
N ILE A 40 5.46 -10.57 -1.58
CA ILE A 40 5.55 -10.14 -2.97
C ILE A 40 6.88 -9.42 -3.22
N GLY A 41 7.38 -9.54 -4.44
CA GLY A 41 8.65 -8.88 -4.78
C GLY A 41 8.59 -7.40 -4.50
N TYR A 42 9.75 -6.81 -4.18
CA TYR A 42 9.83 -5.39 -3.86
C TYR A 42 9.09 -4.56 -4.90
N ASN A 43 9.39 -4.79 -6.18
CA ASN A 43 8.76 -4.05 -7.27
C ASN A 43 7.24 -4.09 -7.12
N ARG A 44 6.71 -5.24 -6.69
CA ARG A 44 5.28 -5.40 -6.50
C ARG A 44 4.81 -4.51 -5.35
N ALA A 45 5.52 -4.60 -4.21
CA ALA A 45 5.18 -3.80 -3.05
C ALA A 45 5.13 -2.33 -3.40
N ALA A 46 6.15 -1.87 -4.14
CA ALA A 46 6.22 -0.49 -4.56
C ALA A 46 5.10 -0.19 -5.55
N ARG A 47 4.70 -1.21 -6.30
CA ARG A 47 3.62 -1.07 -7.27
C ARG A 47 2.30 -0.85 -6.57
N ILE A 48 2.02 -1.71 -5.58
CA ILE A 48 0.78 -1.60 -4.80
C ILE A 48 0.75 -0.26 -4.09
N ILE A 49 1.87 0.10 -3.48
CA ILE A 49 1.99 1.36 -2.78
C ILE A 49 1.91 2.52 -3.76
N GLU A 50 2.41 2.29 -4.97
CA GLU A 50 2.38 3.30 -6.02
C GLU A 50 0.92 3.62 -6.35
N GLN A 51 0.15 2.59 -6.62
CA GLN A 51 -1.26 2.76 -6.92
C GLN A 51 -1.96 3.40 -5.74
N MET A 52 -1.48 3.10 -4.53
CA MET A 52 -2.04 3.69 -3.32
C MET A 52 -1.87 5.21 -3.39
N GLU A 53 -0.73 5.63 -3.90
CA GLU A 53 -0.45 7.05 -4.06
C GLU A 53 -1.38 7.63 -5.11
N ALA A 54 -1.71 6.81 -6.11
CA ALA A 54 -2.60 7.22 -7.18
C ALA A 54 -4.05 7.33 -6.71
N GLN A 55 -4.48 6.36 -5.90
CA GLN A 55 -5.85 6.33 -5.39
C GLN A 55 -6.05 7.34 -4.26
N GLY A 56 -4.95 7.76 -3.62
CA GLY A 56 -5.05 8.71 -2.54
C GLY A 56 -4.95 8.03 -1.18
N ILE A 57 -4.46 6.80 -1.20
CA ILE A 57 -4.29 6.00 0.00
C ILE A 57 -2.99 6.34 0.72
N VAL A 58 -1.95 6.60 -0.06
CA VAL A 58 -0.65 6.93 0.51
C VAL A 58 -0.17 8.30 0.04
N SER A 59 0.76 8.89 0.80
CA SER A 59 1.31 10.20 0.47
C SER A 59 2.73 10.08 -0.05
N GLU A 60 3.35 11.22 -0.33
CA GLU A 60 4.72 11.24 -0.84
C GLU A 60 5.68 10.73 0.23
N GLN A 61 6.54 9.80 -0.17
CA GLN A 61 7.51 9.22 0.75
C GLN A 61 8.56 10.23 1.18
N GLY A 62 8.79 10.31 2.48
CA GLY A 62 9.78 11.24 3.01
C GLY A 62 11.05 10.54 3.43
N HIS A 63 10.90 9.33 3.97
CA HIS A 63 12.05 8.55 4.41
C HIS A 63 12.50 7.60 3.29
N ASN A 64 13.22 6.54 3.67
CA ASN A 64 13.70 5.58 2.69
C ASN A 64 12.64 4.51 2.41
N GLY A 65 11.83 4.75 1.38
CA GLY A 65 10.79 3.80 1.02
C GLY A 65 9.58 3.84 1.94
N ASN A 66 9.50 4.84 2.80
CA ASN A 66 8.37 4.96 3.72
C ASN A 66 7.27 5.84 3.14
N ARG A 67 6.08 5.28 3.02
CA ARG A 67 4.94 6.00 2.49
C ARG A 67 3.95 6.33 3.60
N GLU A 68 3.38 7.53 3.57
CA GLU A 68 2.42 7.94 4.59
C GLU A 68 1.03 7.44 4.25
N VAL A 69 0.35 6.85 5.23
CA VAL A 69 -1.01 6.36 5.00
C VAL A 69 -2.02 7.44 5.29
N LEU A 70 -2.79 7.81 4.29
CA LEU A 70 -3.80 8.85 4.43
C LEU A 70 -5.20 8.24 4.44
N ALA A 71 -5.33 7.03 3.93
CA ALA A 71 -6.60 6.33 3.90
C ALA A 71 -6.78 5.51 5.18
N PRO A 72 -7.94 5.66 5.85
CA PRO A 72 -8.21 4.94 7.09
C PRO A 72 -8.69 3.51 6.86
N PRO A 73 -8.55 2.65 7.89
CA PRO A 73 -8.95 1.24 7.83
C PRO A 73 -10.40 1.08 7.37
N PRO A 74 -10.79 -0.14 6.95
CA PRO A 74 -12.15 -0.42 6.49
C PRO A 74 -13.17 -0.36 7.62
N PHE A 75 -12.74 -0.79 8.81
CA PHE A 75 -13.61 -0.80 9.97
C PHE A 75 -12.92 -0.12 11.16
N ASP A 76 -11.90 -0.78 11.68
CA ASP A 76 -11.14 -0.25 12.82
C ASP A 76 -9.92 0.52 12.35
N HIS A 7 -13.40 -3.72 -13.56
CA HIS A 7 -12.83 -4.85 -12.77
C HIS A 7 -11.97 -4.33 -11.62
N GLY A 8 -11.09 -3.38 -11.93
CA GLY A 8 -10.22 -2.81 -10.91
C GLY A 8 -8.83 -3.43 -10.92
N ALA A 9 -8.78 -4.75 -11.03
CA ALA A 9 -7.51 -5.46 -11.06
C ALA A 9 -6.67 -5.06 -12.27
N GLU A 10 -7.33 -4.57 -13.31
CA GLU A 10 -6.64 -4.14 -14.52
C GLU A 10 -5.56 -3.11 -14.22
N GLU A 11 -5.82 -2.26 -13.23
CA GLU A 11 -4.87 -1.23 -12.84
C GLU A 11 -4.35 -1.48 -11.43
N LEU A 12 -5.20 -2.01 -10.57
CA LEU A 12 -4.82 -2.30 -9.19
C LEU A 12 -4.23 -3.71 -9.07
N ASP A 13 -3.49 -3.92 -7.99
CA ASP A 13 -2.87 -5.22 -7.73
C ASP A 13 -3.85 -6.14 -7.01
N PRO A 14 -3.81 -7.46 -7.30
CA PRO A 14 -4.71 -8.42 -6.67
C PRO A 14 -4.69 -8.34 -5.14
N LEU A 15 -3.59 -7.83 -4.60
CA LEU A 15 -3.43 -7.70 -3.15
C LEU A 15 -3.67 -6.28 -2.68
N PHE A 16 -3.94 -5.37 -3.62
CA PHE A 16 -4.14 -3.96 -3.28
C PHE A 16 -5.09 -3.78 -2.11
N ASP A 17 -6.30 -4.31 -2.24
CA ASP A 17 -7.29 -4.18 -1.17
C ASP A 17 -6.71 -4.64 0.16
N GLN A 18 -5.96 -5.73 0.12
CA GLN A 18 -5.33 -6.26 1.31
C GLN A 18 -4.26 -5.29 1.81
N ALA A 19 -3.49 -4.74 0.88
CA ALA A 19 -2.43 -3.80 1.21
C ALA A 19 -2.99 -2.52 1.81
N VAL A 20 -4.09 -2.03 1.24
CA VAL A 20 -4.72 -0.83 1.74
C VAL A 20 -5.16 -1.05 3.18
N GLN A 21 -5.82 -2.18 3.42
CA GLN A 21 -6.27 -2.52 4.76
C GLN A 21 -5.07 -2.72 5.67
N PHE A 22 -3.99 -3.23 5.09
CA PHE A 22 -2.75 -3.47 5.83
C PHE A 22 -2.14 -2.15 6.30
N VAL A 23 -2.00 -1.21 5.36
CA VAL A 23 -1.43 0.09 5.67
C VAL A 23 -2.36 0.92 6.54
N THR A 24 -3.65 0.86 6.25
CA THR A 24 -4.65 1.59 7.03
C THR A 24 -4.75 1.03 8.43
N GLU A 25 -4.89 -0.29 8.54
CA GLU A 25 -4.98 -0.94 9.83
C GLU A 25 -3.73 -0.67 10.65
N LYS A 26 -2.59 -0.62 9.98
CA LYS A 26 -1.32 -0.36 10.64
C LYS A 26 -0.99 1.14 10.65
N ARG A 27 -1.82 1.93 9.96
CA ARG A 27 -1.60 3.37 9.88
C ARG A 27 -0.22 3.68 9.29
N LYS A 28 0.38 2.68 8.63
CA LYS A 28 1.70 2.86 8.03
C LYS A 28 1.81 2.05 6.73
N ALA A 29 2.34 2.66 5.69
CA ALA A 29 2.51 1.98 4.41
C ALA A 29 3.98 1.84 4.07
N SER A 30 4.46 0.60 3.98
CA SER A 30 5.85 0.34 3.65
C SER A 30 5.98 -0.73 2.59
N ILE A 31 6.92 -0.52 1.67
CA ILE A 31 7.15 -1.49 0.60
C ILE A 31 7.74 -2.77 1.16
N SER A 32 8.67 -2.63 2.10
CA SER A 32 9.30 -3.76 2.74
C SER A 32 8.28 -4.53 3.58
N GLY A 33 7.46 -3.78 4.32
CA GLY A 33 6.45 -4.39 5.15
C GLY A 33 5.48 -5.22 4.33
N VAL A 34 4.96 -4.62 3.25
CA VAL A 34 4.03 -5.32 2.38
C VAL A 34 4.71 -6.49 1.68
N GLN A 35 6.00 -6.35 1.43
CA GLN A 35 6.76 -7.41 0.78
C GLN A 35 6.71 -8.68 1.62
N ARG A 36 7.04 -8.52 2.90
CA ARG A 36 7.05 -9.64 3.85
C ARG A 36 5.63 -10.04 4.28
N GLN A 37 4.74 -9.06 4.43
CA GLN A 37 3.38 -9.35 4.87
C GLN A 37 2.55 -9.97 3.75
N PHE A 38 2.80 -9.54 2.52
CA PHE A 38 2.07 -10.03 1.36
C PHE A 38 2.90 -11.03 0.57
N ARG A 39 4.17 -11.20 0.93
CA ARG A 39 5.05 -12.13 0.25
C ARG A 39 5.08 -11.83 -1.24
N ILE A 40 5.42 -10.59 -1.57
CA ILE A 40 5.48 -10.15 -2.95
C ILE A 40 6.78 -9.41 -3.25
N GLY A 41 7.26 -9.56 -4.48
CA GLY A 41 8.48 -8.88 -4.88
C GLY A 41 8.44 -7.39 -4.60
N TYR A 42 9.60 -6.80 -4.32
CA TYR A 42 9.68 -5.38 -4.02
C TYR A 42 8.90 -4.56 -5.04
N ASN A 43 9.16 -4.80 -6.32
CA ASN A 43 8.49 -4.07 -7.39
C ASN A 43 6.98 -4.10 -7.19
N ARG A 44 6.48 -5.26 -6.75
CA ARG A 44 5.05 -5.41 -6.50
C ARG A 44 4.62 -4.53 -5.34
N ALA A 45 5.36 -4.61 -4.23
CA ALA A 45 5.05 -3.80 -3.05
C ALA A 45 4.98 -2.34 -3.42
N ALA A 46 6.00 -1.86 -4.12
CA ALA A 46 6.04 -0.47 -4.56
C ALA A 46 4.88 -0.19 -5.51
N ARG A 47 4.47 -1.21 -6.25
CA ARG A 47 3.36 -1.09 -7.19
C ARG A 47 2.05 -0.88 -6.45
N ILE A 48 1.79 -1.74 -5.46
CA ILE A 48 0.59 -1.65 -4.66
C ILE A 48 0.55 -0.31 -3.94
N ILE A 49 1.70 0.07 -3.39
CA ILE A 49 1.83 1.34 -2.68
C ILE A 49 1.72 2.50 -3.67
N GLU A 50 2.22 2.27 -4.88
CA GLU A 50 2.16 3.28 -5.93
C GLU A 50 0.71 3.61 -6.24
N GLN A 51 -0.07 2.56 -6.50
CA GLN A 51 -1.48 2.72 -6.77
C GLN A 51 -2.16 3.39 -5.59
N MET A 52 -1.70 3.02 -4.38
CA MET A 52 -2.23 3.61 -3.15
C MET A 52 -2.07 5.13 -3.22
N GLU A 53 -0.95 5.56 -3.76
CA GLU A 53 -0.69 6.99 -3.90
C GLU A 53 -1.62 7.57 -4.95
N ALA A 54 -1.95 6.74 -5.95
CA ALA A 54 -2.84 7.15 -7.03
C ALA A 54 -4.29 7.24 -6.55
N GLN A 55 -4.63 6.41 -5.57
CA GLN A 55 -5.99 6.38 -5.03
C GLN A 55 -6.18 7.37 -3.88
N GLY A 56 -5.08 7.79 -3.27
CA GLY A 56 -5.16 8.72 -2.16
C GLY A 56 -4.96 8.04 -0.82
N ILE A 57 -4.48 6.81 -0.88
CA ILE A 57 -4.23 6.00 0.30
C ILE A 57 -2.88 6.34 0.92
N VAL A 58 -1.88 6.57 0.07
CA VAL A 58 -0.55 6.89 0.56
C VAL A 58 -0.10 8.26 0.07
N SER A 59 0.82 8.89 0.80
CA SER A 59 1.32 10.21 0.44
C SER A 59 2.63 10.12 -0.34
N GLU A 60 3.17 11.28 -0.71
CA GLU A 60 4.41 11.33 -1.45
C GLU A 60 5.56 10.83 -0.60
N GLN A 61 6.39 9.99 -1.20
CA GLN A 61 7.54 9.42 -0.50
C GLN A 61 8.57 10.49 -0.17
N GLY A 62 9.12 10.41 1.03
CA GLY A 62 10.12 11.37 1.45
C GLY A 62 11.28 10.70 2.17
N HIS A 63 10.95 9.79 3.09
CA HIS A 63 11.97 9.07 3.84
C HIS A 63 12.57 7.97 2.97
N ASN A 64 13.14 6.94 3.60
CA ASN A 64 13.75 5.85 2.85
C ASN A 64 12.82 4.64 2.81
N GLY A 65 12.00 4.57 1.77
CA GLY A 65 11.09 3.44 1.62
C GLY A 65 9.86 3.54 2.50
N ASN A 66 9.66 4.69 3.14
CA ASN A 66 8.51 4.88 4.02
C ASN A 66 7.43 5.74 3.36
N ARG A 67 6.23 5.19 3.24
CA ARG A 67 5.10 5.91 2.66
C ARG A 67 4.09 6.28 3.74
N GLU A 68 3.53 7.48 3.64
CA GLU A 68 2.56 7.94 4.64
C GLU A 68 1.17 7.45 4.28
N VAL A 69 0.47 6.90 5.27
CA VAL A 69 -0.88 6.41 5.07
C VAL A 69 -1.90 7.49 5.41
N LEU A 70 -2.68 7.89 4.42
CA LEU A 70 -3.68 8.93 4.60
C LEU A 70 -5.09 8.36 4.60
N ALA A 71 -5.22 7.10 4.16
CA ALA A 71 -6.51 6.44 4.13
C ALA A 71 -6.71 5.60 5.38
N PRO A 72 -7.87 5.74 6.07
CA PRO A 72 -8.14 5.00 7.30
C PRO A 72 -8.62 3.58 7.04
N PRO A 73 -8.50 2.70 8.05
CA PRO A 73 -8.90 1.30 7.94
C PRO A 73 -10.34 1.14 7.43
N PRO A 74 -10.67 -0.06 6.90
CA PRO A 74 -12.01 -0.34 6.38
C PRO A 74 -13.03 -0.56 7.49
N PHE A 75 -12.59 -1.19 8.57
CA PHE A 75 -13.47 -1.46 9.70
C PHE A 75 -12.92 -0.81 10.97
N ASP A 76 -12.18 0.28 10.81
CA ASP A 76 -11.61 1.01 11.94
C ASP A 76 -10.71 0.09 12.76
#